data_8CWJ
#
_entry.id   8CWJ
#
_cell.length_a   157.433
_cell.length_b   144.097
_cell.length_c   168.842
_cell.angle_alpha   90.000
_cell.angle_beta   117.510
_cell.angle_gamma   90.000
#
_symmetry.space_group_name_H-M   'C 1 2 1'
#
loop_
_entity.id
_entity.type
_entity.pdbx_description
1 polymer 'Heavy chain of CR3022 antibody Fab'
2 polymer 'Light chain of CR3022 antibody Fab'
3 polymer 'Spike glycoprotein'
4 polymer 'Heavy chain of 4C12-B12 antibody Fab'
5 polymer 'Light chain of 4C12-B12 antibody Fab'
6 branched 2-acetamido-2-deoxy-beta-D-glucopyranose-(1-4)-[alpha-L-fucopyranose-(1-6)]2-acetamido-2-deoxy-beta-D-glucopyranose
7 non-polymer GLYCEROL
8 non-polymer 2-acetamido-2-deoxy-beta-D-glucopyranose
9 non-polymer 'CHLORIDE ION'
10 water water
#
loop_
_entity_poly.entity_id
_entity_poly.type
_entity_poly.pdbx_seq_one_letter_code
_entity_poly.pdbx_strand_id
1 'polypeptide(L)'
;QMQLVQSGTEVKKPGESLKISCKGSGYGFITYWIGWVRQMPGKGLEWMGIIYPGDSETRYSPSFQGQVTISADKSINTAY
LQWSSLKASDTAIYYCAGGSGISTPMDVWGQGTTVTVSSASTKGPSVFPLAPSSKSTSGGTAALGCLVKDYFPEPVTVSW
NSGALTSGVHTFPAVLQSSGLYSLSSVVTVPSSSLGTQTYICNVNHKPSNTKVDKKVEPKSCGSHHHHHH
;
H,A
2 'polypeptide(L)'
;DIQLTQSPDSLAVSLGERATINCKSSQSVLYSSINKNYLAWYQQKPGQPPKLLIYWASTRESGVPDRFSGSGSGTDFTLT
ISSLQAEDVAVYYCQQYYSTPYTFGQGTKVEIKRTVAAPSVFIFPPSDEQLKSGTASVVCLLNNFYPREAKVQWKVDNAL
QSGNSQESVTEQDSKDSTYSLSSTLTLSKADYEKHKVYACEVTHQGLSSPVTKSFNRGEC
;
L,B
3 'polypeptide(L)'
;TNLCPFGEVFNATTFASVYAWNRKRISNCVADYSVLYNSTSFSTFKCYGVSPTKLNDLCFTNVYADSFVVRGDEVRQIAP
GQTGRIAGYNYKLPDDFTGCVIAWNSNNLDSKVGGNYNYLYRLFRKSNLKPFERDISTEIYQAGSTPCNGVEGFNCYFPL
QSYGFHPTNGVGYQPYRVVVLSFELLNAPATVCGPKGSHHHHHH
;
G,I
4 'polypeptide(L)'
;EVQLLESGGGLVQPGGSLRLSCAASGFRISDEDMGWVRQAPGKGLEWVSYIDNAGASTYYADSVKGRFTISRDNSKNTLY
LQMNSLRAEDTAVYYCAKSHYANPSFDYWGQGTLVTVSSASTKGPSVFPLAPSSKSTSGGTAALGCLVKDYFPEPVTVSW
NSGALTSGVHTFPAVLQSSGLYSLSSVVTVPSSSLGTQTYICNVNHKPSNTKVDKKVEPKSCGSHHHHHH
;
J,U
5 'polypeptide(L)'
;DIQMTQSPSSLSASVGDRVTITCRASQDIADYLNWYQQKPGKAPKLLIYYASNLQSGVPSRFSGSGSGTDFTLTISSLQP
EDFATYYCQQGLGMPITFGQGTKVEIKRTVAAPSVFIFPPSDEQLKSGTASVVCLLNNFYPREAKVQWKVDNALQSGNSQ
ESVTEQDSKDSTYSLSSTLTLSKADYEKHKVYACEVTHQGLSSPVTKSFNRGECS
;
K,V
#
loop_
_chem_comp.id
_chem_comp.type
_chem_comp.name
_chem_comp.formula
CL non-polymer 'CHLORIDE ION' 'Cl -1'
FUC L-saccharide, alpha linking alpha-L-fucopyranose 'C6 H12 O5'
GOL non-polymer GLYCEROL 'C3 H8 O3'
NAG D-saccharide, beta linking 2-acetamido-2-deoxy-beta-D-glucopyranose 'C8 H15 N O6'
#
# COMPACT_ATOMS: atom_id res chain seq x y z
N GLN A 1 -10.76 -22.59 28.63
CA GLN A 1 -9.64 -21.65 28.58
C GLN A 1 -8.67 -22.02 27.46
N MET A 2 -7.38 -21.85 27.73
CA MET A 2 -6.33 -22.07 26.74
C MET A 2 -5.12 -22.69 27.43
N GLN A 3 -4.47 -23.62 26.73
CA GLN A 3 -3.28 -24.29 27.23
C GLN A 3 -2.18 -24.28 26.18
N LEU A 4 -0.95 -24.06 26.62
CA LEU A 4 0.22 -24.08 25.76
C LEU A 4 1.16 -25.19 26.21
N VAL A 5 1.55 -26.04 25.27
CA VAL A 5 2.44 -27.18 25.53
C VAL A 5 3.67 -27.02 24.64
N GLN A 6 4.85 -27.01 25.26
CA GLN A 6 6.11 -26.78 24.55
C GLN A 6 6.84 -28.10 24.31
N SER A 7 7.80 -28.05 23.39
CA SER A 7 8.59 -29.23 23.06
C SER A 7 9.59 -29.53 24.18
N GLY A 8 10.27 -30.67 24.06
CA GLY A 8 11.08 -31.21 25.13
C GLY A 8 12.44 -30.56 25.27
N THR A 9 13.18 -31.04 26.26
CA THR A 9 14.51 -30.54 26.57
C THR A 9 15.45 -30.72 25.38
N GLU A 10 16.37 -29.76 25.20
CA GLU A 10 17.31 -29.77 24.11
C GLU A 10 18.74 -29.67 24.64
N VAL A 11 19.63 -30.47 24.06
CA VAL A 11 21.06 -30.48 24.39
C VAL A 11 21.80 -30.44 23.06
N LYS A 12 22.45 -29.32 22.77
CA LYS A 12 23.01 -29.07 21.45
C LYS A 12 24.46 -28.62 21.56
N LYS A 13 25.21 -28.83 20.45
CA LYS A 13 26.57 -28.36 20.28
C LYS A 13 26.57 -26.97 19.65
N PRO A 14 27.59 -26.16 19.94
CA PRO A 14 27.66 -24.83 19.30
C PRO A 14 27.71 -24.95 17.79
N GLY A 15 27.05 -24.00 17.11
CA GLY A 15 26.95 -24.01 15.68
C GLY A 15 25.76 -24.74 15.11
N GLU A 16 25.12 -25.61 15.91
CA GLU A 16 23.96 -26.35 15.44
C GLU A 16 22.73 -25.45 15.40
N SER A 17 21.80 -25.79 14.53
CA SER A 17 20.53 -25.09 14.42
C SER A 17 19.50 -25.71 15.37
N LEU A 18 18.44 -24.97 15.65
CA LEU A 18 17.43 -25.47 16.58
C LEU A 18 16.11 -24.77 16.32
N LYS A 19 15.02 -25.53 16.45
CA LYS A 19 13.67 -24.99 16.35
C LYS A 19 12.83 -25.63 17.45
N ILE A 20 12.34 -24.81 18.37
CA ILE A 20 11.47 -25.27 19.43
C ILE A 20 10.06 -24.77 19.16
N SER A 21 9.08 -25.51 19.67
CA SER A 21 7.68 -25.32 19.33
C SER A 21 6.85 -25.01 20.57
N CYS A 22 5.61 -24.61 20.31
CA CYS A 22 4.66 -24.25 21.36
C CYS A 22 3.26 -24.38 20.76
N LYS A 23 2.44 -25.27 21.33
CA LYS A 23 1.14 -25.60 20.76
C LYS A 23 0.03 -25.12 21.67
N GLY A 24 -0.98 -24.49 21.07
CA GLY A 24 -2.17 -24.08 21.79
C GLY A 24 -3.30 -25.08 21.65
N SER A 25 -4.08 -25.22 22.71
CA SER A 25 -5.27 -26.06 22.71
C SER A 25 -6.30 -25.40 23.62
N GLY A 26 -7.48 -25.17 23.10
CA GLY A 26 -8.55 -24.58 23.89
C GLY A 26 -9.47 -23.75 23.02
N TYR A 27 -10.36 -23.02 23.69
CA TYR A 27 -11.37 -22.23 23.00
C TYR A 27 -10.81 -20.89 22.56
N GLY A 28 -11.13 -20.51 21.32
CA GLY A 28 -10.77 -19.20 20.81
C GLY A 28 -9.29 -18.97 20.61
N PHE A 29 -8.57 -19.97 20.08
CA PHE A 29 -7.16 -19.76 19.77
C PHE A 29 -6.93 -18.67 18.73
N ILE A 30 -7.92 -18.41 17.88
CA ILE A 30 -7.75 -17.42 16.82
C ILE A 30 -7.52 -16.02 17.37
N THR A 31 -7.92 -15.78 18.62
CA THR A 31 -7.71 -14.48 19.24
C THR A 31 -6.32 -14.32 19.85
N TYR A 32 -5.50 -15.37 19.83
CA TYR A 32 -4.31 -15.42 20.68
C TYR A 32 -3.05 -15.02 19.94
N TRP A 33 -2.22 -14.24 20.62
CA TRP A 33 -0.87 -13.90 20.21
C TRP A 33 0.11 -14.64 21.12
N ILE A 34 1.16 -15.18 20.51
CA ILE A 34 2.12 -16.03 21.20
C ILE A 34 3.48 -15.35 21.21
N GLY A 35 3.98 -15.05 22.40
CA GLY A 35 5.29 -14.46 22.56
C GLY A 35 6.28 -15.42 23.20
N TRP A 36 7.57 -15.11 23.04
CA TRP A 36 8.65 -15.92 23.57
C TRP A 36 9.42 -15.13 24.62
N VAL A 37 9.81 -15.83 25.69
CA VAL A 37 10.47 -15.24 26.85
C VAL A 37 11.69 -16.08 27.17
N ARG A 38 12.84 -15.42 27.36
CA ARG A 38 14.06 -16.10 27.73
C ARG A 38 14.37 -15.89 29.20
N GLN A 39 14.79 -16.96 29.88
CA GLN A 39 15.25 -16.88 31.26
C GLN A 39 16.57 -17.63 31.36
N MET A 40 17.66 -16.88 31.41
CA MET A 40 18.97 -17.46 31.68
C MET A 40 19.02 -17.91 33.14
N PRO A 41 19.88 -18.89 33.46
CA PRO A 41 19.89 -19.44 34.82
C PRO A 41 20.18 -18.39 35.88
N GLY A 42 19.31 -18.33 36.89
CA GLY A 42 19.41 -17.36 37.96
C GLY A 42 19.07 -15.93 37.59
N LYS A 43 18.59 -15.69 36.37
CA LYS A 43 18.29 -14.35 35.88
C LYS A 43 16.78 -14.15 35.80
N GLY A 44 16.39 -12.97 35.30
CA GLY A 44 15.00 -12.63 35.14
C GLY A 44 14.47 -12.98 33.76
N LEU A 45 13.33 -12.38 33.43
CA LEU A 45 12.60 -12.68 32.20
C LEU A 45 12.92 -11.64 31.14
N GLU A 46 13.27 -12.11 29.94
CA GLU A 46 13.54 -11.24 28.79
C GLU A 46 12.54 -11.56 27.69
N TRP A 47 11.75 -10.58 27.31
CA TRP A 47 10.81 -10.73 26.21
C TRP A 47 11.56 -10.70 24.88
N MET A 48 11.28 -11.66 24.01
CA MET A 48 11.98 -11.80 22.75
C MET A 48 11.16 -11.35 21.53
N GLY A 49 9.86 -11.55 21.55
CA GLY A 49 9.03 -11.25 20.41
C GLY A 49 7.69 -11.94 20.53
N ILE A 50 6.85 -11.69 19.53
CA ILE A 50 5.46 -12.13 19.56
C ILE A 50 4.98 -12.29 18.12
N ILE A 51 4.02 -13.20 17.94
CA ILE A 51 3.47 -13.47 16.62
C ILE A 51 1.98 -13.71 16.75
N TYR A 52 1.22 -13.26 15.75
CA TYR A 52 -0.19 -13.60 15.63
C TYR A 52 -0.33 -14.68 14.58
N PRO A 53 -0.60 -15.93 14.98
CA PRO A 53 -0.64 -17.03 13.99
C PRO A 53 -1.60 -16.79 12.83
N GLY A 54 -2.67 -16.03 13.03
CA GLY A 54 -3.67 -15.87 11.98
C GLY A 54 -3.11 -15.28 10.70
N ASP A 55 -2.19 -14.32 10.82
CA ASP A 55 -1.55 -13.73 9.65
C ASP A 55 -0.04 -13.67 9.77
N SER A 56 0.53 -14.26 10.83
CA SER A 56 1.97 -14.32 11.04
C SER A 56 2.62 -12.93 11.17
N GLU A 57 1.85 -11.93 11.61
CA GLU A 57 2.46 -10.69 12.02
C GLU A 57 3.40 -10.95 13.19
N THR A 58 4.66 -10.55 13.04
CA THR A 58 5.71 -10.87 14.00
C THR A 58 6.45 -9.61 14.39
N ARG A 59 6.62 -9.41 15.69
CA ARG A 59 7.40 -8.30 16.23
C ARG A 59 8.49 -8.84 17.12
N TYR A 60 9.69 -8.28 16.99
CA TYR A 60 10.83 -8.69 17.79
C TYR A 60 11.25 -7.56 18.72
N SER A 61 11.74 -7.96 19.90
CA SER A 61 12.42 -7.00 20.75
C SER A 61 13.72 -6.57 20.09
N PRO A 62 14.11 -5.29 20.23
CA PRO A 62 15.38 -4.86 19.62
C PRO A 62 16.58 -5.59 20.17
N SER A 63 16.49 -6.10 21.40
CA SER A 63 17.56 -6.91 21.97
C SER A 63 17.70 -8.25 21.26
N PHE A 64 16.66 -8.72 20.58
CA PHE A 64 16.66 -10.03 19.97
C PHE A 64 16.40 -10.03 18.46
N GLN A 65 16.08 -8.90 17.87
CA GLN A 65 15.89 -8.86 16.42
C GLN A 65 17.20 -9.17 15.72
N GLY A 66 17.12 -9.97 14.66
CA GLY A 66 18.30 -10.41 13.95
C GLY A 66 18.92 -11.69 14.47
N GLN A 67 18.54 -12.13 15.67
CA GLN A 67 19.16 -13.29 16.29
C GLN A 67 18.34 -14.57 16.14
N VAL A 68 17.01 -14.46 16.06
CA VAL A 68 16.13 -15.61 16.01
C VAL A 68 15.05 -15.37 14.96
N THR A 69 14.38 -16.44 14.58
CA THR A 69 13.19 -16.37 13.75
C THR A 69 12.01 -16.95 14.53
N ILE A 70 10.95 -16.16 14.65
CA ILE A 70 9.70 -16.59 15.26
C ILE A 70 8.69 -16.82 14.14
N SER A 71 8.02 -17.97 14.17
CA SER A 71 7.10 -18.31 13.08
C SER A 71 5.89 -19.02 13.66
N ALA A 72 5.00 -19.50 12.79
CA ALA A 72 3.80 -20.20 13.24
C ALA A 72 3.19 -20.99 12.09
N ASP A 73 2.70 -22.18 12.42
CA ASP A 73 1.84 -22.98 11.57
C ASP A 73 0.43 -22.88 12.16
N LYS A 74 -0.46 -22.21 11.42
CA LYS A 74 -1.83 -21.98 11.87
C LYS A 74 -2.71 -23.21 11.68
N SER A 75 -2.28 -24.18 10.88
CA SER A 75 -3.05 -25.40 10.70
C SER A 75 -2.91 -26.37 11.87
N ILE A 76 -1.95 -26.14 12.77
CA ILE A 76 -1.76 -26.99 13.94
C ILE A 76 -1.63 -26.16 15.20
N ASN A 77 -2.02 -24.88 15.11
CA ASN A 77 -2.05 -23.99 16.28
C ASN A 77 -0.69 -23.94 16.98
N THR A 78 0.40 -23.88 16.21
CA THR A 78 1.72 -24.00 16.80
C THR A 78 2.59 -22.82 16.39
N ALA A 79 3.28 -22.22 17.37
CA ALA A 79 4.27 -21.19 17.12
C ALA A 79 5.66 -21.74 17.38
N TYR A 80 6.65 -21.17 16.68
CA TYR A 80 8.01 -21.67 16.70
C TYR A 80 8.99 -20.55 17.02
N LEU A 81 10.09 -20.93 17.68
CA LEU A 81 11.24 -20.08 17.93
C LEU A 81 12.47 -20.84 17.48
N GLN A 82 13.29 -20.23 16.61
CA GLN A 82 14.42 -20.99 16.08
C GLN A 82 15.67 -20.13 15.90
N TRP A 83 16.81 -20.79 16.07
CA TRP A 83 18.14 -20.28 15.77
C TRP A 83 18.74 -21.11 14.63
N SER A 84 19.70 -20.49 13.93
CA SER A 84 20.44 -21.18 12.87
C SER A 84 21.81 -21.65 13.30
N SER A 85 22.42 -21.02 14.30
CA SER A 85 23.75 -21.41 14.78
C SER A 85 23.81 -21.08 16.27
N LEU A 86 23.63 -22.09 17.11
CA LEU A 86 23.57 -21.87 18.54
C LEU A 86 24.95 -21.54 19.12
N LYS A 87 24.96 -20.67 20.11
CA LYS A 87 26.13 -20.42 20.94
C LYS A 87 25.84 -20.88 22.35
N ALA A 88 26.91 -21.05 23.13
CA ALA A 88 26.75 -21.42 24.54
C ALA A 88 25.94 -20.37 25.29
N SER A 89 25.97 -19.11 24.84
CA SER A 89 25.22 -18.06 25.51
C SER A 89 23.72 -18.13 25.24
N ASP A 90 23.29 -19.02 24.34
CA ASP A 90 21.86 -19.29 24.16
C ASP A 90 21.31 -20.25 25.19
N THR A 91 22.16 -20.80 26.04
CA THR A 91 21.71 -21.71 27.10
C THR A 91 20.79 -20.98 28.07
N ALA A 92 19.55 -21.45 28.17
CA ALA A 92 18.55 -20.84 29.02
C ALA A 92 17.30 -21.72 28.99
N ILE A 93 16.25 -21.29 29.69
CA ILE A 93 14.94 -21.88 29.53
C ILE A 93 14.06 -20.88 28.80
N TYR A 94 13.32 -21.36 27.82
CA TYR A 94 12.48 -20.51 26.99
C TYR A 94 11.01 -20.86 27.21
N TYR A 95 10.22 -19.84 27.54
CA TYR A 95 8.79 -19.98 27.74
C TYR A 95 8.05 -19.35 26.56
N CYS A 96 6.98 -20.01 26.12
CA CYS A 96 6.01 -19.32 25.30
C CYS A 96 4.86 -18.88 26.20
N ALA A 97 4.26 -17.74 25.86
CA ALA A 97 3.17 -17.19 26.64
C ALA A 97 2.16 -16.56 25.70
N GLY A 98 0.89 -16.74 26.01
CA GLY A 98 -0.18 -16.28 25.13
C GLY A 98 -1.00 -15.19 25.78
N GLY A 99 -1.49 -14.28 24.95
CA GLY A 99 -2.51 -13.34 25.36
C GLY A 99 -3.48 -13.12 24.23
N SER A 100 -4.74 -12.93 24.57
CA SER A 100 -5.78 -12.84 23.54
C SER A 100 -5.78 -11.50 22.80
N GLY A 101 -4.60 -10.95 22.53
CA GLY A 101 -4.49 -9.69 21.81
C GLY A 101 -3.16 -9.03 22.09
N ILE A 102 -2.80 -8.10 21.22
CA ILE A 102 -1.64 -7.26 21.48
C ILE A 102 -2.03 -6.21 22.51
N SER A 103 -1.06 -5.77 23.31
CA SER A 103 -1.30 -4.90 24.47
C SER A 103 -2.29 -5.56 25.44
N THR A 104 -1.96 -6.78 25.82
CA THR A 104 -2.75 -7.65 26.69
C THR A 104 -1.77 -8.37 27.59
N PRO A 105 -2.15 -8.69 28.84
CA PRO A 105 -1.25 -9.46 29.69
C PRO A 105 -1.02 -10.86 29.13
N MET A 106 0.07 -11.48 29.58
CA MET A 106 0.38 -12.87 29.24
C MET A 106 -0.29 -13.75 30.28
N ASP A 107 -1.50 -14.20 29.97
CA ASP A 107 -2.32 -14.92 30.94
C ASP A 107 -2.20 -16.43 30.86
N VAL A 108 -1.46 -16.96 29.89
CA VAL A 108 -1.28 -18.40 29.74
C VAL A 108 0.16 -18.67 29.35
N TRP A 109 0.81 -19.61 30.03
CA TRP A 109 2.21 -19.90 29.83
C TRP A 109 2.42 -21.39 29.54
N GLY A 110 3.39 -21.68 28.68
CA GLY A 110 3.85 -23.04 28.53
C GLY A 110 4.69 -23.46 29.72
N GLN A 111 5.07 -24.74 29.73
CA GLN A 111 5.85 -25.26 30.84
C GLN A 111 7.33 -24.97 30.71
N GLY A 112 7.78 -24.44 29.58
CA GLY A 112 9.18 -24.11 29.39
C GLY A 112 9.98 -25.20 28.71
N THR A 113 10.90 -24.79 27.84
CA THR A 113 11.81 -25.69 27.17
C THR A 113 13.23 -25.34 27.61
N THR A 114 13.88 -26.27 28.29
CA THR A 114 15.26 -26.09 28.70
C THR A 114 16.18 -26.36 27.52
N VAL A 115 17.06 -25.41 27.23
CA VAL A 115 18.00 -25.50 26.12
C VAL A 115 19.39 -25.34 26.70
N THR A 116 20.20 -26.40 26.60
CA THR A 116 21.59 -26.39 26.99
C THR A 116 22.44 -26.46 25.74
N VAL A 117 23.29 -25.45 25.53
CA VAL A 117 24.22 -25.42 24.42
C VAL A 117 25.63 -25.53 24.99
N SER A 118 26.39 -26.50 24.52
CA SER A 118 27.70 -26.78 25.07
C SER A 118 28.45 -27.71 24.11
N SER A 119 29.77 -27.59 24.13
CA SER A 119 30.62 -28.48 23.34
C SER A 119 30.87 -29.81 24.02
N ALA A 120 30.37 -30.00 25.24
CA ALA A 120 30.60 -31.25 25.96
C ALA A 120 29.73 -32.37 25.38
N SER A 121 30.16 -33.60 25.64
CA SER A 121 29.40 -34.79 25.31
C SER A 121 28.92 -35.46 26.59
N THR A 122 27.96 -36.38 26.43
CA THR A 122 27.38 -37.06 27.58
C THR A 122 28.46 -37.77 28.38
N LYS A 123 28.46 -37.56 29.70
CA LYS A 123 29.46 -38.13 30.57
C LYS A 123 28.85 -38.35 31.95
N GLY A 124 29.07 -39.53 32.50
CA GLY A 124 28.60 -39.86 33.83
C GLY A 124 29.51 -39.29 34.90
N PRO A 125 28.95 -39.02 36.08
CA PRO A 125 29.72 -38.36 37.13
C PRO A 125 30.67 -39.31 37.86
N SER A 126 31.68 -38.71 38.48
CA SER A 126 32.54 -39.39 39.44
C SER A 126 32.15 -38.92 40.83
N VAL A 127 31.91 -39.86 41.72
CA VAL A 127 31.43 -39.56 43.07
C VAL A 127 32.59 -39.73 44.05
N PHE A 128 32.85 -38.71 44.84
CA PHE A 128 33.91 -38.75 45.83
C PHE A 128 33.35 -38.48 47.22
N PRO A 129 33.91 -39.10 48.25
CA PRO A 129 33.35 -38.94 49.60
C PRO A 129 33.74 -37.61 50.22
N LEU A 130 32.81 -37.04 51.00
CA LEU A 130 33.11 -35.92 51.86
C LEU A 130 33.17 -36.48 53.29
N ALA A 131 34.35 -37.00 53.63
CA ALA A 131 34.50 -37.76 54.86
C ALA A 131 34.33 -36.87 56.08
N PRO A 132 33.58 -37.31 57.09
CA PRO A 132 33.43 -36.50 58.30
C PRO A 132 34.72 -36.45 59.11
N SER A 133 35.01 -35.29 59.66
CA SER A 133 36.21 -35.13 60.46
C SER A 133 36.06 -35.86 61.80
N SER A 134 37.17 -36.40 62.29
CA SER A 134 37.14 -37.16 63.53
C SER A 134 36.95 -36.28 64.76
N LYS A 135 37.26 -34.99 64.68
CA LYS A 135 37.16 -34.08 65.81
C LYS A 135 35.75 -34.07 66.39
N SER A 136 34.81 -33.44 65.68
CA SER A 136 33.38 -33.38 66.02
C SER A 136 33.05 -33.54 67.52
N GLY A 140 28.76 -32.01 69.06
CA GLY A 140 27.46 -32.66 69.18
C GLY A 140 26.99 -33.32 67.90
N THR A 141 27.02 -32.58 66.79
CA THR A 141 26.56 -33.08 65.51
C THR A 141 27.72 -33.09 64.51
N ALA A 142 27.71 -34.10 63.64
CA ALA A 142 28.70 -34.25 62.57
C ALA A 142 28.05 -33.96 61.23
N ALA A 143 28.89 -33.88 60.19
CA ALA A 143 28.43 -33.63 58.83
C ALA A 143 29.30 -34.38 57.83
N LEU A 144 28.66 -34.96 56.83
CA LEU A 144 29.33 -35.70 55.77
C LEU A 144 28.49 -35.60 54.50
N GLY A 145 29.06 -36.04 53.39
CA GLY A 145 28.34 -35.92 52.14
C GLY A 145 29.07 -36.60 51.00
N CYS A 146 28.62 -36.27 49.79
CA CYS A 146 29.15 -36.83 48.56
C CYS A 146 29.36 -35.72 47.53
N LEU A 147 30.51 -35.79 46.84
CA LEU A 147 30.83 -34.86 45.76
C LEU A 147 30.55 -35.54 44.42
N VAL A 148 29.59 -34.99 43.68
CA VAL A 148 29.20 -35.52 42.38
C VAL A 148 29.82 -34.60 41.33
N LYS A 149 30.92 -35.03 40.73
CA LYS A 149 31.77 -34.17 39.93
C LYS A 149 31.84 -34.64 38.48
N ASP A 150 31.89 -33.67 37.57
CA ASP A 150 32.19 -33.90 36.15
C ASP A 150 31.12 -34.70 35.43
N TYR A 151 29.90 -34.18 35.36
CA TYR A 151 28.83 -34.88 34.65
C TYR A 151 28.13 -33.92 33.67
N PHE A 152 27.73 -34.45 32.53
CA PHE A 152 27.01 -33.70 31.51
C PHE A 152 26.06 -34.63 30.77
N PRO A 153 24.83 -34.18 30.46
CA PRO A 153 24.26 -32.91 30.89
C PRO A 153 23.57 -33.06 32.24
N GLU A 154 22.80 -32.05 32.65
CA GLU A 154 22.00 -32.14 33.85
C GLU A 154 20.75 -32.98 33.57
N PRO A 155 20.15 -33.58 34.62
CA PRO A 155 20.53 -33.53 36.02
C PRO A 155 21.03 -34.85 36.61
N VAL A 156 21.35 -34.83 37.90
CA VAL A 156 21.60 -36.02 38.68
C VAL A 156 20.69 -35.97 39.91
N THR A 157 20.40 -37.15 40.44
CA THR A 157 19.61 -37.28 41.66
C THR A 157 20.44 -37.94 42.74
N VAL A 158 20.26 -37.49 43.98
CA VAL A 158 21.02 -38.02 45.12
C VAL A 158 20.05 -38.43 46.22
N SER A 159 20.22 -39.65 46.71
CA SER A 159 19.48 -40.16 47.85
C SER A 159 20.46 -40.68 48.89
N TRP A 160 20.08 -40.61 50.16
CA TRP A 160 20.92 -41.07 51.26
C TRP A 160 20.34 -42.34 51.86
N ASN A 161 21.16 -43.39 51.92
N ASN A 161 21.19 -43.37 52.01
CA ASN A 161 20.75 -44.69 52.47
CA ASN A 161 20.83 -44.73 52.40
C ASN A 161 19.41 -45.17 51.89
C ASN A 161 19.45 -45.13 51.89
N SER A 162 19.21 -44.91 50.59
CA SER A 162 18.00 -45.32 49.88
C SER A 162 16.74 -44.73 50.54
N GLY A 163 16.67 -43.40 50.48
CA GLY A 163 15.49 -42.68 50.92
C GLY A 163 15.18 -42.77 52.40
N ALA A 164 16.00 -43.50 53.15
CA ALA A 164 15.74 -43.68 54.58
C ALA A 164 16.05 -42.40 55.35
N LEU A 165 17.21 -41.81 55.12
CA LEU A 165 17.60 -40.58 55.79
C LEU A 165 17.17 -39.39 54.94
N THR A 166 16.26 -38.58 55.48
CA THR A 166 15.80 -37.36 54.81
C THR A 166 15.96 -36.10 55.66
N SER A 167 16.13 -36.23 56.97
CA SER A 167 16.26 -35.06 57.83
C SER A 167 17.70 -34.54 57.80
N GLY A 168 17.83 -33.22 57.67
CA GLY A 168 19.14 -32.58 57.60
C GLY A 168 19.84 -32.71 56.27
N VAL A 169 19.20 -33.29 55.26
CA VAL A 169 19.81 -33.44 53.95
C VAL A 169 19.71 -32.12 53.19
N HIS A 170 20.82 -31.72 52.57
CA HIS A 170 20.90 -30.54 51.71
C HIS A 170 21.66 -30.95 50.46
N THR A 171 20.95 -31.09 49.34
CA THR A 171 21.59 -31.34 48.06
C THR A 171 21.65 -30.02 47.30
N PHE A 172 22.84 -29.59 46.98
CA PHE A 172 22.98 -28.23 46.49
C PHE A 172 22.75 -28.15 44.98
N PRO A 173 22.29 -27.00 44.50
CA PRO A 173 22.19 -26.79 43.05
C PRO A 173 23.53 -27.01 42.36
N ALA A 174 23.47 -27.54 41.15
CA ALA A 174 24.68 -27.84 40.42
C ALA A 174 25.41 -26.56 40.04
N VAL A 175 26.63 -26.73 39.55
CA VAL A 175 27.50 -25.63 39.18
C VAL A 175 28.23 -26.02 37.89
N LEU A 176 28.30 -25.10 36.94
CA LEU A 176 28.99 -25.36 35.68
C LEU A 176 30.46 -25.01 35.84
N GLN A 177 31.33 -26.00 35.66
CA GLN A 177 32.76 -25.79 35.74
C GLN A 177 33.31 -25.32 34.39
N SER A 178 34.47 -24.67 34.45
CA SER A 178 35.09 -24.15 33.22
C SER A 178 35.40 -25.25 32.22
N SER A 179 35.45 -26.51 32.66
CA SER A 179 35.60 -27.64 31.75
C SER A 179 34.37 -27.87 30.90
N GLY A 180 33.24 -27.27 31.25
CA GLY A 180 31.98 -27.58 30.59
C GLY A 180 31.19 -28.70 31.24
N LEU A 181 31.70 -29.28 32.32
CA LEU A 181 31.04 -30.34 33.04
C LEU A 181 30.48 -29.81 34.36
N TYR A 182 29.35 -30.36 34.77
CA TYR A 182 28.67 -29.93 35.98
C TYR A 182 29.18 -30.70 37.18
N SER A 183 28.91 -30.14 38.36
CA SER A 183 29.32 -30.72 39.64
C SER A 183 28.36 -30.22 40.72
N LEU A 184 28.09 -31.08 41.69
CA LEU A 184 27.28 -30.67 42.84
C LEU A 184 27.71 -31.47 44.06
N SER A 185 27.13 -31.11 45.20
CA SER A 185 27.38 -31.80 46.45
C SER A 185 26.07 -32.02 47.18
N SER A 186 25.97 -33.16 47.86
CA SER A 186 24.88 -33.46 48.77
C SER A 186 25.47 -33.75 50.13
N VAL A 187 24.89 -33.15 51.16
CA VAL A 187 25.46 -33.19 52.51
C VAL A 187 24.33 -33.50 53.49
N VAL A 188 24.59 -34.42 54.42
CA VAL A 188 23.62 -34.74 55.45
C VAL A 188 24.26 -34.50 56.81
N THR A 189 23.59 -33.72 57.65
CA THR A 189 24.05 -33.46 59.01
C THR A 189 23.56 -34.59 59.89
N VAL A 190 24.42 -35.57 60.14
CA VAL A 190 24.05 -36.67 61.02
C VAL A 190 24.62 -36.37 62.41
N PRO A 191 23.79 -35.90 63.34
CA PRO A 191 24.27 -35.75 64.73
C PRO A 191 24.61 -37.07 65.35
N SER A 192 24.16 -38.16 64.75
CA SER A 192 24.52 -39.52 65.15
C SER A 192 26.02 -39.61 65.40
N SER A 193 26.42 -39.48 66.66
CA SER A 193 27.78 -39.78 67.07
C SER A 193 28.23 -41.09 66.44
N SER A 194 27.33 -42.09 66.51
CA SER A 194 27.39 -43.36 65.81
C SER A 194 28.71 -43.62 65.07
N LEU A 195 28.71 -43.36 63.76
CA LEU A 195 29.89 -43.55 62.92
C LEU A 195 30.45 -44.97 63.04
N GLY A 196 29.67 -45.87 63.63
CA GLY A 196 30.05 -47.25 63.81
C GLY A 196 28.89 -48.16 63.43
N THR A 197 28.94 -48.68 62.20
CA THR A 197 27.86 -49.46 61.61
C THR A 197 26.55 -48.68 61.62
N GLN A 198 26.64 -47.36 61.51
CA GLN A 198 25.45 -46.53 61.32
C GLN A 198 25.00 -46.54 59.86
N THR A 199 25.90 -46.89 58.93
CA THR A 199 25.63 -47.01 57.51
C THR A 199 25.25 -45.67 56.89
N TYR A 200 26.10 -45.16 56.00
CA TYR A 200 25.82 -43.91 55.28
C TYR A 200 26.35 -44.03 53.86
N ILE A 201 25.46 -44.35 52.92
CA ILE A 201 25.79 -44.48 51.52
C ILE A 201 24.96 -43.48 50.72
N CYS A 202 25.59 -42.85 49.72
CA CYS A 202 24.88 -41.97 48.81
C CYS A 202 24.67 -42.69 47.48
N ASN A 203 23.44 -42.61 46.98
CA ASN A 203 23.06 -43.17 45.68
C ASN A 203 22.83 -42.01 44.73
N VAL A 204 23.56 -41.99 43.62
CA VAL A 204 23.43 -40.94 42.62
C VAL A 204 23.01 -41.59 41.31
N ASN A 205 22.08 -40.94 40.62
CA ASN A 205 21.59 -41.40 39.34
C ASN A 205 21.74 -40.28 38.32
N HIS A 206 22.47 -40.54 37.25
CA HIS A 206 22.57 -39.64 36.11
C HIS A 206 21.90 -40.35 34.93
N LYS A 207 20.58 -40.21 34.86
CA LYS A 207 19.80 -40.87 33.81
C LYS A 207 20.28 -40.59 32.39
N PRO A 208 20.71 -39.37 32.02
CA PRO A 208 21.20 -39.15 30.65
C PRO A 208 22.32 -40.08 30.23
N SER A 209 23.09 -40.64 31.17
CA SER A 209 24.18 -41.55 30.85
C SER A 209 23.95 -42.95 31.39
N ASN A 210 22.76 -43.24 31.93
CA ASN A 210 22.47 -44.53 32.56
C ASN A 210 23.50 -44.88 33.62
N THR A 211 23.87 -43.88 34.43
CA THR A 211 24.88 -44.04 35.46
C THR A 211 24.21 -43.98 36.83
N LYS A 212 24.16 -45.11 37.50
CA LYS A 212 23.77 -45.19 38.91
C LYS A 212 24.96 -45.67 39.70
N VAL A 213 25.35 -44.90 40.71
CA VAL A 213 26.53 -45.20 41.51
C VAL A 213 26.19 -45.05 42.98
N ASP A 214 26.54 -46.05 43.78
CA ASP A 214 26.46 -45.98 45.23
C ASP A 214 27.87 -45.83 45.79
N LYS A 215 28.02 -44.97 46.80
CA LYS A 215 29.32 -44.84 47.46
C LYS A 215 29.11 -44.67 48.95
N LYS A 216 29.88 -45.41 49.74
CA LYS A 216 29.80 -45.35 51.20
C LYS A 216 30.78 -44.30 51.70
N VAL A 217 30.28 -43.38 52.53
CA VAL A 217 31.07 -42.29 53.08
C VAL A 217 31.47 -42.68 54.50
N GLU A 218 32.74 -43.06 54.67
CA GLU A 218 33.25 -43.53 55.95
C GLU A 218 34.39 -42.63 56.42
N PRO A 219 34.60 -42.53 57.74
CA PRO A 219 35.75 -41.75 58.24
C PRO A 219 37.06 -42.38 57.82
N LYS A 220 37.96 -41.55 57.29
CA LYS A 220 39.23 -42.02 56.74
C LYS A 220 40.10 -42.66 57.81
N ASP B 1 11.90 2.70 24.34
CA ASP B 1 11.28 1.58 25.05
C ASP B 1 10.97 1.96 26.50
N ILE B 2 9.90 1.40 27.04
CA ILE B 2 9.49 1.66 28.41
C ILE B 2 10.29 0.75 29.33
N GLN B 3 10.90 1.35 30.36
CA GLN B 3 11.75 0.62 31.29
C GLN B 3 11.09 0.55 32.66
N LEU B 4 11.24 -0.59 33.32
CA LEU B 4 10.63 -0.83 34.63
C LEU B 4 11.72 -1.11 35.65
N THR B 5 11.63 -0.46 36.80
CA THR B 5 12.58 -0.65 37.90
C THR B 5 11.81 -1.02 39.15
N GLN B 6 12.10 -2.19 39.70
CA GLN B 6 11.46 -2.67 40.92
C GLN B 6 12.33 -2.35 42.13
N SER B 7 11.66 -2.10 43.27
CA SER B 7 12.36 -1.89 44.51
C SER B 7 11.47 -2.45 45.62
N PRO B 8 12.02 -3.22 46.56
CA PRO B 8 13.43 -3.58 46.62
C PRO B 8 13.80 -4.74 45.70
N ASP B 9 15.08 -5.14 45.71
CA ASP B 9 15.50 -6.33 44.99
C ASP B 9 15.12 -7.59 45.75
N SER B 10 15.23 -7.55 47.08
CA SER B 10 14.86 -8.65 47.94
C SER B 10 14.02 -8.12 49.09
N LEU B 11 13.20 -8.99 49.68
CA LEU B 11 12.32 -8.57 50.75
C LEU B 11 12.02 -9.75 51.65
N ALA B 12 12.20 -9.55 52.95
CA ALA B 12 11.91 -10.57 53.96
C ALA B 12 10.89 -10.00 54.94
N VAL B 13 9.75 -10.68 55.06
CA VAL B 13 8.72 -10.29 56.01
C VAL B 13 8.20 -11.55 56.70
N SER B 14 7.78 -11.38 57.96
CA SER B 14 7.33 -12.49 58.76
C SER B 14 5.98 -13.01 58.24
N LEU B 15 5.64 -14.23 58.66
CA LEU B 15 4.34 -14.80 58.32
C LEU B 15 3.22 -13.93 58.86
N GLY B 16 2.22 -13.69 58.03
CA GLY B 16 1.07 -12.91 58.44
C GLY B 16 1.24 -11.42 58.34
N GLU B 17 2.42 -10.92 58.00
CA GLU B 17 2.67 -9.50 57.86
C GLU B 17 2.68 -9.10 56.39
N ARG B 18 2.74 -7.79 56.15
CA ARG B 18 2.53 -7.24 54.82
C ARG B 18 3.84 -7.09 54.06
N ALA B 19 3.84 -7.53 52.80
CA ALA B 19 4.95 -7.34 51.88
C ALA B 19 4.54 -6.33 50.82
N THR B 20 5.48 -5.46 50.46
CA THR B 20 5.20 -4.35 49.53
C THR B 20 6.31 -4.26 48.51
N ILE B 21 5.96 -4.39 47.23
CA ILE B 21 6.90 -4.31 46.12
C ILE B 21 6.50 -3.14 45.24
N ASN B 22 7.49 -2.39 44.77
CA ASN B 22 7.27 -1.17 43.99
C ASN B 22 7.85 -1.31 42.60
N CYS B 23 7.15 -0.70 41.63
CA CYS B 23 7.54 -0.73 40.23
C CYS B 23 7.41 0.69 39.68
N LYS B 24 8.49 1.19 39.08
CA LYS B 24 8.54 2.53 38.50
C LYS B 24 8.81 2.42 37.01
N SER B 25 7.95 3.03 36.20
CA SER B 25 8.10 3.01 34.75
C SER B 25 8.67 4.33 34.26
N SER B 26 9.51 4.26 33.23
CA SER B 26 10.11 5.44 32.63
C SER B 26 9.11 6.29 31.85
N GLN B 27 7.86 5.86 31.77
CA GLN B 27 6.85 6.54 30.98
C GLN B 27 5.48 6.06 31.45
N SER B 28 4.48 6.92 31.32
CA SER B 28 3.12 6.55 31.71
C SER B 28 2.61 5.43 30.80
N VAL B 29 1.69 4.63 31.33
CA VAL B 29 1.20 3.45 30.63
C VAL B 29 -0.33 3.46 30.62
N LEU B 30 -0.92 4.62 30.34
CA LEU B 30 -2.35 4.82 30.46
C LEU B 30 -2.99 4.94 29.08
N TYR B 31 -4.00 4.10 28.83
CA TYR B 31 -4.85 4.22 27.66
C TYR B 31 -6.03 5.13 27.99
N SER B 32 -6.12 6.27 27.31
CA SER B 32 -7.20 7.21 27.59
C SER B 32 -8.55 6.71 27.13
N SER B 33 -8.58 5.75 26.20
CA SER B 33 -9.85 5.23 25.69
C SER B 33 -10.70 4.64 26.80
N ILE B 34 -10.07 3.89 27.72
CA ILE B 34 -10.79 3.23 28.80
C ILE B 34 -10.23 3.57 30.17
N ASN B 35 -9.23 4.44 30.26
CA ASN B 35 -8.68 4.92 31.53
C ASN B 35 -8.12 3.77 32.36
N LYS B 36 -7.19 3.03 31.76
CA LYS B 36 -6.54 1.90 32.40
C LYS B 36 -5.03 2.00 32.24
N ASN B 37 -4.31 1.55 33.27
CA ASN B 37 -2.86 1.47 33.24
C ASN B 37 -2.44 0.05 32.89
N TYR B 38 -1.58 -0.08 31.89
CA TYR B 38 -1.26 -1.38 31.29
C TYR B 38 -0.03 -1.98 31.96
N LEU B 39 -0.24 -2.39 33.21
CA LEU B 39 0.81 -2.92 34.08
C LEU B 39 0.30 -4.20 34.72
N ALA B 40 1.15 -5.24 34.72
CA ALA B 40 0.80 -6.54 35.25
C ALA B 40 1.84 -7.00 36.25
N TRP B 41 1.42 -7.85 37.18
CA TRP B 41 2.28 -8.48 38.17
C TRP B 41 2.18 -9.99 38.04
N TYR B 42 3.35 -10.64 37.95
CA TYR B 42 3.48 -12.08 37.86
C TYR B 42 4.22 -12.61 39.09
N GLN B 43 3.91 -13.85 39.45
CA GLN B 43 4.61 -14.59 40.49
C GLN B 43 5.28 -15.80 39.85
N GLN B 44 6.55 -16.03 40.20
CA GLN B 44 7.27 -17.20 39.72
C GLN B 44 7.93 -17.90 40.90
N LYS B 45 7.68 -19.20 41.01
CA LYS B 45 8.29 -20.10 41.97
C LYS B 45 9.28 -21.01 41.25
N PRO B 46 10.28 -21.54 41.96
CA PRO B 46 11.36 -22.27 41.28
C PRO B 46 10.85 -23.46 40.48
N GLY B 47 11.37 -23.59 39.25
CA GLY B 47 11.01 -24.68 38.36
C GLY B 47 9.69 -24.53 37.66
N GLN B 48 9.04 -23.37 37.77
CA GLN B 48 7.71 -23.17 37.21
C GLN B 48 7.69 -21.95 36.31
N PRO B 49 6.79 -21.92 35.33
CA PRO B 49 6.60 -20.71 34.53
C PRO B 49 6.00 -19.61 35.39
N PRO B 50 6.13 -18.36 34.97
CA PRO B 50 5.45 -17.28 35.70
C PRO B 50 3.94 -17.46 35.66
N LYS B 51 3.29 -16.96 36.71
CA LYS B 51 1.84 -17.02 36.84
C LYS B 51 1.32 -15.59 36.96
N LEU B 52 0.31 -15.27 36.15
CA LEU B 52 -0.23 -13.91 36.15
C LEU B 52 -1.03 -13.66 37.42
N LEU B 53 -0.61 -12.66 38.20
CA LEU B 53 -1.33 -12.28 39.40
C LEU B 53 -2.30 -11.13 39.17
N ILE B 54 -1.85 -10.05 38.53
CA ILE B 54 -2.66 -8.85 38.43
C ILE B 54 -2.45 -8.18 37.07
N TYR B 55 -3.53 -7.71 36.46
CA TYR B 55 -3.47 -6.94 35.23
C TYR B 55 -4.25 -5.64 35.40
N TRP B 56 -4.05 -4.73 34.45
CA TRP B 56 -4.62 -3.39 34.50
C TRP B 56 -4.34 -2.73 35.85
N ALA B 57 -3.11 -2.94 36.34
CA ALA B 57 -2.56 -2.33 37.55
C ALA B 57 -3.22 -2.85 38.83
N SER B 58 -4.53 -3.09 38.84
CA SER B 58 -5.21 -3.39 40.09
C SER B 58 -6.27 -4.48 40.01
N THR B 59 -6.43 -5.16 38.88
CA THR B 59 -7.41 -6.23 38.76
C THR B 59 -6.74 -7.57 39.00
N ARG B 60 -7.33 -8.37 39.89
CA ARG B 60 -6.82 -9.70 40.18
C ARG B 60 -7.27 -10.69 39.11
N GLU B 61 -6.36 -11.56 38.70
CA GLU B 61 -6.72 -12.64 37.79
C GLU B 61 -7.62 -13.63 38.52
N SER B 62 -8.38 -14.40 37.73
CA SER B 62 -9.27 -15.41 38.27
C SER B 62 -8.54 -16.35 39.23
N GLY B 63 -9.13 -16.57 40.40
CA GLY B 63 -8.59 -17.50 41.37
C GLY B 63 -7.42 -16.98 42.19
N VAL B 64 -6.97 -15.76 41.96
CA VAL B 64 -5.87 -15.20 42.75
C VAL B 64 -6.40 -14.80 44.12
N PRO B 65 -5.80 -15.26 45.21
CA PRO B 65 -6.33 -14.94 46.54
C PRO B 65 -6.35 -13.43 46.81
N ASP B 66 -7.23 -13.04 47.74
CA ASP B 66 -7.45 -11.64 48.05
C ASP B 66 -6.27 -10.99 48.75
N ARG B 67 -5.29 -11.77 49.22
CA ARG B 67 -4.12 -11.19 49.89
C ARG B 67 -3.37 -10.27 48.95
N PHE B 68 -3.32 -10.61 47.67
CA PHE B 68 -2.61 -9.80 46.69
C PHE B 68 -3.49 -8.65 46.21
N SER B 69 -2.91 -7.46 46.13
CA SER B 69 -3.61 -6.31 45.60
C SER B 69 -2.62 -5.44 44.81
N GLY B 70 -3.13 -4.84 43.75
CA GLY B 70 -2.35 -3.94 42.91
C GLY B 70 -2.82 -2.52 43.10
N SER B 71 -1.88 -1.58 43.07
CA SER B 71 -2.17 -0.18 43.34
C SER B 71 -1.26 0.69 42.50
N GLY B 72 -1.59 1.97 42.44
CA GLY B 72 -0.74 2.96 41.81
C GLY B 72 -1.34 3.52 40.53
N SER B 73 -0.65 4.51 39.99
CA SER B 73 -1.05 5.18 38.76
C SER B 73 0.17 5.91 38.21
N GLY B 74 -0.03 6.56 37.06
CA GLY B 74 1.04 7.30 36.40
C GLY B 74 2.24 6.43 36.09
N THR B 75 3.33 6.62 36.83
CA THR B 75 4.54 5.83 36.66
C THR B 75 4.91 5.07 37.92
N ASP B 76 4.03 5.03 38.92
CA ASP B 76 4.32 4.42 40.22
C ASP B 76 3.26 3.38 40.53
N PHE B 77 3.70 2.13 40.72
CA PHE B 77 2.78 1.04 40.95
C PHE B 77 3.30 0.17 42.08
N THR B 78 2.40 -0.58 42.70
CA THR B 78 2.73 -1.30 43.92
C THR B 78 1.94 -2.59 43.99
N LEU B 79 2.65 -3.71 44.18
CA LEU B 79 2.03 -4.97 44.55
C LEU B 79 2.12 -5.13 46.07
N THR B 80 1.02 -5.56 46.68
CA THR B 80 0.95 -5.67 48.14
C THR B 80 0.36 -7.03 48.51
N ILE B 81 1.09 -7.79 49.32
CA ILE B 81 0.61 -9.01 49.94
C ILE B 81 0.26 -8.66 51.38
N SER B 82 -1.04 -8.69 51.70
CA SER B 82 -1.50 -8.15 52.98
C SER B 82 -1.04 -8.98 54.17
N SER B 83 -0.91 -10.29 54.00
CA SER B 83 -0.42 -11.16 55.07
C SER B 83 0.21 -12.39 54.43
N LEU B 84 1.53 -12.45 54.46
CA LEU B 84 2.25 -13.49 53.72
C LEU B 84 1.99 -14.87 54.32
N GLN B 85 1.83 -15.85 53.44
CA GLN B 85 1.74 -17.25 53.81
C GLN B 85 2.81 -18.02 53.04
N ALA B 86 3.24 -19.14 53.63
CA ALA B 86 4.38 -19.92 53.14
C ALA B 86 4.44 -20.07 51.63
N GLU B 87 3.28 -20.20 50.98
CA GLU B 87 3.21 -20.36 49.53
C GLU B 87 3.41 -19.06 48.76
N ASP B 88 3.72 -17.96 49.44
CA ASP B 88 3.97 -16.68 48.78
C ASP B 88 5.45 -16.41 48.55
N VAL B 89 6.32 -17.29 49.03
CA VAL B 89 7.77 -17.11 48.89
C VAL B 89 8.13 -17.35 47.42
N ALA B 90 8.59 -16.31 46.74
CA ALA B 90 8.78 -16.39 45.29
C ALA B 90 9.34 -15.10 44.72
N VAL B 91 9.59 -15.06 43.41
CA VAL B 91 10.06 -13.86 42.74
C VAL B 91 8.89 -13.22 42.02
N TYR B 92 8.67 -11.93 42.25
CA TYR B 92 7.54 -11.20 41.69
C TYR B 92 8.05 -10.18 40.67
N TYR B 93 7.45 -10.19 39.48
CA TYR B 93 7.84 -9.30 38.39
C TYR B 93 6.69 -8.37 38.04
N CYS B 94 7.01 -7.12 37.73
CA CYS B 94 6.08 -6.27 37.03
C CYS B 94 6.42 -6.26 35.55
N GLN B 95 5.41 -5.94 34.73
CA GLN B 95 5.56 -5.96 33.29
C GLN B 95 4.60 -4.94 32.69
N GLN B 96 5.08 -4.20 31.69
CA GLN B 96 4.21 -3.28 30.97
C GLN B 96 3.83 -3.92 29.64
N TYR B 97 2.54 -3.84 29.31
CA TYR B 97 2.05 -4.26 28.00
C TYR B 97 1.35 -3.09 27.32
N TYR B 98 1.73 -1.86 27.69
CA TYR B 98 1.25 -0.68 27.01
C TYR B 98 1.56 -0.75 25.52
N SER B 99 2.78 -1.14 25.17
CA SER B 99 3.17 -1.25 23.78
C SER B 99 4.38 -2.16 23.67
N THR B 100 4.52 -2.82 22.53
CA THR B 100 5.71 -3.61 22.27
C THR B 100 6.89 -2.68 21.97
N PRO B 101 8.11 -3.08 22.34
CA PRO B 101 8.48 -4.34 23.00
C PRO B 101 8.08 -4.41 24.47
N TYR B 102 7.39 -5.49 24.85
CA TYR B 102 7.06 -5.71 26.25
C TYR B 102 8.33 -5.78 27.09
N THR B 103 8.27 -5.23 28.30
CA THR B 103 9.44 -5.17 29.16
C THR B 103 9.04 -5.54 30.58
N PHE B 104 9.97 -6.19 31.28
CA PHE B 104 9.78 -6.64 32.64
C PHE B 104 10.63 -5.81 33.60
N GLY B 105 10.20 -5.76 34.86
CA GLY B 105 11.06 -5.35 35.93
C GLY B 105 12.07 -6.43 36.25
N GLN B 106 13.10 -6.06 37.01
CA GLN B 106 14.18 -7.00 37.30
C GLN B 106 13.74 -8.13 38.22
N GLY B 107 12.58 -8.03 38.84
CA GLY B 107 12.14 -9.08 39.75
C GLY B 107 12.51 -8.78 41.18
N THR B 108 11.63 -9.20 42.10
CA THR B 108 11.84 -9.00 43.53
C THR B 108 11.65 -10.33 44.25
N LYS B 109 12.71 -10.80 44.91
CA LYS B 109 12.64 -12.05 45.66
C LYS B 109 12.02 -11.79 47.02
N VAL B 110 11.03 -12.62 47.38
CA VAL B 110 10.33 -12.52 48.65
C VAL B 110 10.53 -13.82 49.41
N GLU B 111 11.15 -13.71 50.58
CA GLU B 111 11.48 -14.80 51.49
C GLU B 111 10.83 -14.54 52.85
N ILE B 112 10.75 -15.60 53.65
CA ILE B 112 10.23 -15.48 55.01
C ILE B 112 11.30 -14.88 55.91
N LYS B 113 10.90 -13.93 56.75
CA LYS B 113 11.84 -13.33 57.69
C LYS B 113 12.02 -14.24 58.90
N ARG B 114 13.26 -14.29 59.40
CA ARG B 114 13.62 -15.20 60.48
C ARG B 114 14.54 -14.48 61.45
N THR B 115 14.69 -15.06 62.64
CA THR B 115 15.73 -14.60 63.55
C THR B 115 17.10 -14.99 63.02
N VAL B 116 18.09 -14.14 63.29
CA VAL B 116 19.44 -14.37 62.78
C VAL B 116 19.99 -15.67 63.36
N ALA B 117 20.60 -16.48 62.49
CA ALA B 117 21.17 -17.77 62.88
C ALA B 117 22.54 -17.91 62.26
N ALA B 118 23.52 -18.32 63.07
CA ALA B 118 24.89 -18.46 62.62
C ALA B 118 25.10 -19.79 61.90
N PRO B 119 25.91 -19.81 60.84
CA PRO B 119 26.12 -21.05 60.10
C PRO B 119 27.06 -22.01 60.83
N SER B 120 26.77 -23.30 60.67
CA SER B 120 27.66 -24.35 61.15
C SER B 120 28.61 -24.71 60.02
N VAL B 121 29.90 -24.40 60.19
CA VAL B 121 30.89 -24.52 59.13
C VAL B 121 31.63 -25.83 59.27
N PHE B 122 31.91 -26.46 58.13
CA PHE B 122 32.67 -27.71 58.06
C PHE B 122 33.61 -27.63 56.87
N ILE B 123 34.76 -28.27 56.99
CA ILE B 123 35.72 -28.35 55.90
C ILE B 123 35.97 -29.81 55.57
N PHE B 124 36.08 -30.09 54.27
CA PHE B 124 36.25 -31.45 53.76
C PHE B 124 37.44 -31.45 52.81
N PRO B 125 38.51 -32.17 53.14
CA PRO B 125 39.67 -32.26 52.25
C PRO B 125 39.37 -33.15 51.06
N PRO B 126 40.21 -33.14 50.02
CA PRO B 126 39.96 -34.01 48.87
C PRO B 126 40.13 -35.48 49.23
N SER B 127 39.35 -36.31 48.56
CA SER B 127 39.51 -37.75 48.72
C SER B 127 40.82 -38.20 48.08
N ASP B 128 41.39 -39.28 48.63
CA ASP B 128 42.59 -39.86 48.03
C ASP B 128 42.29 -40.43 46.65
N GLU B 129 41.05 -40.87 46.42
CA GLU B 129 40.66 -41.38 45.11
C GLU B 129 40.64 -40.27 44.07
N GLN B 130 40.11 -39.09 44.42
CA GLN B 130 40.12 -37.97 43.49
C GLN B 130 41.54 -37.52 43.18
N LEU B 131 42.42 -37.55 44.18
CA LEU B 131 43.82 -37.19 43.96
C LEU B 131 44.52 -38.15 43.03
N LYS B 132 44.00 -39.37 42.89
CA LYS B 132 44.56 -40.30 41.90
C LYS B 132 44.31 -39.82 40.48
N SER B 133 43.25 -39.03 40.26
CA SER B 133 42.97 -38.52 38.93
C SER B 133 44.00 -37.47 38.52
N GLY B 134 44.17 -36.44 39.35
CA GLY B 134 45.06 -35.34 39.04
C GLY B 134 44.47 -34.00 39.37
N THR B 135 43.38 -34.02 40.14
CA THR B 135 42.67 -32.80 40.55
C THR B 135 42.21 -32.98 41.99
N ALA B 136 42.16 -31.86 42.71
CA ALA B 136 41.77 -31.84 44.11
C ALA B 136 40.66 -30.82 44.32
N SER B 137 39.64 -31.22 45.07
CA SER B 137 38.53 -30.34 45.44
C SER B 137 38.46 -30.28 46.96
N VAL B 138 38.52 -29.08 47.51
CA VAL B 138 38.27 -28.86 48.93
C VAL B 138 36.88 -28.24 49.05
N VAL B 139 36.10 -28.71 50.02
CA VAL B 139 34.72 -28.26 50.15
C VAL B 139 34.52 -27.62 51.52
N CYS B 140 33.94 -26.43 51.53
CA CYS B 140 33.52 -25.75 52.74
C CYS B 140 32.00 -25.70 52.77
N LEU B 141 31.42 -25.99 53.94
CA LEU B 141 29.97 -26.05 54.08
C LEU B 141 29.50 -25.13 55.19
N LEU B 142 28.57 -24.24 54.86
CA LEU B 142 27.90 -23.38 55.83
C LEU B 142 26.47 -23.90 55.94
N ASN B 143 26.11 -24.43 57.11
CA ASN B 143 24.85 -25.13 57.29
C ASN B 143 23.91 -24.32 58.16
N ASN B 144 22.71 -24.06 57.63
CA ASN B 144 21.56 -23.54 58.38
C ASN B 144 21.86 -22.15 58.95
N PHE B 145 21.99 -21.18 58.06
CA PHE B 145 22.21 -19.80 58.45
C PHE B 145 21.12 -18.90 57.85
N TYR B 146 20.74 -17.88 58.62
CA TYR B 146 19.89 -16.80 58.16
C TYR B 146 20.48 -15.53 58.76
N PRO B 147 20.60 -14.45 57.98
CA PRO B 147 20.19 -14.25 56.58
C PRO B 147 21.05 -15.00 55.56
N ARG B 148 20.80 -14.75 54.27
CA ARG B 148 21.54 -15.45 53.23
C ARG B 148 22.91 -14.84 52.98
N GLU B 149 23.06 -13.53 53.22
CA GLU B 149 24.35 -12.87 53.01
C GLU B 149 25.42 -13.51 53.88
N ALA B 150 26.45 -14.05 53.23
CA ALA B 150 27.55 -14.71 53.92
C ALA B 150 28.74 -14.77 52.98
N LYS B 151 29.94 -14.57 53.51
CA LYS B 151 31.14 -14.53 52.70
C LYS B 151 32.08 -15.65 53.13
N VAL B 152 32.61 -16.40 52.16
CA VAL B 152 33.63 -17.39 52.41
C VAL B 152 34.88 -17.00 51.63
N GLN B 153 36.04 -17.22 52.24
CA GLN B 153 37.33 -16.96 51.61
C GLN B 153 38.23 -18.15 51.80
N TRP B 154 38.85 -18.60 50.71
CA TRP B 154 39.77 -19.72 50.74
C TRP B 154 41.19 -19.22 50.94
N LYS B 155 41.88 -19.77 51.95
CA LYS B 155 43.24 -19.39 52.27
C LYS B 155 44.11 -20.64 52.23
N VAL B 156 45.06 -20.68 51.30
CA VAL B 156 45.98 -21.79 51.13
C VAL B 156 47.36 -21.31 51.57
N ASP B 157 47.84 -21.84 52.70
CA ASP B 157 49.05 -21.34 53.35
C ASP B 157 48.96 -19.83 53.58
N ASN B 158 47.78 -19.39 54.01
CA ASN B 158 47.47 -18.00 54.30
C ASN B 158 47.55 -17.09 53.08
N ALA B 159 47.49 -17.68 51.88
CA ALA B 159 47.39 -16.91 50.65
C ALA B 159 45.95 -16.95 50.17
N LEU B 160 45.40 -15.78 49.84
CA LEU B 160 44.01 -15.67 49.43
C LEU B 160 43.82 -16.23 48.03
N GLN B 161 42.77 -17.02 47.85
CA GLN B 161 42.47 -17.66 46.57
C GLN B 161 41.38 -16.86 45.85
N SER B 162 41.59 -16.60 44.57
CA SER B 162 40.63 -15.89 43.74
C SER B 162 40.45 -16.62 42.41
N GLY B 163 39.21 -16.81 42.01
CA GLY B 163 38.88 -17.37 40.71
C GLY B 163 39.00 -18.86 40.58
N ASN B 164 39.29 -19.59 41.66
CA ASN B 164 39.40 -21.04 41.61
C ASN B 164 38.44 -21.71 42.59
N SER B 165 37.29 -21.10 42.82
CA SER B 165 36.27 -21.65 43.70
C SER B 165 34.89 -21.28 43.16
N GLN B 166 33.90 -22.11 43.46
CA GLN B 166 32.53 -21.85 43.06
C GLN B 166 31.60 -22.17 44.21
N GLU B 167 30.52 -21.39 44.31
CA GLU B 167 29.56 -21.52 45.40
C GLU B 167 28.20 -21.97 44.90
N SER B 168 27.40 -22.50 45.83
CA SER B 168 26.03 -22.87 45.54
C SER B 168 25.23 -22.80 46.83
N VAL B 169 24.04 -22.23 46.75
CA VAL B 169 23.18 -22.02 47.91
C VAL B 169 21.86 -22.75 47.69
N THR B 170 21.35 -23.38 48.74
CA THR B 170 20.04 -24.01 48.66
C THR B 170 18.95 -22.95 48.71
N GLU B 171 17.71 -23.38 48.55
CA GLU B 171 16.55 -22.52 48.76
C GLU B 171 16.13 -22.57 50.23
N GLN B 172 15.41 -21.53 50.65
CA GLN B 172 14.96 -21.44 52.03
C GLN B 172 14.18 -22.68 52.42
N ASP B 173 14.57 -23.30 53.54
CA ASP B 173 13.95 -24.54 53.97
C ASP B 173 12.51 -24.29 54.39
N SER B 174 11.64 -25.25 54.08
CA SER B 174 10.22 -25.10 54.36
C SER B 174 9.92 -25.07 55.85
N LYS B 175 10.84 -25.54 56.69
CA LYS B 175 10.65 -25.57 58.12
C LYS B 175 11.52 -24.56 58.86
N ASP B 176 12.85 -24.68 58.75
N ASP B 176 12.84 -24.66 58.70
CA ASP B 176 13.70 -23.78 59.52
CA ASP B 176 13.76 -23.81 59.45
C ASP B 176 13.80 -22.39 58.91
C ASP B 176 13.77 -22.39 58.91
N SER B 177 13.41 -22.22 57.64
CA SER B 177 13.50 -20.94 56.93
C SER B 177 14.94 -20.40 56.93
N THR B 178 15.92 -21.30 56.88
CA THR B 178 17.33 -20.94 56.78
C THR B 178 17.86 -21.33 55.42
N TYR B 179 19.11 -20.95 55.16
CA TYR B 179 19.80 -21.30 53.92
C TYR B 179 21.02 -22.15 54.24
N SER B 180 21.64 -22.68 53.19
CA SER B 180 22.87 -23.45 53.33
C SER B 180 23.71 -23.24 52.07
N LEU B 181 25.02 -23.10 52.25
CA LEU B 181 25.93 -22.80 51.16
C LEU B 181 27.05 -23.83 51.13
N SER B 182 27.52 -24.17 49.93
CA SER B 182 28.67 -25.02 49.72
C SER B 182 29.62 -24.31 48.77
N SER B 183 30.90 -24.30 49.12
CA SER B 183 31.94 -23.67 48.31
C SER B 183 33.01 -24.69 47.98
N THR B 184 33.44 -24.72 46.73
CA THR B 184 34.41 -25.71 46.26
C THR B 184 35.63 -25.00 45.69
N LEU B 185 36.79 -25.32 46.25
CA LEU B 185 38.07 -24.84 45.76
C LEU B 185 38.71 -25.96 44.94
N THR B 186 38.96 -25.68 43.66
CA THR B 186 39.50 -26.65 42.72
C THR B 186 40.95 -26.31 42.41
N LEU B 187 41.85 -27.22 42.75
CA LEU B 187 43.27 -27.04 42.51
C LEU B 187 43.81 -28.25 41.74
N SER B 188 44.86 -28.02 40.96
CA SER B 188 45.59 -29.15 40.41
C SER B 188 46.27 -29.92 41.54
N LYS B 189 46.56 -31.19 41.27
CA LYS B 189 47.17 -32.02 42.32
C LYS B 189 48.55 -31.49 42.70
N ALA B 190 49.30 -30.96 41.72
CA ALA B 190 50.62 -30.41 42.01
C ALA B 190 50.53 -29.21 42.94
N ASP B 191 49.69 -28.22 42.58
CA ASP B 191 49.53 -27.05 43.44
C ASP B 191 48.95 -27.44 44.80
N TYR B 192 48.07 -28.44 44.83
CA TYR B 192 47.55 -28.91 46.11
C TYR B 192 48.67 -29.48 46.96
N GLU B 193 49.62 -30.17 46.34
CA GLU B 193 50.73 -30.79 47.06
C GLU B 193 51.91 -29.82 47.28
N LYS B 194 51.80 -28.58 46.82
CA LYS B 194 52.82 -27.59 47.12
C LYS B 194 52.58 -26.86 48.43
N HIS B 195 51.41 -27.02 49.07
CA HIS B 195 51.04 -26.25 50.24
C HIS B 195 50.54 -27.19 51.34
N LYS B 196 50.28 -26.61 52.52
CA LYS B 196 49.92 -27.43 53.67
C LYS B 196 48.60 -27.00 54.31
N VAL B 197 48.50 -25.76 54.77
CA VAL B 197 47.33 -25.31 55.49
C VAL B 197 46.25 -24.89 54.50
N TYR B 198 45.09 -25.53 54.59
CA TYR B 198 43.92 -25.19 53.79
C TYR B 198 42.82 -24.72 54.73
N ALA B 199 42.34 -23.49 54.49
CA ALA B 199 41.46 -22.82 55.43
C ALA B 199 40.27 -22.20 54.70
N CYS B 200 39.12 -22.25 55.36
CA CYS B 200 37.89 -21.61 54.91
C CYS B 200 37.47 -20.61 55.97
N GLU B 201 37.42 -19.33 55.61
CA GLU B 201 37.05 -18.27 56.53
C GLU B 201 35.64 -17.79 56.21
N VAL B 202 34.76 -17.84 57.20
CA VAL B 202 33.35 -17.53 57.03
C VAL B 202 33.02 -16.26 57.81
N THR B 203 32.38 -15.32 57.13
CA THR B 203 31.91 -14.07 57.72
C THR B 203 30.40 -14.00 57.56
N HIS B 204 29.70 -13.77 58.68
CA HIS B 204 28.25 -13.77 58.71
C HIS B 204 27.79 -12.99 59.93
N GLN B 205 26.62 -12.35 59.81
CA GLN B 205 26.08 -11.54 60.89
C GLN B 205 25.85 -12.37 62.16
N GLY B 206 25.48 -13.65 62.00
CA GLY B 206 25.31 -14.53 63.14
C GLY B 206 26.58 -14.84 63.90
N LEU B 207 27.74 -14.47 63.34
CA LEU B 207 29.03 -14.70 63.98
C LEU B 207 29.65 -13.36 64.35
N SER B 208 30.15 -13.28 65.59
CA SER B 208 30.76 -12.04 66.03
C SER B 208 32.12 -11.80 65.37
N SER B 209 32.79 -12.86 64.94
CA SER B 209 34.06 -12.76 64.24
C SER B 209 34.17 -13.91 63.26
N PRO B 210 34.89 -13.73 62.14
CA PRO B 210 34.94 -14.79 61.12
C PRO B 210 35.45 -16.10 61.69
N VAL B 211 34.72 -17.17 61.37
CA VAL B 211 35.05 -18.52 61.82
C VAL B 211 35.86 -19.21 60.73
N THR B 212 37.07 -19.65 61.07
CA THR B 212 37.97 -20.29 60.13
C THR B 212 38.06 -21.77 60.47
N LYS B 213 37.69 -22.63 59.52
CA LYS B 213 37.86 -24.07 59.65
C LYS B 213 38.95 -24.51 58.67
N SER B 214 39.91 -25.28 59.17
CA SER B 214 41.10 -25.57 58.38
C SER B 214 41.60 -26.98 58.66
N PHE B 215 42.36 -27.51 57.70
CA PHE B 215 43.08 -28.77 57.87
C PHE B 215 44.47 -28.60 57.29
N ASN B 216 45.33 -29.57 57.61
CA ASN B 216 46.70 -29.60 57.10
C ASN B 216 46.88 -30.86 56.26
N ARG B 217 47.35 -30.67 55.02
CA ARG B 217 47.49 -31.76 54.07
C ARG B 217 48.35 -32.89 54.63
N GLY B 218 47.79 -34.09 54.67
CA GLY B 218 48.52 -35.25 55.16
C GLY B 218 48.58 -35.39 56.66
N GLU B 219 47.46 -35.16 57.35
CA GLU B 219 47.39 -35.34 58.79
C GLU B 219 46.06 -36.00 59.15
N CYS B 220 46.12 -36.95 60.07
CA CYS B 220 44.95 -37.76 60.42
C CYS B 220 43.92 -36.93 61.20
N THR C 1 -31.43 -6.09 29.50
CA THR C 1 -32.17 -7.24 28.98
C THR C 1 -32.34 -7.11 27.47
N ASN C 2 -31.92 -5.96 26.94
CA ASN C 2 -31.88 -5.76 25.49
C ASN C 2 -30.60 -6.37 24.94
N LEU C 3 -30.73 -7.21 23.91
CA LEU C 3 -29.57 -7.84 23.29
C LEU C 3 -28.94 -6.89 22.28
N CYS C 4 -27.61 -6.75 22.35
CA CYS C 4 -26.92 -5.81 21.47
C CYS C 4 -27.06 -6.28 20.02
N PRO C 5 -27.26 -5.34 19.07
CA PRO C 5 -27.51 -5.69 17.68
C PRO C 5 -26.25 -6.03 16.87
N PHE C 6 -25.40 -6.89 17.44
CA PHE C 6 -24.21 -7.32 16.72
C PHE C 6 -24.55 -8.17 15.51
N GLY C 7 -25.69 -8.87 15.54
CA GLY C 7 -26.08 -9.68 14.41
C GLY C 7 -26.38 -8.86 13.17
N GLU C 8 -26.99 -7.68 13.36
CA GLU C 8 -27.20 -6.77 12.23
C GLU C 8 -25.88 -6.42 11.57
N VAL C 9 -24.82 -6.28 12.37
CA VAL C 9 -23.52 -5.88 11.83
C VAL C 9 -22.86 -7.04 11.11
N PHE C 10 -22.69 -8.18 11.79
CA PHE C 10 -21.93 -9.27 11.21
C PHE C 10 -22.71 -10.02 10.13
N ASN C 11 -24.04 -10.05 10.21
CA ASN C 11 -24.86 -10.82 9.28
C ASN C 11 -25.65 -9.93 8.31
N ALA C 12 -25.07 -8.79 7.92
CA ALA C 12 -25.72 -7.93 6.95
C ALA C 12 -25.60 -8.53 5.55
N THR C 13 -26.64 -8.31 4.74
CA THR C 13 -26.66 -8.87 3.40
C THR C 13 -25.53 -8.32 2.53
N THR C 14 -25.34 -7.00 2.58
CA THR C 14 -24.27 -6.35 1.83
C THR C 14 -23.52 -5.40 2.77
N PHE C 15 -22.21 -5.32 2.58
CA PHE C 15 -21.35 -4.47 3.39
C PHE C 15 -21.05 -3.18 2.63
N ALA C 16 -20.46 -2.22 3.36
CA ALA C 16 -20.14 -0.92 2.80
C ALA C 16 -18.81 -0.98 2.05
N SER C 17 -18.67 -0.07 1.09
CA SER C 17 -17.35 0.20 0.54
C SER C 17 -16.48 0.83 1.61
N VAL C 18 -15.17 0.64 1.48
CA VAL C 18 -14.27 1.05 2.56
C VAL C 18 -14.18 2.58 2.64
N TYR C 19 -14.22 3.27 1.50
CA TYR C 19 -14.18 4.74 1.54
C TYR C 19 -15.44 5.29 2.21
N ALA C 20 -16.55 4.57 2.11
CA ALA C 20 -17.79 4.97 2.77
C ALA C 20 -18.13 3.97 3.86
N TRP C 21 -17.18 3.71 4.75
CA TRP C 21 -17.34 2.66 5.76
C TRP C 21 -18.54 2.95 6.65
N ASN C 22 -19.18 1.89 7.12
CA ASN C 22 -20.35 2.04 7.95
C ASN C 22 -19.96 2.07 9.43
N ARG C 23 -20.75 2.81 10.21
CA ARG C 23 -20.53 2.92 11.64
C ARG C 23 -21.87 2.84 12.35
N LYS C 24 -21.94 2.00 13.38
CA LYS C 24 -23.13 1.90 14.24
C LYS C 24 -22.68 1.99 15.69
N ARG C 25 -23.22 2.96 16.42
CA ARG C 25 -22.94 3.09 17.84
C ARG C 25 -23.89 2.19 18.61
N ILE C 26 -23.34 1.45 19.57
CA ILE C 26 -24.06 0.42 20.31
C ILE C 26 -23.90 0.71 21.80
N SER C 27 -25.01 0.77 22.52
CA SER C 27 -25.02 0.99 23.96
C SER C 27 -26.36 0.48 24.50
N ASN C 28 -26.51 0.58 25.83
CA ASN C 28 -27.75 0.22 26.51
C ASN C 28 -28.23 -1.17 26.12
N CYS C 29 -27.34 -2.16 26.24
CA CYS C 29 -27.68 -3.52 25.86
C CYS C 29 -26.68 -4.47 26.48
N VAL C 30 -27.01 -5.76 26.42
CA VAL C 30 -26.15 -6.84 26.89
C VAL C 30 -25.68 -7.63 25.68
N ALA C 31 -24.42 -8.05 25.70
CA ALA C 31 -23.81 -8.73 24.57
C ALA C 31 -23.09 -9.98 25.05
N ASP C 32 -23.20 -11.06 24.25
CA ASP C 32 -22.46 -12.30 24.50
C ASP C 32 -21.33 -12.34 23.48
N TYR C 33 -20.16 -11.85 23.88
CA TYR C 33 -19.04 -11.72 22.96
C TYR C 33 -18.49 -13.07 22.53
N SER C 34 -18.83 -14.13 23.25
CA SER C 34 -18.31 -15.46 22.94
C SER C 34 -18.78 -15.92 21.57
N VAL C 35 -20.01 -15.55 21.19
CA VAL C 35 -20.60 -15.83 19.89
C VAL C 35 -19.62 -15.43 18.80
N LEU C 36 -18.77 -14.44 19.12
CA LEU C 36 -17.71 -14.01 18.23
C LEU C 36 -16.43 -14.83 18.40
N TYR C 37 -15.91 -14.97 19.62
CA TYR C 37 -14.62 -15.65 19.77
C TYR C 37 -14.75 -17.16 19.87
N ASN C 38 -15.96 -17.70 20.05
CA ASN C 38 -16.17 -19.14 19.94
C ASN C 38 -16.41 -19.59 18.51
N SER C 39 -16.32 -18.68 17.54
CA SER C 39 -16.66 -18.99 16.16
C SER C 39 -15.44 -19.52 15.41
N THR C 40 -15.71 -20.34 14.39
CA THR C 40 -14.68 -20.85 13.49
C THR C 40 -14.77 -20.25 12.09
N SER C 41 -15.68 -19.30 11.87
CA SER C 41 -15.92 -18.76 10.54
C SER C 41 -15.08 -17.54 10.22
N PHE C 42 -14.35 -17.00 11.19
CA PHE C 42 -13.53 -15.81 10.95
C PHE C 42 -12.11 -16.22 10.58
N SER C 43 -11.54 -15.50 9.61
CA SER C 43 -10.17 -15.77 9.20
C SER C 43 -9.15 -15.01 10.06
N THR C 44 -9.47 -13.80 10.51
CA THR C 44 -8.60 -13.07 11.43
C THR C 44 -9.45 -12.38 12.50
N PHE C 45 -8.82 -12.17 13.67
CA PHE C 45 -9.47 -11.74 14.93
C PHE C 45 -8.36 -11.12 15.79
N LYS C 46 -7.95 -9.90 15.39
CA LYS C 46 -6.82 -9.21 16.00
C LYS C 46 -7.34 -8.14 16.94
N CYS C 47 -7.19 -8.35 18.24
CA CYS C 47 -7.62 -7.40 19.25
C CYS C 47 -6.43 -6.61 19.78
N TYR C 48 -6.71 -5.37 20.17
CA TYR C 48 -5.70 -4.39 20.59
C TYR C 48 -6.23 -3.69 21.83
N GLY C 49 -5.46 -3.78 22.93
CA GLY C 49 -5.77 -3.07 24.15
C GLY C 49 -6.78 -3.72 25.06
N VAL C 50 -7.40 -4.82 24.66
CA VAL C 50 -8.41 -5.48 25.48
C VAL C 50 -8.46 -6.96 25.11
N SER C 51 -8.73 -7.80 26.11
CA SER C 51 -8.85 -9.23 25.90
C SER C 51 -10.30 -9.58 25.58
N PRO C 52 -10.59 -10.16 24.42
CA PRO C 52 -11.97 -10.58 24.16
C PRO C 52 -12.49 -11.63 25.14
N THR C 53 -11.60 -12.44 25.71
CA THR C 53 -12.01 -13.43 26.70
C THR C 53 -12.44 -12.79 28.02
N LYS C 54 -12.20 -11.49 28.20
CA LYS C 54 -12.59 -10.79 29.41
C LYS C 54 -13.67 -9.75 29.15
N LEU C 55 -14.20 -9.68 27.92
CA LEU C 55 -15.24 -8.70 27.61
C LEU C 55 -16.57 -9.03 28.29
N ASN C 56 -16.88 -10.32 28.45
CA ASN C 56 -18.12 -10.71 29.10
C ASN C 56 -18.17 -10.31 30.57
N ASP C 57 -17.07 -9.83 31.14
CA ASP C 57 -17.02 -9.36 32.52
C ASP C 57 -16.95 -7.84 32.61
N LEU C 58 -17.14 -7.13 31.50
CA LEU C 58 -16.85 -5.70 31.44
C LEU C 58 -18.03 -4.91 30.90
N CYS C 59 -18.11 -3.66 31.33
CA CYS C 59 -19.06 -2.69 30.82
C CYS C 59 -18.32 -1.50 30.24
N PHE C 60 -18.86 -0.94 29.17
CA PHE C 60 -18.32 0.27 28.55
C PHE C 60 -19.46 1.24 28.31
N THR C 61 -19.10 2.50 28.05
CA THR C 61 -20.15 3.47 27.74
C THR C 61 -20.59 3.38 26.29
N ASN C 62 -19.67 3.06 25.37
CA ASN C 62 -20.07 2.87 23.98
C ASN C 62 -19.22 1.79 23.33
N VAL C 63 -19.83 1.10 22.37
CA VAL C 63 -19.13 0.18 21.48
C VAL C 63 -19.47 0.58 20.05
N TYR C 64 -18.46 0.90 19.26
CA TYR C 64 -18.66 1.29 17.87
C TYR C 64 -18.37 0.11 16.95
N ALA C 65 -19.33 -0.20 16.08
CA ALA C 65 -19.18 -1.28 15.09
C ALA C 65 -19.06 -0.64 13.71
N ASP C 66 -17.83 -0.53 13.23
CA ASP C 66 -17.58 -0.12 11.86
C ASP C 66 -17.46 -1.36 10.99
N SER C 67 -17.86 -1.24 9.72
CA SER C 67 -17.83 -2.41 8.86
C SER C 67 -17.66 -1.97 7.42
N PHE C 68 -16.98 -2.80 6.64
CA PHE C 68 -16.66 -2.49 5.25
C PHE C 68 -16.01 -3.71 4.61
N VAL C 69 -15.70 -3.60 3.32
CA VAL C 69 -15.07 -4.65 2.54
C VAL C 69 -13.76 -4.11 1.96
N VAL C 70 -12.70 -4.92 2.04
CA VAL C 70 -11.45 -4.63 1.36
C VAL C 70 -10.97 -5.91 0.68
N ARG C 71 -9.84 -5.83 -0.02
CA ARG C 71 -9.28 -7.06 -0.56
C ARG C 71 -8.30 -7.67 0.44
N GLY C 72 -8.00 -8.96 0.24
CA GLY C 72 -7.33 -9.73 1.28
C GLY C 72 -6.03 -9.12 1.75
N ASP C 73 -5.16 -8.75 0.81
CA ASP C 73 -3.87 -8.16 1.16
C ASP C 73 -4.01 -6.89 1.98
N GLU C 74 -5.17 -6.25 1.95
CA GLU C 74 -5.37 -5.01 2.70
C GLU C 74 -5.95 -5.25 4.09
N VAL C 75 -6.31 -6.48 4.44
CA VAL C 75 -6.90 -6.72 5.76
C VAL C 75 -5.90 -6.36 6.86
N ARG C 76 -4.61 -6.61 6.63
CA ARG C 76 -3.60 -6.23 7.61
C ARG C 76 -3.51 -4.72 7.81
N GLN C 77 -3.96 -3.93 6.83
CA GLN C 77 -3.91 -2.47 6.98
C GLN C 77 -4.89 -1.96 8.02
N ILE C 78 -5.90 -2.75 8.38
CA ILE C 78 -6.89 -2.31 9.37
C ILE C 78 -6.31 -2.55 10.76
N ALA C 79 -5.42 -1.67 11.20
CA ALA C 79 -4.72 -1.78 12.48
C ALA C 79 -4.02 -0.47 12.78
N PRO C 80 -3.76 -0.16 14.05
CA PRO C 80 -2.98 1.04 14.36
C PRO C 80 -1.58 0.97 13.77
N GLY C 81 -1.07 2.14 13.41
CA GLY C 81 0.30 2.25 12.93
C GLY C 81 0.58 1.65 11.58
N GLN C 82 -0.44 1.51 10.73
CA GLN C 82 -0.26 0.97 9.39
C GLN C 82 -0.13 2.10 8.38
N THR C 83 0.62 1.84 7.32
CA THR C 83 0.80 2.77 6.22
C THR C 83 0.33 2.11 4.92
N GLY C 84 -0.41 2.87 4.13
CA GLY C 84 -0.97 2.36 2.89
C GLY C 84 -2.19 3.16 2.49
N ARG C 85 -2.72 2.82 1.32
CA ARG C 85 -3.83 3.61 0.78
C ARG C 85 -5.10 3.43 1.59
N ILE C 86 -5.29 2.27 2.21
CA ILE C 86 -6.47 2.06 3.04
C ILE C 86 -6.36 2.85 4.34
N ALA C 87 -5.25 2.66 5.06
CA ALA C 87 -5.05 3.37 6.33
C ALA C 87 -4.95 4.87 6.11
N GLY C 88 -4.32 5.30 5.03
CA GLY C 88 -4.14 6.70 4.77
C GLY C 88 -5.36 7.40 4.20
N TYR C 89 -6.05 6.76 3.25
CA TYR C 89 -7.08 7.43 2.47
C TYR C 89 -8.50 6.93 2.73
N ASN C 90 -8.68 5.83 3.47
CA ASN C 90 -10.01 5.24 3.55
C ASN C 90 -10.49 5.01 4.97
N TYR C 91 -9.73 4.25 5.76
CA TYR C 91 -10.12 3.93 7.13
C TYR C 91 -8.88 3.90 7.98
N LYS C 92 -8.86 4.69 9.05
CA LYS C 92 -7.68 4.92 9.88
C LYS C 92 -8.00 4.68 11.34
N LEU C 93 -7.16 3.87 12.01
CA LEU C 93 -7.35 3.62 13.43
C LEU C 93 -6.31 4.40 14.25
N PRO C 94 -6.67 4.85 15.46
CA PRO C 94 -5.72 5.62 16.26
C PRO C 94 -4.63 4.74 16.85
N ASP C 95 -3.54 5.39 17.26
CA ASP C 95 -2.41 4.67 17.84
C ASP C 95 -2.81 3.91 19.10
N ASP C 96 -3.69 4.51 19.92
CA ASP C 96 -4.17 3.87 21.15
C ASP C 96 -5.45 3.08 20.93
N PHE C 97 -5.57 2.43 19.77
CA PHE C 97 -6.81 1.73 19.43
C PHE C 97 -7.16 0.67 20.45
N THR C 98 -8.43 0.62 20.84
CA THR C 98 -8.92 -0.30 21.86
C THR C 98 -10.14 -1.04 21.29
N GLY C 99 -9.93 -2.25 20.77
CA GLY C 99 -11.02 -2.98 20.18
C GLY C 99 -10.50 -4.21 19.44
N CYS C 100 -11.32 -4.71 18.51
CA CYS C 100 -10.98 -5.92 17.79
C CYS C 100 -11.31 -5.74 16.31
N VAL C 101 -10.40 -6.21 15.46
CA VAL C 101 -10.56 -6.23 14.01
C VAL C 101 -10.83 -7.68 13.60
N ILE C 102 -12.06 -7.95 13.17
CA ILE C 102 -12.52 -9.29 12.85
C ILE C 102 -12.86 -9.31 11.36
N ALA C 103 -12.21 -10.20 10.62
CA ALA C 103 -12.38 -10.24 9.17
C ALA C 103 -12.51 -11.67 8.68
N TRP C 104 -13.29 -11.84 7.60
CA TRP C 104 -13.44 -13.15 6.97
C TRP C 104 -13.58 -13.00 5.46
N ASN C 105 -13.16 -14.06 4.76
CA ASN C 105 -13.27 -14.12 3.31
C ASN C 105 -14.73 -14.21 2.89
N SER C 106 -15.11 -13.39 1.91
CA SER C 106 -16.50 -13.35 1.44
C SER C 106 -16.56 -13.51 -0.07
N ASN C 107 -15.64 -14.29 -0.64
CA ASN C 107 -15.59 -14.46 -2.10
C ASN C 107 -16.89 -15.01 -2.65
N ASN C 108 -17.59 -15.85 -1.89
CA ASN C 108 -18.84 -16.45 -2.36
C ASN C 108 -19.99 -15.46 -2.35
N LEU C 109 -19.91 -14.40 -1.53
CA LEU C 109 -20.97 -13.41 -1.44
C LEU C 109 -20.69 -12.16 -2.28
N ASP C 110 -19.44 -11.76 -2.42
CA ASP C 110 -19.09 -10.47 -2.99
C ASP C 110 -18.36 -10.55 -4.32
N SER C 111 -18.04 -11.74 -4.80
CA SER C 111 -17.50 -11.90 -6.15
C SER C 111 -18.57 -12.46 -7.07
N LYS C 112 -18.31 -12.38 -8.36
CA LYS C 112 -19.34 -12.66 -9.35
C LYS C 112 -18.67 -12.99 -10.68
N VAL C 113 -19.14 -14.03 -11.35
CA VAL C 113 -18.72 -14.25 -12.73
C VAL C 113 -19.13 -13.04 -13.54
N GLY C 114 -18.20 -12.52 -14.34
CA GLY C 114 -18.35 -11.21 -14.94
C GLY C 114 -17.80 -10.08 -14.09
N GLY C 115 -17.63 -10.32 -12.78
CA GLY C 115 -17.01 -9.34 -11.91
C GLY C 115 -17.99 -8.47 -11.15
N ASN C 116 -17.79 -8.36 -9.85
CA ASN C 116 -18.51 -7.39 -9.02
C ASN C 116 -17.63 -6.15 -8.89
N TYR C 117 -18.11 -5.03 -9.42
CA TYR C 117 -17.38 -3.77 -9.38
C TYR C 117 -18.08 -2.72 -8.53
N ASN C 118 -18.95 -3.14 -7.61
CA ASN C 118 -19.73 -2.23 -6.80
C ASN C 118 -19.04 -1.85 -5.49
N TYR C 119 -17.87 -2.42 -5.21
CA TYR C 119 -17.09 -2.04 -4.04
C TYR C 119 -15.95 -1.14 -4.47
N LEU C 120 -15.81 0.00 -3.80
CA LEU C 120 -14.85 1.02 -4.20
C LEU C 120 -13.94 1.39 -3.04
N TYR C 121 -12.79 1.95 -3.38
CA TYR C 121 -11.84 2.50 -2.44
C TYR C 121 -11.36 3.85 -2.97
N ARG C 122 -10.87 4.68 -2.06
CA ARG C 122 -10.27 5.96 -2.46
C ARG C 122 -8.80 5.72 -2.77
N LEU C 123 -8.38 6.14 -3.96
CA LEU C 123 -7.02 5.95 -4.42
C LEU C 123 -6.13 7.16 -4.21
N PHE C 124 -6.68 8.37 -4.25
CA PHE C 124 -5.90 9.59 -4.14
C PHE C 124 -6.51 10.52 -3.10
N ARG C 125 -5.66 11.20 -2.35
CA ARG C 125 -6.11 12.19 -1.38
C ARG C 125 -4.96 13.13 -1.06
N LYS C 126 -5.29 14.40 -0.81
CA LYS C 126 -4.27 15.41 -0.56
C LYS C 126 -3.58 15.22 0.78
N SER C 127 -4.22 14.54 1.73
CA SER C 127 -3.61 14.29 3.03
C SER C 127 -4.24 13.05 3.64
N ASN C 128 -3.57 12.51 4.65
CA ASN C 128 -4.06 11.32 5.33
C ASN C 128 -5.25 11.65 6.22
N LEU C 129 -6.13 10.68 6.38
CA LEU C 129 -7.28 10.83 7.26
C LEU C 129 -6.86 10.82 8.72
N LYS C 130 -7.64 11.52 9.55
CA LYS C 130 -7.55 11.37 10.99
C LYS C 130 -8.23 10.08 11.41
N PRO C 131 -7.93 9.57 12.59
CA PRO C 131 -8.57 8.32 13.05
C PRO C 131 -10.08 8.42 13.06
N PHE C 132 -10.73 7.36 12.57
CA PHE C 132 -12.19 7.25 12.51
C PHE C 132 -12.83 8.37 11.70
N GLU C 133 -12.10 8.90 10.72
CA GLU C 133 -12.63 9.92 9.82
C GLU C 133 -13.10 9.27 8.52
N ARG C 134 -14.21 9.77 7.99
CA ARG C 134 -14.74 9.31 6.72
C ARG C 134 -14.68 10.44 5.68
N ASP C 135 -14.49 10.06 4.43
CA ASP C 135 -14.42 11.01 3.32
C ASP C 135 -15.17 10.42 2.14
N ILE C 136 -16.30 11.02 1.77
CA ILE C 136 -17.05 10.57 0.60
C ILE C 136 -17.02 11.66 -0.46
N SER C 137 -15.96 12.45 -0.49
CA SER C 137 -15.82 13.48 -1.52
C SER C 137 -15.44 12.83 -2.85
N THR C 138 -15.89 13.45 -3.95
CA THR C 138 -15.59 12.97 -5.30
C THR C 138 -14.97 14.05 -6.16
N GLU C 139 -14.22 14.97 -5.57
N GLU C 139 -14.21 14.96 -5.57
CA GLU C 139 -13.57 16.01 -6.36
CA GLU C 139 -13.55 16.01 -6.35
C GLU C 139 -12.40 15.42 -7.15
C GLU C 139 -12.39 15.42 -7.15
N ILE C 140 -12.11 16.06 -8.29
CA ILE C 140 -11.01 15.60 -9.14
C ILE C 140 -9.68 15.88 -8.44
N TYR C 141 -8.86 14.85 -8.33
CA TYR C 141 -7.56 14.96 -7.68
C TYR C 141 -6.53 15.48 -8.68
N GLN C 142 -5.88 16.58 -8.32
CA GLN C 142 -4.82 17.15 -9.13
C GLN C 142 -3.51 16.44 -8.79
N ALA C 143 -3.01 15.63 -9.71
CA ALA C 143 -1.79 14.88 -9.48
C ALA C 143 -0.54 15.65 -9.84
N GLY C 144 -0.64 16.60 -10.78
CA GLY C 144 0.51 17.35 -11.21
C GLY C 144 0.39 18.84 -10.93
N SER C 145 1.17 19.64 -11.64
CA SER C 145 1.19 21.09 -11.44
C SER C 145 0.02 21.79 -12.11
N THR C 146 -0.69 21.14 -13.02
CA THR C 146 -1.78 21.78 -13.76
C THR C 146 -3.08 21.68 -12.99
N PRO C 147 -3.81 22.78 -12.82
CA PRO C 147 -5.14 22.71 -12.21
C PRO C 147 -6.08 21.88 -13.08
N CYS C 148 -7.12 21.36 -12.45
CA CYS C 148 -8.06 20.46 -13.11
C CYS C 148 -9.40 21.09 -13.40
N ASN C 149 -9.93 21.89 -12.49
CA ASN C 149 -11.24 22.52 -12.64
C ASN C 149 -12.34 21.47 -12.85
N GLY C 150 -12.29 20.40 -12.07
CA GLY C 150 -13.38 19.45 -12.01
C GLY C 150 -13.63 18.64 -13.27
N VAL C 151 -12.61 18.42 -14.10
CA VAL C 151 -12.74 17.56 -15.28
C VAL C 151 -11.59 16.56 -15.29
N GLU C 152 -11.92 15.30 -15.56
CA GLU C 152 -10.91 14.26 -15.65
C GLU C 152 -9.99 14.52 -16.84
N GLY C 153 -8.77 14.00 -16.73
CA GLY C 153 -7.81 14.18 -17.80
C GLY C 153 -6.41 13.81 -17.33
N PHE C 154 -5.41 14.39 -18.00
CA PHE C 154 -4.02 14.13 -17.67
C PHE C 154 -3.69 14.72 -16.31
N ASN C 155 -3.19 13.87 -15.41
CA ASN C 155 -2.85 14.26 -14.04
C ASN C 155 -4.05 14.82 -13.28
N CYS C 156 -5.26 14.42 -13.69
CA CYS C 156 -6.51 14.87 -13.05
C CYS C 156 -7.41 13.64 -12.93
N TYR C 157 -7.34 12.99 -11.78
CA TYR C 157 -7.91 11.65 -11.62
C TYR C 157 -9.16 11.71 -10.76
N PHE C 158 -10.17 10.94 -11.14
CA PHE C 158 -11.27 10.69 -10.22
C PHE C 158 -10.72 9.91 -9.02
N PRO C 159 -11.04 10.33 -7.79
CA PRO C 159 -10.32 9.77 -6.63
C PRO C 159 -10.80 8.39 -6.21
N LEU C 160 -11.97 7.95 -6.64
CA LEU C 160 -12.50 6.64 -6.29
C LEU C 160 -12.22 5.64 -7.40
N GLN C 161 -11.97 4.40 -7.00
CA GLN C 161 -11.67 3.32 -7.93
C GLN C 161 -12.32 2.03 -7.44
N SER C 162 -12.67 1.16 -8.38
CA SER C 162 -13.41 -0.06 -8.08
C SER C 162 -12.47 -1.22 -7.80
N TYR C 163 -12.83 -2.04 -6.81
CA TYR C 163 -12.31 -3.40 -6.76
C TYR C 163 -12.95 -4.21 -7.88
N GLY C 164 -12.15 -5.07 -8.51
CA GLY C 164 -12.69 -6.00 -9.48
C GLY C 164 -12.77 -7.39 -8.92
N PHE C 165 -13.85 -7.72 -8.22
CA PHE C 165 -13.96 -8.99 -7.50
C PHE C 165 -14.56 -10.03 -8.43
N HIS C 166 -13.70 -10.79 -9.10
CA HIS C 166 -14.08 -11.98 -9.84
C HIS C 166 -13.79 -13.22 -9.00
N PRO C 167 -14.58 -14.29 -9.14
CA PRO C 167 -14.38 -15.46 -8.27
C PRO C 167 -13.05 -16.15 -8.48
N THR C 168 -12.39 -15.93 -9.61
CA THR C 168 -11.13 -16.56 -9.93
C THR C 168 -9.93 -15.79 -9.41
N ASN C 169 -10.14 -14.67 -8.71
CA ASN C 169 -9.03 -13.90 -8.19
C ASN C 169 -8.23 -14.71 -7.17
N GLY C 170 -6.92 -14.45 -7.14
CA GLY C 170 -6.10 -14.92 -6.05
C GLY C 170 -6.63 -14.43 -4.71
N VAL C 171 -6.28 -15.17 -3.66
CA VAL C 171 -6.87 -14.89 -2.35
C VAL C 171 -6.53 -13.49 -1.88
N GLY C 172 -5.37 -12.96 -2.29
CA GLY C 172 -5.00 -11.60 -1.89
C GLY C 172 -5.90 -10.56 -2.53
N TYR C 173 -6.50 -10.88 -3.67
CA TYR C 173 -7.39 -9.98 -4.36
C TYR C 173 -8.86 -10.35 -4.23
N GLN C 174 -9.18 -11.29 -3.34
CA GLN C 174 -10.57 -11.67 -3.09
C GLN C 174 -11.17 -10.76 -2.03
N PRO C 175 -12.49 -10.59 -2.01
CA PRO C 175 -13.11 -9.69 -1.04
C PRO C 175 -13.15 -10.29 0.37
N TYR C 176 -12.82 -9.44 1.34
CA TYR C 176 -12.93 -9.76 2.76
C TYR C 176 -13.83 -8.74 3.42
N ARG C 177 -14.77 -9.24 4.21
CA ARG C 177 -15.62 -8.40 5.04
C ARG C 177 -14.97 -8.21 6.41
N VAL C 178 -15.01 -6.97 6.89
CA VAL C 178 -14.29 -6.54 8.07
C VAL C 178 -15.25 -5.81 8.99
N VAL C 179 -15.27 -6.22 10.25
CA VAL C 179 -15.96 -5.54 11.34
C VAL C 179 -14.91 -5.09 12.34
N VAL C 180 -14.99 -3.83 12.76
CA VAL C 180 -14.11 -3.23 13.75
C VAL C 180 -14.97 -2.85 14.94
N LEU C 181 -14.64 -3.39 16.11
CA LEU C 181 -15.33 -3.07 17.35
C LEU C 181 -14.41 -2.19 18.20
N SER C 182 -14.88 -0.99 18.52
CA SER C 182 -14.17 -0.06 19.39
C SER C 182 -14.90 0.06 20.71
N PHE C 183 -14.16 0.08 21.80
CA PHE C 183 -14.73 0.15 23.14
C PHE C 183 -14.30 1.46 23.79
N GLU C 184 -15.25 2.20 24.33
CA GLU C 184 -14.92 3.47 24.96
C GLU C 184 -15.69 3.64 26.27
N LEU C 185 -14.98 4.18 27.26
CA LEU C 185 -15.51 4.44 28.60
C LEU C 185 -15.31 5.92 28.88
N LEU C 186 -16.38 6.71 28.75
CA LEU C 186 -16.34 8.12 29.05
C LEU C 186 -16.80 8.35 30.49
N ASN C 187 -16.86 9.61 30.90
CA ASN C 187 -17.42 9.96 32.21
C ASN C 187 -18.94 9.93 32.12
N ALA C 188 -19.46 8.71 32.01
CA ALA C 188 -20.88 8.48 31.81
C ALA C 188 -21.19 7.05 32.25
N PRO C 189 -22.46 6.75 32.56
CA PRO C 189 -22.82 5.37 32.88
C PRO C 189 -22.44 4.41 31.76
N ALA C 190 -21.76 3.33 32.14
CA ALA C 190 -21.35 2.29 31.20
C ALA C 190 -22.51 1.32 31.04
N THR C 191 -23.17 1.36 29.88
CA THR C 191 -24.45 0.70 29.70
C THR C 191 -24.42 -0.49 28.74
N VAL C 192 -23.31 -0.74 28.04
CA VAL C 192 -23.18 -1.92 27.20
C VAL C 192 -22.22 -2.88 27.89
N CYS C 193 -22.72 -4.08 28.21
CA CYS C 193 -22.02 -5.00 29.08
C CYS C 193 -22.10 -6.42 28.52
N GLY C 194 -21.22 -7.27 29.04
CA GLY C 194 -21.41 -8.69 28.94
C GLY C 194 -22.35 -9.19 30.01
N PRO C 195 -22.72 -10.47 29.92
CA PRO C 195 -23.70 -11.01 30.88
C PRO C 195 -23.21 -10.93 32.33
N LYS C 196 -21.93 -11.12 32.58
CA LYS C 196 -21.38 -11.07 33.92
C LYS C 196 -20.94 -9.66 34.32
N GLY C 197 -21.35 -8.64 33.57
CA GLY C 197 -20.98 -7.27 33.90
C GLY C 197 -22.17 -6.41 34.29
N GLN D 1 8.63 -21.88 -31.62
CA GLN D 1 7.57 -20.88 -31.60
C GLN D 1 6.57 -21.17 -30.49
N MET D 2 5.32 -20.77 -30.72
CA MET D 2 4.25 -20.90 -29.74
C MET D 2 2.96 -21.28 -30.45
N GLN D 3 2.17 -22.15 -29.84
CA GLN D 3 0.88 -22.55 -30.39
C GLN D 3 -0.20 -22.46 -29.32
N LEU D 4 -1.38 -22.01 -29.74
CA LEU D 4 -2.55 -21.89 -28.86
C LEU D 4 -3.64 -22.80 -29.40
N VAL D 5 -4.13 -23.71 -28.56
CA VAL D 5 -5.19 -24.66 -28.93
C VAL D 5 -6.38 -24.42 -28.01
N GLN D 6 -7.55 -24.20 -28.61
CA GLN D 6 -8.75 -23.81 -27.88
C GLN D 6 -9.71 -24.99 -27.68
N SER D 7 -10.69 -24.77 -26.81
N SER D 7 -10.69 -24.77 -26.82
CA SER D 7 -11.70 -25.79 -26.56
CA SER D 7 -11.72 -25.76 -26.56
C SER D 7 -12.59 -25.98 -27.79
C SER D 7 -12.57 -25.99 -27.81
N GLY D 8 -13.38 -27.06 -27.77
CA GLY D 8 -14.20 -27.43 -28.90
C GLY D 8 -15.47 -26.62 -29.04
N THR D 9 -16.24 -26.96 -30.09
CA THR D 9 -17.46 -26.26 -30.40
C THR D 9 -18.46 -26.36 -29.25
N GLU D 10 -19.22 -25.29 -29.03
CA GLU D 10 -20.17 -25.20 -27.93
C GLU D 10 -21.54 -24.82 -28.46
N VAL D 11 -22.56 -25.52 -27.97
CA VAL D 11 -23.96 -25.26 -28.30
C VAL D 11 -24.73 -25.23 -26.99
N LYS D 12 -25.32 -24.07 -26.68
CA LYS D 12 -25.93 -23.87 -25.37
C LYS D 12 -27.29 -23.20 -25.52
N LYS D 13 -28.10 -23.32 -24.45
CA LYS D 13 -29.37 -22.66 -24.26
C LYS D 13 -29.17 -21.32 -23.54
N PRO D 14 -30.04 -20.34 -23.75
CA PRO D 14 -29.94 -19.09 -23.00
C PRO D 14 -30.06 -19.35 -21.50
N GLY D 15 -29.32 -18.57 -20.73
CA GLY D 15 -29.30 -18.71 -19.29
C GLY D 15 -28.27 -19.69 -18.73
N GLU D 16 -27.51 -20.37 -19.59
CA GLU D 16 -26.51 -21.32 -19.14
C GLU D 16 -25.15 -20.64 -19.01
N SER D 17 -24.31 -21.23 -18.17
CA SER D 17 -22.95 -20.75 -17.98
C SER D 17 -22.01 -21.42 -18.98
N LEU D 18 -20.85 -20.81 -19.19
CA LEU D 18 -19.91 -21.35 -20.16
C LEU D 18 -18.50 -20.88 -19.83
N LYS D 19 -17.53 -21.79 -19.93
CA LYS D 19 -16.12 -21.50 -19.66
C LYS D 19 -15.29 -22.20 -20.72
N ILE D 20 -14.81 -21.44 -21.70
CA ILE D 20 -13.98 -21.97 -22.78
C ILE D 20 -12.52 -21.65 -22.47
N SER D 21 -11.63 -22.50 -22.98
CA SER D 21 -10.22 -22.48 -22.59
C SER D 21 -9.32 -22.30 -23.82
N CYS D 22 -8.05 -22.05 -23.54
CA CYS D 22 -7.05 -21.78 -24.57
C CYS D 22 -5.69 -22.12 -23.98
N LYS D 23 -5.08 -23.20 -24.45
CA LYS D 23 -3.82 -23.70 -23.89
C LYS D 23 -2.66 -23.39 -24.82
N GLY D 24 -1.55 -22.94 -24.24
CA GLY D 24 -0.35 -22.65 -25.00
C GLY D 24 0.70 -23.73 -24.83
N SER D 25 1.45 -23.97 -25.91
CA SER D 25 2.54 -24.93 -25.87
C SER D 25 3.64 -24.45 -26.80
N GLY D 26 4.87 -24.50 -26.32
CA GLY D 26 6.01 -23.97 -27.02
C GLY D 26 6.94 -23.31 -26.04
N TYR D 27 7.91 -22.56 -26.56
CA TYR D 27 8.95 -21.95 -25.76
C TYR D 27 8.59 -20.52 -25.42
N GLY D 28 8.95 -20.09 -24.21
CA GLY D 28 8.76 -18.71 -23.82
C GLY D 28 7.34 -18.30 -23.53
N PHE D 29 6.49 -19.24 -23.09
CA PHE D 29 5.13 -18.86 -22.70
C PHE D 29 5.13 -17.90 -21.52
N ILE D 30 6.22 -17.86 -20.74
CA ILE D 30 6.31 -16.95 -19.61
C ILE D 30 6.14 -15.50 -20.06
N THR D 31 6.53 -15.19 -21.30
CA THR D 31 6.48 -13.83 -21.80
C THR D 31 5.15 -13.47 -22.44
N TYR D 32 4.23 -14.43 -22.60
CA TYR D 32 3.06 -14.23 -23.44
C TYR D 32 1.87 -13.71 -22.66
N TRP D 33 1.18 -12.74 -23.27
CA TRP D 33 -0.11 -12.25 -22.82
C TRP D 33 -1.18 -12.78 -23.78
N ILE D 34 -2.31 -13.21 -23.21
CA ILE D 34 -3.37 -13.84 -23.99
C ILE D 34 -4.62 -12.98 -23.91
N GLY D 35 -5.07 -12.48 -25.07
CA GLY D 35 -6.33 -11.78 -25.19
C GLY D 35 -7.38 -12.64 -25.89
N TRP D 36 -8.62 -12.20 -25.75
CA TRP D 36 -9.77 -12.86 -26.36
C TRP D 36 -10.44 -11.93 -27.35
N VAL D 37 -10.78 -12.45 -28.52
CA VAL D 37 -11.39 -11.68 -29.61
C VAL D 37 -12.70 -12.34 -29.99
N ARG D 38 -13.78 -11.56 -30.00
CA ARG D 38 -15.09 -12.03 -30.41
C ARG D 38 -15.35 -11.66 -31.86
N GLN D 39 -15.91 -12.59 -32.62
CA GLN D 39 -16.28 -12.36 -34.00
C GLN D 39 -17.68 -12.92 -34.22
N MET D 40 -18.67 -12.03 -34.25
CA MET D 40 -20.02 -12.42 -34.60
C MET D 40 -20.07 -12.84 -36.08
N PRO D 41 -20.98 -13.73 -36.44
CA PRO D 41 -21.00 -14.26 -37.82
C PRO D 41 -21.12 -13.15 -38.86
N GLY D 42 -20.25 -13.21 -39.86
CA GLY D 42 -20.19 -12.21 -40.90
C GLY D 42 -19.79 -10.83 -40.45
N LYS D 43 -19.19 -10.70 -39.26
CA LYS D 43 -18.82 -9.40 -38.70
C LYS D 43 -17.32 -9.34 -38.46
N GLY D 44 -16.86 -8.22 -37.90
CA GLY D 44 -15.45 -7.96 -37.73
C GLY D 44 -14.90 -8.51 -36.43
N LEU D 45 -13.71 -8.04 -36.09
CA LEU D 45 -12.98 -8.48 -34.90
C LEU D 45 -13.18 -7.47 -33.76
N GLU D 46 -13.54 -7.98 -32.58
CA GLU D 46 -13.72 -7.15 -31.40
C GLU D 46 -12.85 -7.69 -30.28
N TRP D 47 -11.93 -6.87 -29.80
CA TRP D 47 -11.07 -7.23 -28.69
C TRP D 47 -11.86 -7.17 -27.39
N MET D 48 -11.81 -8.25 -26.61
CA MET D 48 -12.56 -8.36 -25.37
C MET D 48 -11.73 -8.07 -24.13
N GLY D 49 -10.47 -8.43 -24.14
CA GLY D 49 -9.64 -8.31 -22.96
C GLY D 49 -8.38 -9.13 -23.10
N ILE D 50 -7.52 -9.01 -22.09
CA ILE D 50 -6.22 -9.65 -22.10
C ILE D 50 -5.84 -10.01 -20.67
N ILE D 51 -4.99 -11.01 -20.53
CA ILE D 51 -4.50 -11.44 -19.22
C ILE D 51 -3.05 -11.89 -19.37
N TYR D 52 -2.24 -11.55 -18.39
CA TYR D 52 -0.89 -12.11 -18.29
C TYR D 52 -0.95 -13.27 -17.30
N PRO D 53 -0.84 -14.51 -17.76
CA PRO D 53 -1.02 -15.65 -16.85
C PRO D 53 0.02 -15.71 -15.72
N GLY D 54 1.15 -15.04 -15.86
CA GLY D 54 2.19 -15.13 -14.84
C GLY D 54 1.75 -14.58 -13.49
N ASP D 55 0.96 -13.51 -13.49
CA ASP D 55 0.44 -12.94 -12.25
C ASP D 55 -1.05 -12.63 -12.35
N SER D 56 -1.70 -13.00 -13.45
CA SER D 56 -3.13 -12.83 -13.65
C SER D 56 -3.57 -11.37 -13.70
N GLU D 57 -2.68 -10.46 -14.10
CA GLU D 57 -3.12 -9.12 -14.45
C GLU D 57 -4.10 -9.22 -15.61
N THR D 58 -5.27 -8.60 -15.45
CA THR D 58 -6.37 -8.78 -16.39
C THR D 58 -6.95 -7.41 -16.72
N ARG D 59 -7.10 -7.14 -18.02
CA ARG D 59 -7.70 -5.89 -18.49
C ARG D 59 -8.84 -6.20 -19.44
N TYR D 60 -9.99 -5.60 -19.17
CA TYR D 60 -11.17 -5.80 -20.00
C TYR D 60 -11.40 -4.58 -20.89
N SER D 61 -11.87 -4.84 -22.10
CA SER D 61 -12.39 -3.76 -22.92
C SER D 61 -13.58 -3.11 -22.21
N PRO D 62 -13.77 -1.81 -22.37
CA PRO D 62 -14.95 -1.16 -21.77
C PRO D 62 -16.26 -1.71 -22.29
N SER D 63 -16.28 -2.27 -23.49
CA SER D 63 -17.49 -2.86 -24.05
C SER D 63 -17.82 -4.22 -23.45
N PHE D 64 -16.87 -4.87 -22.79
CA PHE D 64 -17.08 -6.21 -22.26
C PHE D 64 -16.89 -6.33 -20.75
N GLN D 65 -16.39 -5.29 -20.07
CA GLN D 65 -16.21 -5.38 -18.63
C GLN D 65 -17.55 -5.52 -17.93
N GLY D 66 -17.58 -6.37 -16.90
CA GLY D 66 -18.82 -6.72 -16.23
C GLY D 66 -19.62 -7.80 -16.91
N GLN D 67 -19.27 -8.17 -18.14
N GLN D 67 -19.26 -8.17 -18.13
CA GLN D 67 -20.02 -9.18 -18.88
CA GLN D 67 -20.00 -9.14 -18.92
C GLN D 67 -19.37 -10.55 -18.89
C GLN D 67 -19.36 -10.52 -18.94
N VAL D 68 -18.03 -10.60 -18.83
CA VAL D 68 -17.29 -11.86 -18.86
C VAL D 68 -16.25 -11.86 -17.75
N THR D 69 -15.77 -13.05 -17.42
CA THR D 69 -14.62 -13.22 -16.55
C THR D 69 -13.52 -13.92 -17.33
N ILE D 70 -12.35 -13.29 -17.38
CA ILE D 70 -11.15 -13.86 -17.97
C ILE D 70 -10.22 -14.29 -16.85
N SER D 71 -9.67 -15.50 -16.96
CA SER D 71 -8.79 -16.00 -15.91
C SER D 71 -7.70 -16.85 -16.54
N ALA D 72 -6.84 -17.41 -15.70
CA ALA D 72 -5.74 -18.24 -16.20
C ALA D 72 -5.27 -19.19 -15.11
N ASP D 73 -4.94 -20.40 -15.52
CA ASP D 73 -4.19 -21.37 -14.73
C ASP D 73 -2.79 -21.42 -15.34
N LYS D 74 -1.83 -20.81 -14.65
CA LYS D 74 -0.46 -20.73 -15.15
C LYS D 74 0.25 -22.07 -15.11
N SER D 75 -0.18 -22.98 -14.24
CA SER D 75 0.47 -24.28 -14.12
C SER D 75 0.24 -25.15 -15.35
N ILE D 76 -0.76 -24.85 -16.17
CA ILE D 76 -1.01 -25.61 -17.39
C ILE D 76 -1.09 -24.68 -18.58
N ASN D 77 -0.56 -23.46 -18.43
CA ASN D 77 -0.44 -22.50 -19.53
C ASN D 77 -1.78 -22.21 -20.19
N THR D 78 -2.85 -22.11 -19.39
CA THR D 78 -4.19 -22.08 -19.94
C THR D 78 -4.93 -20.81 -19.53
N ALA D 79 -5.57 -20.16 -20.50
CA ALA D 79 -6.40 -18.99 -20.24
C ALA D 79 -7.87 -19.35 -20.48
N TYR D 80 -8.75 -18.68 -19.75
CA TYR D 80 -10.17 -19.00 -19.73
C TYR D 80 -11.00 -17.75 -19.97
N LEU D 81 -12.09 -17.94 -20.72
CA LEU D 81 -13.12 -16.92 -20.90
C LEU D 81 -14.45 -17.53 -20.48
N GLN D 82 -15.21 -16.84 -19.63
CA GLN D 82 -16.44 -17.45 -19.14
C GLN D 82 -17.55 -16.43 -18.96
N TRP D 83 -18.76 -16.88 -19.27
CA TRP D 83 -20.02 -16.20 -18.99
C TRP D 83 -20.78 -16.99 -17.93
N SER D 84 -21.64 -16.30 -17.19
CA SER D 84 -22.49 -16.95 -16.19
C SER D 84 -23.91 -17.20 -16.70
N SER D 85 -24.45 -16.32 -17.54
CA SER D 85 -25.80 -16.46 -18.08
C SER D 85 -25.76 -16.06 -19.55
N LEU D 86 -25.70 -17.07 -20.43
CA LEU D 86 -25.56 -16.81 -21.85
C LEU D 86 -26.85 -16.24 -22.44
N LYS D 87 -26.68 -15.41 -23.46
CA LYS D 87 -27.77 -14.88 -24.26
C LYS D 87 -27.53 -15.25 -25.72
N ALA D 88 -28.60 -15.22 -26.51
CA ALA D 88 -28.47 -15.56 -27.93
C ALA D 88 -27.53 -14.60 -28.66
N SER D 89 -27.33 -13.39 -28.13
CA SER D 89 -26.41 -12.44 -28.72
C SER D 89 -24.94 -12.79 -28.48
N ASP D 90 -24.66 -13.72 -27.57
CA ASP D 90 -23.30 -14.21 -27.36
C ASP D 90 -22.86 -15.17 -28.45
N THR D 91 -23.76 -15.52 -29.37
CA THR D 91 -23.43 -16.42 -30.47
C THR D 91 -22.37 -15.79 -31.37
N ALA D 92 -21.23 -16.46 -31.48
CA ALA D 92 -20.09 -15.94 -32.24
C ALA D 92 -18.96 -16.97 -32.22
N ILE D 93 -17.87 -16.68 -32.92
CA ILE D 93 -16.65 -17.46 -32.77
C ILE D 93 -15.68 -16.65 -31.91
N TYR D 94 -15.00 -17.33 -30.99
CA TYR D 94 -14.13 -16.68 -30.03
C TYR D 94 -12.71 -17.18 -30.22
N TYR D 95 -11.81 -16.28 -30.59
CA TYR D 95 -10.40 -16.60 -30.75
C TYR D 95 -9.63 -16.18 -29.51
N CYS D 96 -8.62 -16.96 -29.15
CA CYS D 96 -7.60 -16.48 -28.24
C CYS D 96 -6.35 -16.16 -29.05
N ALA D 97 -5.66 -15.11 -28.63
CA ALA D 97 -4.48 -14.65 -29.35
C ALA D 97 -3.41 -14.23 -28.35
N GLY D 98 -2.16 -14.51 -28.68
CA GLY D 98 -1.05 -14.24 -27.80
C GLY D 98 -0.11 -13.20 -28.39
N GLY D 99 0.52 -12.45 -27.49
CA GLY D 99 1.63 -11.58 -27.88
C GLY D 99 2.63 -11.55 -26.75
N SER D 100 3.92 -11.64 -27.06
CA SER D 100 4.94 -11.73 -26.01
C SER D 100 5.14 -10.43 -25.24
N GLY D 101 4.07 -9.71 -24.94
CA GLY D 101 4.17 -8.46 -24.19
C GLY D 101 2.92 -7.63 -24.39
N ILE D 102 2.76 -6.64 -23.54
CA ILE D 102 1.67 -5.70 -23.76
C ILE D 102 2.19 -4.62 -24.71
N SER D 103 1.27 -4.00 -25.44
CA SER D 103 1.62 -3.11 -26.55
C SER D 103 2.53 -3.83 -27.55
N THR D 104 2.18 -5.08 -27.84
CA THR D 104 2.79 -6.01 -28.77
C THR D 104 1.72 -6.50 -29.74
N PRO D 105 2.06 -6.81 -30.98
CA PRO D 105 1.07 -7.39 -31.90
C PRO D 105 0.70 -8.81 -31.50
N MET D 106 -0.49 -9.23 -31.94
CA MET D 106 -0.99 -10.58 -31.68
C MET D 106 -0.41 -11.51 -32.73
N ASP D 107 0.73 -12.10 -32.43
CA ASP D 107 1.49 -12.88 -33.40
C ASP D 107 1.12 -14.36 -33.45
N VAL D 108 0.42 -14.88 -32.43
N VAL D 108 0.40 -14.86 -32.45
CA VAL D 108 -0.03 -16.26 -32.41
CA VAL D 108 -0.02 -16.25 -32.38
C VAL D 108 -1.52 -16.29 -32.13
C VAL D 108 -1.51 -16.30 -32.11
N TRP D 109 -2.25 -17.12 -32.86
CA TRP D 109 -3.69 -17.22 -32.73
C TRP D 109 -4.10 -18.68 -32.54
N GLY D 110 -5.17 -18.88 -31.76
CA GLY D 110 -5.80 -20.18 -31.67
C GLY D 110 -6.72 -20.43 -32.85
N GLN D 111 -7.20 -21.67 -32.95
CA GLN D 111 -8.04 -22.03 -34.08
C GLN D 111 -9.43 -21.43 -34.00
N GLY D 112 -9.87 -21.04 -32.81
CA GLY D 112 -11.19 -20.48 -32.63
C GLY D 112 -12.16 -21.46 -32.03
N THR D 113 -13.05 -20.97 -31.18
CA THR D 113 -14.10 -21.79 -30.55
C THR D 113 -15.44 -21.22 -30.97
N THR D 114 -16.18 -22.00 -31.77
CA THR D 114 -17.49 -21.58 -32.23
C THR D 114 -18.53 -21.80 -31.13
N VAL D 115 -19.31 -20.77 -30.84
CA VAL D 115 -20.30 -20.80 -29.77
C VAL D 115 -21.65 -20.40 -30.35
N THR D 116 -22.63 -21.27 -30.19
CA THR D 116 -24.01 -21.00 -30.57
C THR D 116 -24.88 -21.01 -29.32
N VAL D 117 -25.73 -20.00 -29.18
CA VAL D 117 -26.66 -19.90 -28.07
C VAL D 117 -28.06 -19.73 -28.66
N SER D 118 -28.97 -20.63 -28.30
CA SER D 118 -30.29 -20.61 -28.89
C SER D 118 -31.23 -21.47 -28.06
N SER D 119 -32.51 -21.12 -28.11
CA SER D 119 -33.54 -21.96 -27.49
C SER D 119 -33.81 -23.23 -28.28
N ALA D 120 -33.29 -23.34 -29.49
CA ALA D 120 -33.54 -24.49 -30.34
C ALA D 120 -32.86 -25.74 -29.77
N SER D 121 -33.32 -26.89 -30.23
CA SER D 121 -32.81 -28.18 -29.79
C SER D 121 -32.26 -28.96 -30.98
N THR D 122 -31.45 -29.96 -30.67
CA THR D 122 -30.83 -30.78 -31.71
C THR D 122 -31.88 -31.45 -32.57
N LYS D 123 -31.76 -31.29 -33.88
CA LYS D 123 -32.67 -31.93 -34.82
C LYS D 123 -31.94 -32.20 -36.12
N GLY D 124 -32.10 -33.41 -36.65
CA GLY D 124 -31.52 -33.78 -37.92
C GLY D 124 -32.25 -33.14 -39.08
N PRO D 125 -31.58 -33.03 -40.22
CA PRO D 125 -32.18 -32.35 -41.37
C PRO D 125 -33.09 -33.24 -42.17
N SER D 126 -34.01 -32.60 -42.89
CA SER D 126 -34.80 -33.25 -43.92
C SER D 126 -34.20 -32.90 -45.27
N VAL D 127 -33.91 -33.92 -46.08
CA VAL D 127 -33.24 -33.75 -47.36
C VAL D 127 -34.27 -33.96 -48.46
N PHE D 128 -34.48 -32.93 -49.27
CA PHE D 128 -35.43 -32.98 -50.38
C PHE D 128 -34.71 -32.74 -51.70
N PRO D 129 -35.09 -33.44 -52.77
CA PRO D 129 -34.34 -33.30 -54.02
C PRO D 129 -34.67 -32.02 -54.76
N LEU D 130 -33.65 -31.49 -55.44
CA LEU D 130 -33.82 -30.41 -56.41
C LEU D 130 -33.60 -31.04 -57.78
N ALA D 131 -34.69 -31.53 -58.35
CA ALA D 131 -34.65 -32.37 -59.54
C ALA D 131 -34.34 -31.55 -60.78
N PRO D 132 -33.67 -32.15 -61.76
CA PRO D 132 -33.29 -31.39 -62.96
C PRO D 132 -34.47 -31.20 -63.90
N SER D 133 -34.53 -30.04 -64.51
CA SER D 133 -35.56 -29.73 -65.48
C SER D 133 -35.12 -30.16 -66.88
N SER D 134 -36.10 -30.31 -67.76
CA SER D 134 -35.85 -30.66 -69.16
C SER D 134 -35.69 -29.37 -69.94
N LYS D 135 -34.44 -29.03 -70.28
CA LYS D 135 -34.15 -27.81 -71.02
C LYS D 135 -33.34 -28.11 -72.29
N GLY D 140 -24.88 -29.91 -73.88
CA GLY D 140 -25.58 -29.19 -72.83
C GLY D 140 -25.38 -29.78 -71.45
N THR D 141 -25.64 -28.97 -70.42
CA THR D 141 -25.47 -29.41 -69.04
C THR D 141 -26.76 -29.15 -68.27
N ALA D 142 -26.90 -29.83 -67.13
CA ALA D 142 -28.06 -29.71 -66.29
C ALA D 142 -27.64 -29.40 -64.85
N ALA D 143 -28.57 -28.85 -64.09
CA ALA D 143 -28.32 -28.46 -62.71
C ALA D 143 -29.11 -29.36 -61.77
N LEU D 144 -28.40 -30.02 -60.86
N LEU D 144 -28.40 -29.98 -60.83
CA LEU D 144 -28.99 -30.90 -59.86
CA LEU D 144 -28.98 -30.90 -59.86
C LEU D 144 -28.77 -30.33 -58.46
C LEU D 144 -28.76 -30.34 -58.46
N GLY D 145 -29.65 -30.68 -57.54
CA GLY D 145 -29.53 -30.15 -56.19
C GLY D 145 -30.09 -31.03 -55.09
N CYS D 146 -29.75 -30.64 -53.87
CA CYS D 146 -30.32 -31.18 -52.65
C CYS D 146 -30.58 -30.03 -51.69
N LEU D 147 -31.76 -30.05 -51.06
CA LEU D 147 -32.20 -29.07 -50.09
C LEU D 147 -32.11 -29.72 -48.71
N VAL D 148 -31.20 -29.23 -47.88
CA VAL D 148 -30.98 -29.72 -46.53
C VAL D 148 -31.67 -28.72 -45.60
N LYS D 149 -32.84 -29.08 -45.11
CA LYS D 149 -33.73 -28.13 -44.45
C LYS D 149 -34.00 -28.53 -43.01
N ASP D 150 -34.13 -27.50 -42.15
CA ASP D 150 -34.63 -27.64 -40.78
C ASP D 150 -33.74 -28.55 -39.94
N TYR D 151 -32.51 -28.07 -39.69
CA TYR D 151 -31.58 -28.77 -38.84
C TYR D 151 -30.94 -27.81 -37.84
N PHE D 152 -30.55 -28.37 -36.69
CA PHE D 152 -29.87 -27.64 -35.64
C PHE D 152 -29.09 -28.65 -34.82
N PRO D 153 -27.86 -28.34 -34.39
CA PRO D 153 -27.15 -27.10 -34.72
C PRO D 153 -26.29 -27.24 -35.97
N GLU D 154 -25.43 -26.25 -36.21
CA GLU D 154 -24.41 -26.39 -37.23
C GLU D 154 -23.29 -27.29 -36.71
N PRO D 155 -22.50 -27.91 -37.61
CA PRO D 155 -22.58 -27.86 -39.07
C PRO D 155 -23.13 -29.13 -39.74
N VAL D 156 -23.45 -29.02 -41.01
N VAL D 156 -23.40 -29.03 -41.03
CA VAL D 156 -23.78 -30.17 -41.84
CA VAL D 156 -23.83 -30.13 -41.88
C VAL D 156 -22.75 -30.24 -42.96
C VAL D 156 -22.85 -30.22 -43.04
N THR D 157 -22.50 -31.45 -43.44
CA THR D 157 -21.62 -31.67 -44.58
C THR D 157 -22.39 -32.35 -45.70
N VAL D 158 -22.15 -31.93 -46.93
CA VAL D 158 -22.82 -32.46 -48.10
C VAL D 158 -21.77 -32.96 -49.08
N SER D 159 -21.94 -34.19 -49.54
CA SER D 159 -21.08 -34.79 -50.56
C SER D 159 -21.95 -35.26 -51.71
N TRP D 160 -21.32 -35.53 -52.85
CA TRP D 160 -22.04 -35.97 -54.04
C TRP D 160 -21.44 -37.28 -54.53
N ASN D 161 -22.22 -38.36 -54.46
CA ASN D 161 -21.78 -39.70 -54.80
C ASN D 161 -20.60 -40.13 -53.94
N SER D 162 -20.68 -39.82 -52.64
CA SER D 162 -19.67 -40.21 -51.65
C SER D 162 -18.29 -39.67 -52.00
N GLY D 163 -18.24 -38.45 -52.55
CA GLY D 163 -16.99 -37.83 -52.91
C GLY D 163 -16.57 -37.97 -54.35
N ALA D 164 -17.21 -38.88 -55.11
CA ALA D 164 -16.83 -39.07 -56.51
C ALA D 164 -17.13 -37.84 -57.35
N LEU D 165 -18.17 -37.08 -57.00
N LEU D 165 -18.19 -37.10 -57.02
CA LEU D 165 -18.58 -35.89 -57.75
CA LEU D 165 -18.58 -35.90 -57.74
C LEU D 165 -18.18 -34.66 -56.96
C LEU D 165 -18.15 -34.68 -56.94
N THR D 166 -17.25 -33.88 -57.51
CA THR D 166 -16.77 -32.66 -56.85
C THR D 166 -16.68 -31.45 -57.77
N SER D 167 -16.77 -31.62 -59.08
CA SER D 167 -16.65 -30.50 -60.03
C SER D 167 -18.03 -29.97 -60.38
N GLY D 168 -18.19 -28.66 -60.30
CA GLY D 168 -19.48 -28.03 -60.44
C GLY D 168 -20.28 -27.94 -59.16
N VAL D 169 -19.72 -28.38 -58.04
CA VAL D 169 -20.45 -28.43 -56.78
C VAL D 169 -20.38 -27.06 -56.11
N HIS D 170 -21.54 -26.55 -55.71
CA HIS D 170 -21.64 -25.38 -54.85
C HIS D 170 -22.56 -25.73 -53.70
N THR D 171 -22.00 -25.85 -52.50
CA THR D 171 -22.76 -26.02 -51.28
C THR D 171 -22.83 -24.67 -50.58
N PHE D 172 -24.03 -24.12 -50.48
CA PHE D 172 -24.18 -22.74 -50.05
C PHE D 172 -24.12 -22.62 -48.53
N PRO D 173 -23.69 -21.46 -48.02
CA PRO D 173 -23.71 -21.23 -46.57
C PRO D 173 -25.11 -21.43 -46.01
N ALA D 174 -25.15 -21.92 -44.76
CA ALA D 174 -26.42 -22.14 -44.10
C ALA D 174 -27.14 -20.82 -43.84
N VAL D 175 -28.45 -20.91 -43.69
CA VAL D 175 -29.31 -19.76 -43.39
C VAL D 175 -30.14 -20.10 -42.16
N LEU D 176 -30.20 -19.18 -41.21
CA LEU D 176 -30.96 -19.38 -39.98
C LEU D 176 -32.40 -18.93 -40.22
N GLN D 177 -33.31 -19.89 -40.30
CA GLN D 177 -34.71 -19.57 -40.45
C GLN D 177 -35.26 -19.01 -39.14
N SER D 178 -36.35 -18.24 -39.25
CA SER D 178 -36.98 -17.67 -38.06
C SER D 178 -37.49 -18.75 -37.11
N SER D 179 -37.69 -19.97 -37.61
CA SER D 179 -38.08 -21.08 -36.74
C SER D 179 -37.00 -21.47 -35.75
N GLY D 180 -35.76 -21.04 -35.99
CA GLY D 180 -34.63 -21.39 -35.16
C GLY D 180 -33.71 -22.43 -35.76
N LEU D 181 -34.16 -23.14 -36.79
CA LEU D 181 -33.36 -24.15 -37.45
C LEU D 181 -32.65 -23.56 -38.67
N TYR D 182 -31.64 -24.27 -39.14
CA TYR D 182 -30.87 -23.83 -40.29
C TYR D 182 -31.36 -24.49 -41.57
N SER D 183 -30.94 -23.92 -42.70
CA SER D 183 -31.31 -24.43 -44.01
C SER D 183 -30.15 -24.17 -44.97
N LEU D 184 -30.00 -25.04 -45.94
CA LEU D 184 -28.83 -25.04 -46.81
C LEU D 184 -29.18 -25.75 -48.11
N SER D 185 -28.52 -25.34 -49.19
CA SER D 185 -28.70 -25.98 -50.49
C SER D 185 -27.35 -26.35 -51.07
N SER D 186 -27.30 -27.48 -51.77
CA SER D 186 -26.09 -27.92 -52.46
C SER D 186 -26.45 -28.28 -53.89
N VAL D 187 -25.73 -27.71 -54.85
CA VAL D 187 -26.02 -27.92 -56.26
C VAL D 187 -24.78 -28.43 -56.97
N VAL D 188 -24.99 -28.98 -58.17
CA VAL D 188 -23.93 -29.55 -58.98
C VAL D 188 -24.38 -29.49 -60.44
N THR D 189 -23.43 -29.35 -61.34
N THR D 189 -23.42 -29.36 -61.34
CA THR D 189 -23.69 -29.35 -62.77
CA THR D 189 -23.68 -29.34 -62.77
C THR D 189 -23.23 -30.66 -63.38
C THR D 189 -23.22 -30.66 -63.39
N VAL D 190 -24.09 -31.29 -64.16
CA VAL D 190 -23.82 -32.60 -64.73
C VAL D 190 -24.01 -32.54 -66.24
N PRO D 191 -23.42 -33.49 -67.00
CA PRO D 191 -23.41 -33.38 -68.46
C PRO D 191 -24.73 -33.62 -69.17
N SER D 192 -25.85 -33.68 -68.45
CA SER D 192 -27.17 -33.77 -69.06
C SER D 192 -27.38 -35.03 -69.91
N SER D 193 -26.38 -35.40 -70.72
CA SER D 193 -26.41 -36.70 -71.37
C SER D 193 -26.16 -37.84 -70.38
N SER D 194 -25.65 -37.52 -69.20
CA SER D 194 -25.48 -38.50 -68.11
C SER D 194 -26.78 -38.76 -67.35
N LEU D 195 -27.86 -38.03 -67.67
CA LEU D 195 -29.03 -38.01 -66.80
C LEU D 195 -29.78 -39.32 -66.77
N GLY D 196 -29.64 -40.16 -67.79
CA GLY D 196 -30.34 -41.44 -67.82
C GLY D 196 -29.48 -42.65 -67.50
N THR D 197 -28.17 -42.44 -67.35
CA THR D 197 -27.24 -43.54 -67.12
C THR D 197 -26.52 -43.46 -65.79
N GLN D 198 -26.12 -42.27 -65.35
CA GLN D 198 -25.37 -42.09 -64.11
C GLN D 198 -26.32 -41.65 -63.01
N THR D 199 -26.23 -42.30 -61.86
CA THR D 199 -27.02 -41.96 -60.69
C THR D 199 -26.28 -40.93 -59.84
N TYR D 200 -27.03 -39.97 -59.30
CA TYR D 200 -26.44 -38.90 -58.51
C TYR D 200 -27.07 -38.91 -57.12
N ILE D 201 -26.24 -39.17 -56.11
CA ILE D 201 -26.65 -39.22 -54.71
C ILE D 201 -25.99 -38.08 -53.98
N CYS D 202 -26.75 -37.39 -53.13
CA CYS D 202 -26.17 -36.45 -52.18
C CYS D 202 -26.17 -37.09 -50.80
N ASN D 203 -25.04 -37.00 -50.12
CA ASN D 203 -24.84 -37.56 -48.79
C ASN D 203 -24.74 -36.43 -47.80
N VAL D 204 -25.71 -36.35 -46.90
CA VAL D 204 -25.75 -35.33 -45.86
C VAL D 204 -25.34 -35.97 -44.54
N ASN D 205 -24.40 -35.34 -43.85
CA ASN D 205 -23.95 -35.79 -42.53
C ASN D 205 -24.15 -34.65 -41.54
N HIS D 206 -25.02 -34.88 -40.56
CA HIS D 206 -25.24 -33.99 -39.42
C HIS D 206 -24.80 -34.77 -38.18
N LYS D 207 -23.53 -34.61 -37.82
CA LYS D 207 -22.98 -35.32 -36.67
C LYS D 207 -23.67 -35.00 -35.36
N PRO D 208 -24.08 -33.76 -35.05
CA PRO D 208 -24.74 -33.49 -33.76
C PRO D 208 -26.01 -34.29 -33.55
N SER D 209 -26.70 -34.72 -34.61
CA SER D 209 -27.86 -35.58 -34.48
C SER D 209 -27.55 -37.01 -34.90
N ASN D 210 -26.29 -37.32 -35.21
CA ASN D 210 -25.87 -38.62 -35.71
C ASN D 210 -26.72 -39.06 -36.90
N THR D 211 -26.99 -38.10 -37.79
CA THR D 211 -27.87 -38.31 -38.92
C THR D 211 -27.05 -38.36 -40.21
N LYS D 212 -27.10 -39.49 -40.90
CA LYS D 212 -26.49 -39.65 -42.21
C LYS D 212 -27.58 -40.04 -43.19
N VAL D 213 -27.83 -39.19 -44.18
CA VAL D 213 -28.94 -39.38 -45.11
C VAL D 213 -28.42 -39.32 -46.54
N ASP D 214 -28.75 -40.33 -47.33
CA ASP D 214 -28.50 -40.32 -48.76
C ASP D 214 -29.80 -40.03 -49.50
N LYS D 215 -29.73 -39.15 -50.50
CA LYS D 215 -30.90 -38.87 -51.32
C LYS D 215 -30.51 -38.84 -52.78
N LYS D 216 -31.25 -39.59 -53.61
CA LYS D 216 -31.05 -39.61 -55.04
C LYS D 216 -31.89 -38.51 -55.70
N VAL D 217 -31.30 -37.83 -56.68
CA VAL D 217 -31.96 -36.74 -57.39
C VAL D 217 -32.10 -37.17 -58.84
N GLU D 218 -33.33 -37.36 -59.29
CA GLU D 218 -33.66 -37.91 -60.59
C GLU D 218 -34.58 -36.97 -61.35
N PRO D 219 -34.65 -37.08 -62.69
CA PRO D 219 -35.35 -36.06 -63.49
C PRO D 219 -36.87 -36.07 -63.37
N LYS D 220 -37.43 -36.67 -62.31
CA LYS D 220 -38.87 -36.67 -62.08
C LYS D 220 -39.64 -37.32 -63.22
N SER D 221 -40.96 -37.10 -63.27
CA SER D 221 -41.85 -37.80 -64.20
C SER D 221 -42.82 -36.82 -64.86
N CYS D 222 -42.27 -35.87 -65.62
CA CYS D 222 -43.08 -34.94 -66.39
C CYS D 222 -42.86 -35.14 -67.89
N ASP E 1 -9.65 5.77 -25.50
CA ASP E 1 -9.90 4.72 -26.49
C ASP E 1 -9.61 5.22 -27.90
N ILE E 2 -8.64 4.60 -28.56
CA ILE E 2 -8.30 4.95 -29.94
C ILE E 2 -9.25 4.25 -30.88
N GLN E 3 -9.63 4.93 -31.97
CA GLN E 3 -10.49 4.36 -32.98
C GLN E 3 -9.80 4.39 -34.34
N LEU E 4 -10.17 3.44 -35.18
CA LEU E 4 -9.57 3.27 -36.50
C LEU E 4 -10.66 3.10 -37.54
N THR E 5 -10.49 3.76 -38.69
CA THR E 5 -11.44 3.66 -39.79
C THR E 5 -10.68 3.32 -41.06
N GLN E 6 -10.91 2.12 -41.59
CA GLN E 6 -10.30 1.72 -42.85
C GLN E 6 -11.18 2.20 -44.02
N SER E 7 -10.62 2.07 -45.22
CA SER E 7 -11.29 2.49 -46.45
C SER E 7 -10.54 1.91 -47.63
N PRO E 8 -11.25 1.37 -48.64
CA PRO E 8 -12.72 1.25 -48.67
C PRO E 8 -13.23 0.05 -47.87
N ASP E 9 -14.56 -0.15 -47.81
CA ASP E 9 -15.08 -1.34 -47.16
C ASP E 9 -14.91 -2.58 -48.02
N SER E 10 -14.93 -2.41 -49.35
CA SER E 10 -14.72 -3.51 -50.28
C SER E 10 -13.83 -3.01 -51.42
N LEU E 11 -13.03 -3.92 -51.97
CA LEU E 11 -12.06 -3.55 -52.99
C LEU E 11 -11.89 -4.71 -53.96
N ALA E 12 -12.28 -4.49 -55.21
CA ALA E 12 -12.09 -5.47 -56.28
C ALA E 12 -10.90 -5.07 -57.13
N VAL E 13 -9.96 -5.99 -57.31
CA VAL E 13 -8.72 -5.73 -58.03
C VAL E 13 -8.35 -6.98 -58.82
N SER E 14 -7.96 -6.79 -60.07
CA SER E 14 -7.58 -7.89 -60.94
C SER E 14 -6.20 -8.43 -60.54
N LEU E 15 -5.86 -9.60 -61.09
CA LEU E 15 -4.59 -10.22 -60.77
C LEU E 15 -3.44 -9.35 -61.26
N GLY E 16 -2.35 -9.34 -60.49
CA GLY E 16 -1.17 -8.57 -60.83
C GLY E 16 -1.26 -7.09 -60.56
N GLU E 17 -2.46 -6.56 -60.34
CA GLU E 17 -2.64 -5.13 -60.08
C GLU E 17 -2.37 -4.83 -58.61
N ARG E 18 -2.44 -3.54 -58.26
CA ARG E 18 -2.15 -3.08 -56.92
C ARG E 18 -3.42 -2.99 -56.10
N ALA E 19 -3.33 -3.41 -54.84
CA ALA E 19 -4.42 -3.26 -53.87
C ALA E 19 -3.95 -2.35 -52.75
N THR E 20 -4.72 -1.31 -52.49
CA THR E 20 -4.37 -0.29 -51.50
C THR E 20 -5.50 -0.15 -50.49
N ILE E 21 -5.15 -0.26 -49.21
CA ILE E 21 -6.10 -0.20 -48.10
C ILE E 21 -5.62 0.87 -47.13
N ASN E 22 -6.53 1.72 -46.68
CA ASN E 22 -6.16 2.84 -45.82
C ASN E 22 -6.75 2.66 -44.43
N CYS E 23 -5.98 3.01 -43.42
CA CYS E 23 -6.39 2.96 -42.02
C CYS E 23 -6.15 4.34 -41.40
N LYS E 24 -7.21 4.95 -40.88
CA LYS E 24 -7.17 6.29 -40.33
C LYS E 24 -7.36 6.19 -38.82
N SER E 25 -6.34 6.56 -38.07
CA SER E 25 -6.36 6.51 -36.62
C SER E 25 -6.89 7.84 -36.05
N SER E 26 -7.60 7.73 -34.92
CA SER E 26 -8.12 8.93 -34.27
C SER E 26 -7.07 9.64 -33.44
N GLN E 27 -5.96 8.97 -33.11
CA GLN E 27 -4.84 9.57 -32.41
C GLN E 27 -3.55 9.03 -33.00
N SER E 28 -2.42 9.59 -32.58
CA SER E 28 -1.15 9.05 -32.99
C SER E 28 -0.87 7.75 -32.24
N VAL E 29 -0.01 6.91 -32.82
CA VAL E 29 0.30 5.62 -32.24
C VAL E 29 1.81 5.40 -32.23
N LEU E 30 2.57 6.46 -31.96
CA LEU E 30 4.02 6.42 -32.03
C LEU E 30 4.62 6.49 -30.63
N TYR E 31 5.41 5.48 -30.28
CA TYR E 31 6.30 5.56 -29.12
C TYR E 31 7.55 6.31 -29.54
N SER E 32 7.85 7.42 -28.87
CA SER E 32 9.04 8.19 -29.23
C SER E 32 10.33 7.55 -28.75
N SER E 33 10.26 6.64 -27.78
CA SER E 33 11.46 6.00 -27.25
C SER E 33 12.20 5.17 -28.29
N ILE E 34 11.51 4.72 -29.34
CA ILE E 34 12.13 3.92 -30.39
C ILE E 34 11.66 4.41 -31.74
N ASN E 35 10.71 5.35 -31.74
CA ASN E 35 10.17 5.97 -32.96
C ASN E 35 9.60 4.91 -33.91
N LYS E 36 8.57 4.22 -33.41
CA LYS E 36 7.80 3.27 -34.20
C LYS E 36 6.32 3.53 -33.98
N ASN E 37 5.53 3.34 -35.03
CA ASN E 37 4.09 3.44 -34.94
C ASN E 37 3.50 2.08 -34.60
N TYR E 38 2.58 2.06 -33.65
CA TYR E 38 2.08 0.81 -33.08
C TYR E 38 0.79 0.38 -33.80
N LEU E 39 0.98 -0.03 -35.05
CA LEU E 39 -0.11 -0.48 -35.91
C LEU E 39 0.26 -1.80 -36.54
N ALA E 40 -0.74 -2.66 -36.71
CA ALA E 40 -0.57 -3.99 -37.27
C ALA E 40 -1.63 -4.24 -38.34
N TRP E 41 -1.25 -5.05 -39.32
CA TRP E 41 -2.15 -5.52 -40.38
C TRP E 41 -2.25 -7.04 -40.30
N TYR E 42 -3.49 -7.54 -40.23
CA TYR E 42 -3.81 -8.95 -40.22
C TYR E 42 -4.64 -9.30 -41.46
N GLN E 43 -4.55 -10.56 -41.86
CA GLN E 43 -5.31 -11.12 -42.99
C GLN E 43 -6.13 -12.30 -42.49
N GLN E 44 -7.44 -12.27 -42.77
CA GLN E 44 -8.33 -13.37 -42.40
C GLN E 44 -8.93 -13.95 -43.68
N LYS E 45 -8.54 -15.17 -44.01
CA LYS E 45 -9.20 -15.95 -45.04
C LYS E 45 -10.46 -16.59 -44.47
N PRO E 46 -11.44 -16.91 -45.32
CA PRO E 46 -12.71 -17.45 -44.82
C PRO E 46 -12.52 -18.71 -44.00
N GLY E 47 -13.12 -18.73 -42.81
CA GLY E 47 -13.09 -19.93 -41.99
C GLY E 47 -11.79 -20.17 -41.26
N GLN E 48 -10.90 -19.18 -41.22
CA GLN E 48 -9.59 -19.32 -40.60
C GLN E 48 -9.37 -18.23 -39.55
N PRO E 49 -8.45 -18.46 -38.62
CA PRO E 49 -8.09 -17.39 -37.68
C PRO E 49 -7.36 -16.27 -38.37
N PRO E 50 -7.40 -15.05 -37.83
CA PRO E 50 -6.57 -13.98 -38.39
C PRO E 50 -5.09 -14.32 -38.30
N LYS E 51 -4.34 -13.78 -39.26
CA LYS E 51 -2.91 -14.03 -39.35
C LYS E 51 -2.19 -12.69 -39.45
N LEU E 52 -1.25 -12.44 -38.54
CA LEU E 52 -0.53 -11.18 -38.54
C LEU E 52 0.36 -11.07 -39.78
N LEU E 53 0.19 -9.99 -40.53
CA LEU E 53 1.03 -9.72 -41.69
C LEU E 53 2.09 -8.66 -41.42
N ILE E 54 1.74 -7.56 -40.76
CA ILE E 54 2.66 -6.44 -40.59
C ILE E 54 2.54 -5.88 -39.18
N TYR E 55 3.68 -5.63 -38.54
CA TYR E 55 3.70 -4.92 -37.26
C TYR E 55 4.63 -3.71 -37.37
N TRP E 56 4.47 -2.80 -36.41
CA TRP E 56 5.18 -1.52 -36.43
C TRP E 56 5.00 -0.81 -37.78
N ALA E 57 3.76 -0.83 -38.25
CA ALA E 57 3.31 -0.07 -39.43
C ALA E 57 3.93 -0.56 -40.74
N SER E 58 5.16 -1.09 -40.71
CA SER E 58 5.84 -1.40 -41.96
C SER E 58 6.74 -2.63 -41.90
N THR E 59 6.86 -3.32 -40.78
CA THR E 59 7.72 -4.49 -40.69
C THR E 59 6.89 -5.75 -40.95
N ARG E 60 7.37 -6.59 -41.87
CA ARG E 60 6.65 -7.80 -42.22
C ARG E 60 7.03 -8.93 -41.26
N GLU E 61 6.03 -9.68 -40.81
CA GLU E 61 6.27 -10.86 -39.99
C GLU E 61 7.05 -11.90 -40.80
N SER E 62 7.75 -12.78 -40.08
CA SER E 62 8.49 -13.86 -40.74
C SER E 62 7.58 -14.69 -41.62
N GLY E 63 8.01 -14.93 -42.85
CA GLY E 63 7.26 -15.74 -43.79
C GLY E 63 6.24 -14.99 -44.62
N VAL E 64 6.09 -13.69 -44.42
CA VAL E 64 5.13 -12.91 -45.22
C VAL E 64 5.80 -12.55 -46.56
N PRO E 65 5.12 -12.76 -47.69
CA PRO E 65 5.76 -12.48 -48.99
C PRO E 65 6.04 -10.99 -49.19
N ASP E 66 7.04 -10.71 -50.02
CA ASP E 66 7.50 -9.34 -50.21
C ASP E 66 6.43 -8.44 -50.82
N ARG E 67 5.49 -9.03 -51.55
CA ARG E 67 4.44 -8.25 -52.22
C ARG E 67 3.62 -7.41 -51.24
N PHE E 68 3.57 -7.80 -49.97
CA PHE E 68 2.88 -7.03 -48.96
C PHE E 68 3.79 -5.96 -48.39
N SER E 69 3.24 -4.77 -48.16
CA SER E 69 4.04 -3.69 -47.59
C SER E 69 3.11 -2.71 -46.87
N GLY E 70 3.56 -2.20 -45.73
CA GLY E 70 2.82 -1.21 -44.98
C GLY E 70 3.60 0.09 -44.92
N SER E 71 2.87 1.19 -44.76
CA SER E 71 3.49 2.51 -44.68
C SER E 71 2.54 3.44 -43.96
N GLY E 72 2.98 4.68 -43.76
CA GLY E 72 2.21 5.69 -43.07
C GLY E 72 2.92 6.16 -41.81
N SER E 73 2.27 7.12 -41.16
CA SER E 73 2.78 7.71 -39.93
C SER E 73 1.67 8.57 -39.33
N GLY E 74 1.94 9.13 -38.16
CA GLY E 74 0.97 9.95 -37.46
C GLY E 74 -0.36 9.25 -37.24
N THR E 75 -1.34 9.54 -38.08
CA THR E 75 -2.67 8.93 -37.99
C THR E 75 -3.13 8.33 -39.31
N ASP E 76 -2.25 8.22 -40.30
CA ASP E 76 -2.62 7.74 -41.63
C ASP E 76 -1.70 6.59 -42.02
N PHE E 77 -2.28 5.43 -42.31
CA PHE E 77 -1.50 4.24 -42.62
C PHE E 77 -2.12 3.52 -43.81
N THR E 78 -1.31 2.65 -44.43
CA THR E 78 -1.68 2.05 -45.70
C THR E 78 -1.04 0.67 -45.85
N LEU E 79 -1.87 -0.31 -46.18
CA LEU E 79 -1.41 -1.63 -46.58
C LEU E 79 -1.53 -1.76 -48.10
N THR E 80 -0.48 -2.29 -48.73
CA THR E 80 -0.38 -2.37 -50.18
C THR E 80 0.08 -3.75 -50.59
N ILE E 81 -0.65 -4.35 -51.52
CA ILE E 81 -0.22 -5.57 -52.20
C ILE E 81 0.12 -5.18 -53.64
N SER E 82 1.37 -5.46 -54.05
CA SER E 82 1.86 -4.98 -55.32
C SER E 82 1.20 -5.70 -56.48
N SER E 83 1.39 -7.01 -56.59
CA SER E 83 0.76 -7.83 -57.62
C SER E 83 -0.17 -8.82 -56.92
N LEU E 84 -1.46 -8.51 -56.95
CA LEU E 84 -2.45 -9.33 -56.25
C LEU E 84 -2.51 -10.73 -56.84
N GLN E 85 -2.58 -11.72 -55.96
CA GLN E 85 -2.70 -13.12 -56.34
C GLN E 85 -4.01 -13.70 -55.81
N ALA E 86 -4.33 -14.91 -56.27
CA ALA E 86 -5.55 -15.57 -55.82
C ALA E 86 -5.49 -15.92 -54.34
N GLU E 87 -4.28 -16.12 -53.81
CA GLU E 87 -4.14 -16.45 -52.39
C GLU E 87 -4.65 -15.35 -51.50
N ASP E 88 -4.51 -14.09 -51.92
CA ASP E 88 -4.75 -12.95 -51.05
C ASP E 88 -6.22 -12.57 -50.92
N VAL E 89 -7.13 -13.31 -51.55
CA VAL E 89 -8.57 -13.06 -51.41
C VAL E 89 -8.95 -13.26 -49.95
N ALA E 90 -9.28 -12.18 -49.25
CA ALA E 90 -9.47 -12.27 -47.80
C ALA E 90 -10.00 -10.93 -47.29
N VAL E 91 -10.26 -10.88 -45.99
CA VAL E 91 -10.62 -9.63 -45.31
C VAL E 91 -9.41 -9.17 -44.52
N TYR E 92 -9.01 -7.93 -44.71
CA TYR E 92 -7.81 -7.38 -44.09
C TYR E 92 -8.21 -6.40 -43.00
N TYR E 93 -7.51 -6.47 -41.86
CA TYR E 93 -7.81 -5.65 -40.71
C TYR E 93 -6.57 -4.88 -40.27
N CYS E 94 -6.76 -3.61 -39.91
CA CYS E 94 -5.75 -2.87 -39.18
C CYS E 94 -6.13 -2.81 -37.71
N GLN E 95 -5.11 -2.79 -36.86
CA GLN E 95 -5.34 -2.83 -35.41
C GLN E 95 -4.23 -2.06 -34.73
N GLN E 96 -4.59 -1.21 -33.77
CA GLN E 96 -3.60 -0.49 -32.99
C GLN E 96 -3.32 -1.24 -31.69
N TYR E 97 -2.04 -1.36 -31.35
CA TYR E 97 -1.64 -1.92 -30.07
C TYR E 97 -0.84 -0.89 -29.26
N TYR E 98 -1.13 0.40 -29.49
CA TYR E 98 -0.47 1.45 -28.73
C TYR E 98 -0.82 1.36 -27.26
N SER E 99 -2.11 1.26 -26.95
CA SER E 99 -2.56 1.16 -25.56
C SER E 99 -3.79 0.26 -25.50
N THR E 100 -4.06 -0.23 -24.30
CA THR E 100 -5.33 -0.94 -24.12
C THR E 100 -6.44 0.06 -23.79
N PRO E 101 -7.67 -0.17 -24.24
CA PRO E 101 -8.14 -1.35 -24.99
C PRO E 101 -7.67 -1.39 -26.44
N TYR E 102 -7.20 -2.56 -26.88
CA TYR E 102 -6.88 -2.75 -28.28
C TYR E 102 -8.13 -2.59 -29.14
N THR E 103 -7.95 -2.07 -30.34
CA THR E 103 -9.06 -1.80 -31.23
C THR E 103 -8.69 -2.17 -32.66
N PHE E 104 -9.67 -2.64 -33.41
CA PHE E 104 -9.51 -3.08 -34.78
C PHE E 104 -10.21 -2.12 -35.74
N GLY E 105 -9.71 -2.05 -36.97
CA GLY E 105 -10.50 -1.48 -38.04
C GLY E 105 -11.65 -2.39 -38.41
N GLN E 106 -12.62 -1.83 -39.15
CA GLN E 106 -13.80 -2.60 -39.49
C GLN E 106 -13.54 -3.68 -40.52
N GLY E 107 -12.37 -3.68 -41.16
CA GLY E 107 -12.02 -4.70 -42.14
C GLY E 107 -12.39 -4.33 -43.56
N THR E 108 -11.56 -4.72 -44.51
CA THR E 108 -11.81 -4.45 -45.93
C THR E 108 -11.73 -5.75 -46.70
N LYS E 109 -12.76 -6.01 -47.51
CA LYS E 109 -12.85 -7.25 -48.26
C LYS E 109 -12.12 -7.12 -49.59
N VAL E 110 -11.21 -8.05 -49.86
CA VAL E 110 -10.39 -8.05 -51.06
C VAL E 110 -10.74 -9.30 -51.87
N GLU E 111 -11.33 -9.08 -53.04
CA GLU E 111 -11.72 -10.09 -54.01
C GLU E 111 -10.96 -9.86 -55.32
N ILE E 112 -11.16 -10.77 -56.26
CA ILE E 112 -10.50 -10.70 -57.57
C ILE E 112 -11.43 -10.04 -58.56
N LYS E 113 -10.88 -9.19 -59.41
CA LYS E 113 -11.64 -8.55 -60.48
C LYS E 113 -11.43 -9.32 -61.77
N ARG E 114 -12.54 -9.66 -62.44
CA ARG E 114 -12.50 -10.38 -63.70
C ARG E 114 -13.52 -9.75 -64.65
N THR E 115 -13.67 -10.34 -65.84
CA THR E 115 -14.68 -9.88 -66.78
C THR E 115 -16.08 -10.19 -66.23
N VAL E 116 -17.04 -9.37 -66.65
CA VAL E 116 -18.42 -9.58 -66.23
C VAL E 116 -18.94 -10.86 -66.85
N ALA E 117 -19.49 -11.75 -66.02
CA ALA E 117 -20.00 -13.03 -66.45
C ALA E 117 -21.49 -13.12 -66.10
N ALA E 118 -22.29 -13.59 -67.05
CA ALA E 118 -23.72 -13.69 -66.83
C ALA E 118 -24.03 -14.94 -66.00
N PRO E 119 -25.04 -14.87 -65.12
CA PRO E 119 -25.38 -16.04 -64.31
C PRO E 119 -26.25 -17.03 -65.06
N SER E 120 -25.92 -18.30 -64.91
CA SER E 120 -26.80 -19.36 -65.40
C SER E 120 -27.93 -19.56 -64.40
N VAL E 121 -29.15 -19.27 -64.81
CA VAL E 121 -30.30 -19.29 -63.90
C VAL E 121 -31.05 -20.60 -64.07
N PHE E 122 -31.41 -21.21 -62.94
CA PHE E 122 -32.23 -22.41 -62.91
C PHE E 122 -33.27 -22.26 -61.82
N ILE E 123 -34.44 -22.86 -62.02
CA ILE E 123 -35.51 -22.84 -61.03
C ILE E 123 -35.84 -24.28 -60.66
N PHE E 124 -36.09 -24.52 -59.38
CA PHE E 124 -36.36 -25.85 -58.85
C PHE E 124 -37.67 -25.82 -58.09
N PRO E 125 -38.68 -26.56 -58.54
CA PRO E 125 -39.98 -26.56 -57.87
C PRO E 125 -39.92 -27.36 -56.58
N PRO E 126 -40.87 -27.16 -55.68
CA PRO E 126 -40.91 -27.96 -54.46
C PRO E 126 -41.12 -29.43 -54.76
N SER E 127 -40.40 -30.29 -54.03
CA SER E 127 -40.58 -31.72 -54.18
C SER E 127 -41.88 -32.16 -53.49
N ASP E 128 -42.41 -33.29 -53.95
CA ASP E 128 -43.67 -33.79 -53.39
C ASP E 128 -43.49 -34.27 -51.95
N GLU E 129 -42.32 -34.82 -51.62
CA GLU E 129 -42.08 -35.31 -50.28
C GLU E 129 -42.17 -34.18 -49.25
N GLN E 130 -41.66 -33.00 -49.61
CA GLN E 130 -41.80 -31.85 -48.71
C GLN E 130 -43.23 -31.36 -48.65
N LEU E 131 -43.97 -31.46 -49.76
CA LEU E 131 -45.38 -31.07 -49.74
C LEU E 131 -46.18 -31.98 -48.83
N LYS E 132 -45.76 -33.23 -48.68
CA LYS E 132 -46.45 -34.18 -47.80
C LYS E 132 -46.23 -33.80 -46.35
N SER E 133 -45.41 -32.76 -46.12
CA SER E 133 -45.14 -32.27 -44.77
C SER E 133 -45.95 -31.04 -44.40
N GLY E 134 -46.24 -30.16 -45.35
CA GLY E 134 -47.05 -28.99 -45.05
C GLY E 134 -46.44 -27.68 -45.53
N THR E 135 -45.14 -27.68 -45.81
CA THR E 135 -44.46 -26.50 -46.32
C THR E 135 -43.88 -26.79 -47.69
N ALA E 136 -43.68 -25.72 -48.46
CA ALA E 136 -43.14 -25.82 -49.81
C ALA E 136 -42.00 -24.82 -49.97
N SER E 137 -40.90 -25.28 -50.57
CA SER E 137 -39.72 -24.46 -50.79
C SER E 137 -39.35 -24.53 -52.26
N VAL E 138 -39.41 -23.41 -52.96
CA VAL E 138 -38.97 -23.32 -54.34
C VAL E 138 -37.64 -22.58 -54.37
N VAL E 139 -36.68 -23.09 -55.14
CA VAL E 139 -35.29 -22.64 -55.05
C VAL E 139 -34.85 -22.11 -56.41
N CYS E 140 -34.44 -20.84 -56.45
CA CYS E 140 -33.87 -20.23 -57.63
C CYS E 140 -32.36 -20.16 -57.48
N LEU E 141 -31.63 -20.53 -58.54
CA LEU E 141 -30.18 -20.62 -58.49
C LEU E 141 -29.56 -19.80 -59.61
N LEU E 142 -28.59 -18.96 -59.25
CA LEU E 142 -27.79 -18.18 -60.19
C LEU E 142 -26.36 -18.68 -60.09
N ASN E 143 -25.84 -19.26 -61.17
CA ASN E 143 -24.60 -20.01 -61.11
C ASN E 143 -23.50 -19.33 -61.91
N ASN E 144 -22.34 -19.14 -61.26
CA ASN E 144 -21.11 -18.71 -61.91
C ASN E 144 -21.26 -17.32 -62.55
N PHE E 145 -21.66 -16.36 -61.72
CA PHE E 145 -21.78 -14.98 -62.16
C PHE E 145 -20.67 -14.14 -61.57
N TYR E 146 -20.53 -12.93 -62.13
CA TYR E 146 -19.64 -11.88 -61.65
C TYR E 146 -20.04 -10.60 -62.36
N PRO E 147 -20.17 -9.47 -61.64
CA PRO E 147 -19.88 -9.27 -60.22
C PRO E 147 -20.93 -9.87 -59.29
N ARG E 148 -20.62 -9.86 -57.98
CA ARG E 148 -21.51 -10.49 -56.99
C ARG E 148 -22.87 -9.82 -56.91
N GLU E 149 -22.99 -8.58 -57.34
CA GLU E 149 -24.26 -7.87 -57.24
C GLU E 149 -25.26 -8.42 -58.25
N ALA E 150 -26.48 -8.69 -57.79
CA ALA E 150 -27.57 -9.15 -58.63
C ALA E 150 -28.85 -9.12 -57.81
N LYS E 151 -29.98 -8.94 -58.49
CA LYS E 151 -31.28 -8.88 -57.84
C LYS E 151 -32.12 -10.08 -58.24
N VAL E 152 -32.95 -10.54 -57.31
CA VAL E 152 -33.84 -11.68 -57.51
C VAL E 152 -35.20 -11.34 -56.93
N GLN E 153 -36.26 -11.53 -57.72
CA GLN E 153 -37.61 -11.25 -57.28
C GLN E 153 -38.50 -12.44 -57.64
N TRP E 154 -39.26 -12.93 -56.66
CA TRP E 154 -40.15 -14.07 -56.85
C TRP E 154 -41.50 -13.60 -57.36
N LYS E 155 -41.98 -14.21 -58.44
CA LYS E 155 -43.27 -13.89 -59.02
C LYS E 155 -44.20 -15.08 -58.85
N VAL E 156 -45.27 -14.90 -58.08
CA VAL E 156 -46.27 -15.93 -57.84
C VAL E 156 -47.54 -15.50 -58.55
N ASP E 157 -47.93 -16.24 -59.60
CA ASP E 157 -49.01 -15.85 -60.49
C ASP E 157 -48.84 -14.40 -60.94
N ASN E 158 -47.59 -14.02 -61.18
CA ASN E 158 -47.18 -12.65 -61.44
C ASN E 158 -47.48 -11.76 -60.24
N ALA E 159 -46.44 -11.38 -59.50
CA ALA E 159 -46.57 -10.52 -58.33
C ALA E 159 -45.21 -9.99 -57.92
N LEU E 160 -44.90 -10.04 -56.62
CA LEU E 160 -43.58 -9.69 -56.12
C LEU E 160 -43.22 -10.57 -54.94
N GLN E 161 -44.24 -10.97 -54.16
CA GLN E 161 -44.09 -11.87 -53.01
C GLN E 161 -42.83 -11.59 -52.21
N SER E 162 -42.80 -10.49 -51.47
CA SER E 162 -41.63 -10.08 -50.71
C SER E 162 -41.82 -10.40 -49.23
N GLY E 163 -40.70 -10.63 -48.53
CA GLY E 163 -40.74 -10.97 -47.13
C GLY E 163 -40.81 -12.45 -46.83
N ASN E 164 -40.67 -13.31 -47.85
CA ASN E 164 -40.74 -14.75 -47.66
C ASN E 164 -39.53 -15.49 -48.22
N SER E 165 -38.53 -14.79 -48.74
CA SER E 165 -37.38 -15.40 -49.36
C SER E 165 -36.13 -15.16 -48.52
N GLN E 166 -35.21 -16.11 -48.58
CA GLN E 166 -33.90 -15.97 -47.95
C GLN E 166 -32.84 -16.38 -48.96
N GLU E 167 -31.70 -15.69 -48.94
CA GLU E 167 -30.70 -15.84 -50.00
C GLU E 167 -29.34 -16.14 -49.41
N SER E 168 -28.53 -16.86 -50.18
CA SER E 168 -27.17 -17.22 -49.78
C SER E 168 -26.26 -17.16 -51.00
N VAL E 169 -25.01 -16.75 -50.76
CA VAL E 169 -24.02 -16.61 -51.82
C VAL E 169 -22.76 -17.36 -51.43
N THR E 170 -22.07 -17.92 -52.42
CA THR E 170 -20.83 -18.63 -52.19
C THR E 170 -19.67 -17.62 -52.07
N GLU E 171 -18.45 -18.13 -52.03
CA GLU E 171 -17.25 -17.32 -52.15
C GLU E 171 -16.71 -17.43 -53.57
N GLN E 172 -15.76 -16.55 -53.90
CA GLN E 172 -15.17 -16.56 -55.23
C GLN E 172 -14.49 -17.90 -55.50
N ASP E 173 -14.72 -18.44 -56.69
CA ASP E 173 -14.11 -19.70 -57.07
C ASP E 173 -12.60 -19.54 -57.18
N SER E 174 -11.88 -20.63 -56.90
CA SER E 174 -10.43 -20.63 -56.98
C SER E 174 -9.91 -20.64 -58.42
N LYS E 175 -10.81 -20.70 -59.40
CA LYS E 175 -10.39 -20.69 -60.81
C LYS E 175 -11.21 -19.68 -61.60
N ASP E 176 -12.52 -19.92 -61.71
CA ASP E 176 -13.39 -19.02 -62.46
C ASP E 176 -13.44 -17.63 -61.85
N SER E 177 -13.08 -17.48 -60.58
CA SER E 177 -13.21 -16.22 -59.85
C SER E 177 -14.66 -15.71 -59.86
N THR E 178 -15.61 -16.63 -59.95
CA THR E 178 -17.02 -16.32 -60.04
C THR E 178 -17.72 -16.58 -58.70
N TYR E 179 -18.97 -16.14 -58.63
CA TYR E 179 -19.82 -16.39 -57.47
C TYR E 179 -20.97 -17.32 -57.86
N SER E 180 -21.81 -17.63 -56.88
CA SER E 180 -23.06 -18.36 -57.10
C SER E 180 -24.01 -18.02 -55.96
N LEU E 181 -25.30 -18.04 -56.27
CA LEU E 181 -26.33 -17.58 -55.36
C LEU E 181 -27.52 -18.54 -55.40
N SER E 182 -28.16 -18.70 -54.25
CA SER E 182 -29.37 -19.50 -54.14
C SER E 182 -30.38 -18.74 -53.30
N SER E 183 -31.54 -18.45 -53.88
CA SER E 183 -32.65 -17.84 -53.18
C SER E 183 -33.74 -18.89 -52.95
N THR E 184 -34.35 -18.85 -51.78
CA THR E 184 -35.35 -19.84 -51.38
C THR E 184 -36.63 -19.13 -50.97
N LEU E 185 -37.73 -19.52 -51.61
CA LEU E 185 -39.06 -19.04 -51.26
C LEU E 185 -39.79 -20.14 -50.51
N THR E 186 -40.37 -19.76 -49.36
CA THR E 186 -41.01 -20.70 -48.46
C THR E 186 -42.48 -20.31 -48.27
N LEU E 187 -43.38 -21.12 -48.80
CA LEU E 187 -44.80 -21.01 -48.56
C LEU E 187 -45.28 -22.26 -47.81
N SER E 188 -46.50 -22.19 -47.29
CA SER E 188 -47.12 -23.37 -46.73
C SER E 188 -47.57 -24.30 -47.85
N LYS E 189 -48.15 -25.44 -47.48
CA LYS E 189 -48.77 -26.32 -48.48
C LYS E 189 -49.87 -25.57 -49.22
N ALA E 190 -50.90 -25.15 -48.49
CA ALA E 190 -51.79 -24.12 -49.01
C ALA E 190 -51.01 -22.82 -49.18
N ASP E 191 -51.63 -21.87 -49.89
CA ASP E 191 -50.98 -20.64 -50.34
C ASP E 191 -49.93 -20.95 -51.42
N TYR E 192 -49.42 -22.18 -51.44
CA TYR E 192 -48.64 -22.64 -52.58
C TYR E 192 -49.51 -23.29 -53.64
N GLU E 193 -50.48 -24.11 -53.22
CA GLU E 193 -51.46 -24.68 -54.14
C GLU E 193 -52.56 -23.69 -54.52
N LYS E 194 -52.53 -22.48 -53.96
CA LYS E 194 -53.50 -21.45 -54.30
C LYS E 194 -53.08 -20.60 -55.49
N HIS E 195 -52.01 -20.98 -56.18
CA HIS E 195 -51.51 -20.22 -57.32
C HIS E 195 -50.97 -21.21 -58.35
N LYS E 196 -50.29 -20.71 -59.37
CA LYS E 196 -49.90 -21.57 -60.48
C LYS E 196 -48.52 -21.25 -61.05
N VAL E 197 -48.32 -20.03 -61.52
CA VAL E 197 -47.10 -19.66 -62.25
C VAL E 197 -46.08 -19.16 -61.24
N TYR E 198 -45.12 -20.03 -60.90
CA TYR E 198 -44.05 -19.67 -59.98
C TYR E 198 -42.78 -19.41 -60.78
N ALA E 199 -42.21 -18.22 -60.61
CA ALA E 199 -41.06 -17.81 -61.40
C ALA E 199 -40.13 -16.95 -60.56
N CYS E 200 -38.84 -16.98 -60.89
CA CYS E 200 -37.88 -16.04 -60.34
C CYS E 200 -37.31 -15.18 -61.46
N GLU E 201 -37.22 -13.89 -61.18
CA GLU E 201 -36.70 -12.90 -62.11
C GLU E 201 -35.35 -12.40 -61.61
N VAL E 202 -34.35 -12.45 -62.47
CA VAL E 202 -32.96 -12.16 -62.13
C VAL E 202 -32.53 -10.93 -62.89
N THR E 203 -31.93 -9.96 -62.18
CA THR E 203 -31.33 -8.79 -62.79
C THR E 203 -29.84 -8.81 -62.51
N HIS E 204 -29.04 -8.66 -63.57
CA HIS E 204 -27.59 -8.71 -63.45
C HIS E 204 -26.97 -7.93 -64.61
N GLN E 205 -25.74 -7.46 -64.38
CA GLN E 205 -25.04 -6.67 -65.38
C GLN E 205 -24.89 -7.43 -66.69
N GLY E 206 -24.48 -8.69 -66.62
CA GLY E 206 -24.30 -9.51 -67.79
C GLY E 206 -25.55 -9.89 -68.53
N LEU E 207 -26.72 -9.42 -68.08
CA LEU E 207 -27.99 -9.73 -68.70
C LEU E 207 -28.47 -8.54 -69.52
N SER E 208 -28.76 -8.79 -70.80
CA SER E 208 -29.32 -7.75 -71.67
C SER E 208 -30.75 -7.39 -71.28
N SER E 209 -31.39 -8.18 -70.42
CA SER E 209 -32.75 -7.96 -69.94
C SER E 209 -32.98 -8.88 -68.74
N PRO E 210 -33.80 -8.47 -67.77
CA PRO E 210 -34.06 -9.35 -66.62
C PRO E 210 -34.54 -10.73 -67.03
N VAL E 211 -33.67 -11.72 -66.90
CA VAL E 211 -34.00 -13.10 -67.27
C VAL E 211 -34.86 -13.72 -66.17
N THR E 212 -35.89 -14.46 -66.59
CA THR E 212 -36.84 -15.07 -65.68
C THR E 212 -36.99 -16.54 -66.01
N LYS E 213 -37.03 -17.38 -64.98
CA LYS E 213 -37.28 -18.81 -65.16
C LYS E 213 -38.53 -19.19 -64.35
N SER E 214 -39.35 -20.07 -64.93
CA SER E 214 -40.70 -20.28 -64.42
C SER E 214 -41.10 -21.74 -64.53
N PHE E 215 -42.11 -22.10 -63.74
CA PHE E 215 -42.75 -23.40 -63.82
C PHE E 215 -44.19 -23.28 -63.34
N ASN E 216 -45.04 -24.19 -63.82
CA ASN E 216 -46.42 -24.32 -63.39
C ASN E 216 -46.57 -25.63 -62.64
N ARG E 217 -47.25 -25.58 -61.49
CA ARG E 217 -47.47 -26.76 -60.67
C ARG E 217 -48.27 -27.81 -61.44
N GLY E 218 -47.63 -28.47 -62.40
CA GLY E 218 -48.30 -29.47 -63.22
C GLY E 218 -47.44 -29.99 -64.35
N THR F 1 31.18 -8.29 -31.53
CA THR F 1 32.43 -8.93 -31.13
C THR F 1 32.52 -9.05 -29.61
N ASN F 2 31.76 -8.22 -28.91
CA ASN F 2 31.71 -8.22 -27.46
C ASN F 2 30.35 -8.71 -27.00
N LEU F 3 30.34 -9.68 -26.09
CA LEU F 3 29.11 -10.19 -25.51
C LEU F 3 28.62 -9.23 -24.43
N CYS F 4 27.35 -8.86 -24.48
CA CYS F 4 26.80 -7.91 -23.52
C CYS F 4 26.85 -8.52 -22.12
N PRO F 5 27.26 -7.74 -21.11
CA PRO F 5 27.42 -8.25 -19.74
C PRO F 5 26.11 -8.43 -18.98
N PHE F 6 25.16 -9.13 -19.59
CA PHE F 6 23.89 -9.40 -18.91
C PHE F 6 24.04 -10.40 -17.79
N GLY F 7 25.09 -11.23 -17.82
CA GLY F 7 25.31 -12.17 -16.73
C GLY F 7 25.68 -11.48 -15.43
N GLU F 8 26.43 -10.37 -15.51
CA GLU F 8 26.82 -9.64 -14.32
C GLU F 8 25.63 -9.01 -13.62
N VAL F 9 24.57 -8.69 -14.36
CA VAL F 9 23.37 -8.13 -13.74
C VAL F 9 22.51 -9.22 -13.13
N PHE F 10 22.13 -10.22 -13.93
CA PHE F 10 21.19 -11.24 -13.47
C PHE F 10 21.79 -12.16 -12.43
N ASN F 11 23.10 -12.39 -12.48
CA ASN F 11 23.75 -13.38 -11.62
C ASN F 11 24.71 -12.75 -10.62
N ALA F 12 24.46 -11.51 -10.22
CA ALA F 12 25.28 -10.88 -9.20
C ALA F 12 25.04 -11.53 -7.83
N THR F 13 26.09 -11.57 -7.02
CA THR F 13 26.00 -12.25 -5.72
C THR F 13 24.95 -11.59 -4.83
N THR F 14 24.96 -10.27 -4.75
CA THR F 14 24.01 -9.52 -3.94
C THR F 14 23.40 -8.41 -4.79
N PHE F 15 22.13 -8.13 -4.54
CA PHE F 15 21.39 -7.10 -5.25
C PHE F 15 21.30 -5.82 -4.42
N ALA F 16 20.73 -4.80 -5.04
CA ALA F 16 20.59 -3.50 -4.40
C ALA F 16 19.24 -3.38 -3.71
N SER F 17 19.21 -2.55 -2.66
CA SER F 17 17.93 -2.13 -2.11
C SER F 17 17.18 -1.31 -3.15
N VAL F 18 15.84 -1.38 -3.09
CA VAL F 18 15.04 -0.75 -4.13
C VAL F 18 15.15 0.77 -4.07
N TYR F 19 15.32 1.34 -2.88
CA TYR F 19 15.49 2.79 -2.79
C TYR F 19 16.80 3.24 -3.43
N ALA F 20 17.82 2.40 -3.36
CA ALA F 20 19.09 2.67 -4.03
C ALA F 20 19.29 1.71 -5.18
N TRP F 21 18.33 1.66 -6.11
CA TRP F 21 18.35 0.67 -7.17
C TRP F 21 19.57 0.84 -8.06
N ASN F 22 20.12 -0.27 -8.53
CA ASN F 22 21.33 -0.21 -9.33
C ASN F 22 20.97 -0.04 -10.80
N ARG F 23 21.83 0.67 -11.53
CA ARG F 23 21.66 0.89 -12.96
C ARG F 23 22.98 0.63 -13.68
N LYS F 24 22.92 -0.15 -14.76
CA LYS F 24 24.08 -0.38 -15.61
C LYS F 24 23.67 -0.11 -17.06
N ARG F 25 24.37 0.84 -17.69
CA ARG F 25 24.15 1.13 -19.10
C ARG F 25 25.01 0.19 -19.94
N ILE F 26 24.36 -0.48 -20.90
CA ILE F 26 25.01 -1.49 -21.72
C ILE F 26 24.88 -1.07 -23.18
N SER F 27 26.01 -1.11 -23.89
CA SER F 27 26.06 -0.74 -25.30
C SER F 27 27.32 -1.34 -25.91
N ASN F 28 27.48 -1.16 -27.22
CA ASN F 28 28.66 -1.61 -27.96
C ASN F 28 28.94 -3.10 -27.76
N CYS F 29 27.89 -3.90 -27.88
CA CYS F 29 28.01 -5.33 -27.64
C CYS F 29 26.87 -6.05 -28.36
N VAL F 30 26.97 -7.38 -28.40
CA VAL F 30 25.96 -8.23 -29.01
C VAL F 30 25.36 -9.11 -27.93
N ALA F 31 24.04 -9.13 -27.84
CA ALA F 31 23.32 -9.86 -26.81
C ALA F 31 22.46 -10.94 -27.43
N ASP F 32 22.51 -12.13 -26.84
CA ASP F 32 21.62 -13.23 -27.21
C ASP F 32 20.51 -13.26 -26.16
N TYR F 33 19.38 -12.62 -26.47
CA TYR F 33 18.31 -12.47 -25.49
C TYR F 33 17.59 -13.78 -25.19
N SER F 34 17.79 -14.82 -26.00
CA SER F 34 17.08 -16.08 -25.78
C SER F 34 17.41 -16.67 -24.42
N VAL F 35 18.66 -16.53 -23.98
CA VAL F 35 19.08 -17.00 -22.66
C VAL F 35 18.13 -16.52 -21.58
N LEU F 36 17.45 -15.40 -21.82
CA LEU F 36 16.44 -14.88 -20.90
C LEU F 36 15.06 -15.47 -21.15
N TYR F 37 14.58 -15.47 -22.40
CA TYR F 37 13.21 -15.90 -22.64
C TYR F 37 13.09 -17.40 -22.87
N ASN F 38 14.18 -18.08 -23.23
CA ASN F 38 14.23 -19.54 -23.24
C ASN F 38 14.40 -20.13 -21.85
N SER F 39 14.27 -19.33 -20.80
CA SER F 39 14.61 -19.73 -19.44
C SER F 39 13.36 -20.15 -18.66
N THR F 40 13.57 -21.06 -17.70
CA THR F 40 12.51 -21.52 -16.81
C THR F 40 12.69 -21.05 -15.38
N SER F 41 13.68 -20.21 -15.12
CA SER F 41 14.04 -19.83 -13.76
C SER F 41 13.40 -18.52 -13.30
N PHE F 42 12.59 -17.89 -14.14
CA PHE F 42 11.95 -16.63 -13.78
C PHE F 42 10.49 -16.86 -13.44
N SER F 43 10.01 -16.17 -12.41
CA SER F 43 8.60 -16.25 -12.04
C SER F 43 7.75 -15.25 -12.80
N THR F 44 8.29 -14.09 -13.16
CA THR F 44 7.57 -13.15 -14.01
C THR F 44 8.52 -12.54 -15.03
N PHE F 45 7.95 -12.13 -16.16
CA PHE F 45 8.67 -11.65 -17.32
C PHE F 45 7.70 -10.83 -18.15
N LYS F 46 7.44 -9.59 -17.73
CA LYS F 46 6.39 -8.76 -18.31
C LYS F 46 7.03 -7.67 -19.16
N CYS F 47 6.87 -7.77 -20.48
CA CYS F 47 7.44 -6.80 -21.40
C CYS F 47 6.39 -5.79 -21.83
N TYR F 48 6.88 -4.63 -22.26
CA TYR F 48 6.06 -3.45 -22.51
C TYR F 48 6.62 -2.73 -23.73
N GLY F 49 5.83 -2.64 -24.79
CA GLY F 49 6.20 -1.91 -25.98
C GLY F 49 7.21 -2.59 -26.89
N VAL F 50 7.73 -3.75 -26.49
CA VAL F 50 8.69 -4.48 -27.30
C VAL F 50 8.46 -5.97 -27.10
N SER F 51 8.58 -6.74 -28.18
CA SER F 51 8.39 -8.18 -28.11
C SER F 51 9.74 -8.85 -27.92
N PRO F 52 10.00 -9.50 -26.78
CA PRO F 52 11.30 -10.14 -26.58
C PRO F 52 11.61 -11.20 -27.62
N THR F 53 10.60 -11.87 -28.17
CA THR F 53 10.84 -12.83 -29.24
C THR F 53 11.41 -12.17 -30.49
N LYS F 54 11.25 -10.86 -30.62
CA LYS F 54 11.78 -10.10 -31.75
C LYS F 54 13.00 -9.26 -31.38
N LEU F 55 13.60 -9.50 -30.21
CA LEU F 55 14.75 -8.69 -29.79
C LEU F 55 16.04 -9.09 -30.47
N ASN F 56 16.22 -10.38 -30.77
CA ASN F 56 17.43 -10.83 -31.45
C ASN F 56 17.59 -10.23 -32.85
N ASP F 57 16.54 -9.59 -33.38
CA ASP F 57 16.57 -9.00 -34.70
C ASP F 57 16.78 -7.49 -34.67
N LEU F 58 17.01 -6.91 -33.50
CA LEU F 58 16.98 -5.46 -33.34
C LEU F 58 18.28 -4.92 -32.78
N CYS F 59 18.49 -3.63 -33.01
CA CYS F 59 19.62 -2.88 -32.48
C CYS F 59 19.12 -1.62 -31.79
N PHE F 60 19.78 -1.26 -30.70
CA PHE F 60 19.45 -0.04 -29.96
C PHE F 60 20.75 0.69 -29.63
N THR F 61 20.61 1.95 -29.22
CA THR F 61 21.81 2.71 -28.85
C THR F 61 22.23 2.43 -27.41
N ASN F 62 21.26 2.21 -26.52
CA ASN F 62 21.55 1.84 -25.14
C ASN F 62 20.49 0.87 -24.63
N VAL F 63 20.93 -0.06 -23.78
CA VAL F 63 20.04 -0.88 -22.96
C VAL F 63 20.40 -0.63 -21.51
N TYR F 64 19.43 -0.17 -20.73
CA TYR F 64 19.63 0.11 -19.32
C TYR F 64 19.13 -1.07 -18.49
N ALA F 65 20.01 -1.64 -17.68
CA ALA F 65 19.66 -2.75 -16.81
C ALA F 65 19.64 -2.24 -15.37
N ASP F 66 18.45 -2.04 -14.83
CA ASP F 66 18.27 -1.68 -13.43
C ASP F 66 17.95 -2.93 -12.62
N SER F 67 18.43 -2.99 -11.38
CA SER F 67 18.19 -4.18 -10.58
C SER F 67 18.03 -3.80 -9.12
N PHE F 68 17.20 -4.58 -8.43
CA PHE F 68 16.91 -4.37 -7.01
C PHE F 68 16.13 -5.56 -6.47
N VAL F 69 15.75 -5.47 -5.20
CA VAL F 69 14.96 -6.49 -4.52
C VAL F 69 13.73 -5.84 -3.91
N VAL F 70 12.57 -6.47 -4.09
CA VAL F 70 11.35 -6.06 -3.40
C VAL F 70 10.70 -7.32 -2.84
N ARG F 71 9.62 -7.14 -2.09
CA ARG F 71 8.91 -8.30 -1.60
C ARG F 71 7.83 -8.73 -2.60
N GLY F 72 7.36 -9.97 -2.45
CA GLY F 72 6.59 -10.61 -3.50
C GLY F 72 5.39 -9.81 -3.96
N ASP F 73 4.63 -9.24 -3.03
CA ASP F 73 3.44 -8.49 -3.38
C ASP F 73 3.75 -7.20 -4.15
N GLU F 74 5.01 -6.81 -4.25
CA GLU F 74 5.39 -5.55 -4.88
C GLU F 74 5.98 -5.71 -6.27
N VAL F 75 6.28 -6.94 -6.68
CA VAL F 75 6.77 -7.18 -8.04
C VAL F 75 5.81 -6.57 -9.06
N ARG F 76 4.51 -6.64 -8.78
CA ARG F 76 3.50 -6.07 -9.67
C ARG F 76 3.61 -4.55 -9.77
N GLN F 77 4.20 -3.88 -8.77
CA GLN F 77 4.31 -2.43 -8.82
C GLN F 77 5.38 -1.97 -9.81
N ILE F 78 6.32 -2.83 -10.17
CA ILE F 78 7.34 -2.48 -11.15
C ILE F 78 6.73 -2.56 -12.53
N ALA F 79 6.03 -1.49 -12.94
CA ALA F 79 5.30 -1.48 -14.20
C ALA F 79 4.75 -0.07 -14.43
N PRO F 80 4.48 0.30 -15.67
CA PRO F 80 3.88 1.61 -15.94
C PRO F 80 2.51 1.73 -15.27
N GLY F 81 2.18 2.95 -14.86
CA GLY F 81 0.86 3.25 -14.35
C GLY F 81 0.53 2.68 -12.98
N GLN F 82 1.52 2.19 -12.25
CA GLN F 82 1.28 1.61 -10.93
C GLN F 82 1.31 2.70 -9.86
N THR F 83 0.46 2.54 -8.85
CA THR F 83 0.44 3.41 -7.68
C THR F 83 0.80 2.59 -6.46
N GLY F 84 1.63 3.16 -5.60
CA GLY F 84 2.03 2.48 -4.39
C GLY F 84 3.35 3.00 -3.86
N ARG F 85 3.78 2.36 -2.78
CA ARG F 85 5.01 2.75 -2.08
C ARG F 85 6.22 2.70 -3.01
N ILE F 86 6.34 1.64 -3.80
CA ILE F 86 7.53 1.45 -4.63
C ILE F 86 7.52 2.39 -5.83
N ALA F 87 6.41 2.41 -6.58
CA ALA F 87 6.34 3.24 -7.77
C ALA F 87 6.44 4.72 -7.42
N GLY F 88 5.83 5.12 -6.31
CA GLY F 88 5.84 6.50 -5.91
C GLY F 88 7.14 6.96 -5.29
N TYR F 89 7.71 6.16 -4.38
CA TYR F 89 8.81 6.63 -3.55
C TYR F 89 10.14 5.94 -3.82
N ASN F 90 10.18 4.92 -4.68
CA ASN F 90 11.40 4.12 -4.78
C ASN F 90 11.87 3.92 -6.22
N TYR F 91 10.99 3.45 -7.10
CA TYR F 91 11.38 3.18 -8.48
C TYR F 91 10.17 3.32 -9.38
N LYS F 92 10.24 4.22 -10.36
CA LYS F 92 9.11 4.59 -11.19
C LYS F 92 9.43 4.35 -12.66
N LEU F 93 8.49 3.76 -13.38
CA LEU F 93 8.63 3.58 -14.81
C LEU F 93 7.75 4.57 -15.56
N PRO F 94 8.19 5.05 -16.72
CA PRO F 94 7.39 6.01 -17.48
C PRO F 94 6.25 5.34 -18.22
N ASP F 95 5.23 6.14 -18.55
CA ASP F 95 4.03 5.62 -19.20
C ASP F 95 4.34 4.98 -20.54
N ASP F 96 5.37 5.48 -21.25
CA ASP F 96 5.78 4.92 -22.53
C ASP F 96 6.93 3.93 -22.38
N PHE F 97 6.98 3.24 -21.24
CA PHE F 97 8.08 2.32 -20.95
C PHE F 97 8.23 1.28 -22.06
N THR F 98 9.48 1.06 -22.47
CA THR F 98 9.83 0.13 -23.54
C THR F 98 10.90 -0.80 -23.01
N GLY F 99 10.51 -2.03 -22.68
CA GLY F 99 11.44 -2.96 -22.09
C GLY F 99 10.70 -3.99 -21.25
N CYS F 100 11.48 -4.80 -20.54
CA CYS F 100 10.93 -5.95 -19.84
C CYS F 100 11.25 -5.87 -18.35
N VAL F 101 10.34 -6.40 -17.54
CA VAL F 101 10.49 -6.50 -16.10
C VAL F 101 10.53 -7.98 -15.76
N ILE F 102 11.70 -8.47 -15.36
CA ILE F 102 11.93 -9.88 -15.08
C ILE F 102 12.18 -10.03 -13.59
N ALA F 103 11.52 -11.02 -12.97
CA ALA F 103 11.61 -11.16 -11.52
C ALA F 103 11.55 -12.64 -11.14
N TRP F 104 12.32 -12.99 -10.10
CA TRP F 104 12.30 -14.35 -9.58
C TRP F 104 12.36 -14.33 -8.06
N ASN F 105 11.87 -15.41 -7.46
CA ASN F 105 11.89 -15.57 -6.02
C ASN F 105 13.32 -15.84 -5.54
N SER F 106 13.78 -15.04 -4.59
CA SER F 106 15.15 -15.15 -4.07
C SER F 106 15.16 -15.49 -2.59
N ASN F 107 14.14 -16.22 -2.13
CA ASN F 107 14.05 -16.57 -0.71
C ASN F 107 15.28 -17.34 -0.24
N ASN F 108 15.80 -18.22 -1.09
CA ASN F 108 16.96 -19.02 -0.71
C ASN F 108 18.24 -18.20 -0.61
N LEU F 109 18.27 -17.01 -1.20
CA LEU F 109 19.48 -16.18 -1.22
C LEU F 109 19.39 -14.96 -0.30
N ASP F 110 18.23 -14.32 -0.22
CA ASP F 110 18.09 -13.05 0.47
C ASP F 110 17.32 -13.14 1.78
N SER F 111 16.87 -14.32 2.17
CA SER F 111 16.35 -14.55 3.51
C SER F 111 17.32 -15.43 4.28
N LYS F 112 17.23 -15.35 5.60
CA LYS F 112 18.04 -16.21 6.45
C LYS F 112 17.35 -16.37 7.80
N VAL F 113 17.61 -17.50 8.45
CA VAL F 113 17.11 -17.69 9.80
C VAL F 113 17.74 -16.65 10.70
N GLY F 114 16.90 -15.95 11.46
CA GLY F 114 17.30 -14.75 12.16
C GLY F 114 16.90 -13.48 11.45
N GLY F 115 16.64 -13.55 10.16
CA GLY F 115 16.14 -12.41 9.42
C GLY F 115 17.21 -11.58 8.73
N ASN F 116 17.09 -11.47 7.41
CA ASN F 116 17.89 -10.50 6.67
C ASN F 116 17.18 -9.16 6.73
N TYR F 117 17.83 -8.16 7.32
CA TYR F 117 17.28 -6.82 7.44
C TYR F 117 18.05 -5.79 6.63
N ASN F 118 18.87 -6.24 5.68
CA ASN F 118 19.75 -5.36 4.93
C ASN F 118 19.14 -4.82 3.65
N TYR F 119 17.94 -5.27 3.27
CA TYR F 119 17.21 -4.69 2.16
C TYR F 119 16.20 -3.68 2.72
N LEU F 120 16.23 -2.46 2.18
N LEU F 120 16.24 -2.46 2.19
CA LEU F 120 15.41 -1.38 2.70
CA LEU F 120 15.42 -1.38 2.71
C LEU F 120 14.60 -0.76 1.59
C LEU F 120 14.60 -0.76 1.59
N TYR F 121 13.59 0.01 1.99
CA TYR F 121 12.73 0.73 1.07
C TYR F 121 12.40 2.08 1.68
N ARG F 122 12.06 3.04 0.83
CA ARG F 122 11.62 4.35 1.30
C ARG F 122 10.12 4.29 1.59
N LEU F 123 9.73 4.73 2.78
CA LEU F 123 8.34 4.70 3.20
C LEU F 123 7.64 6.05 3.14
N PHE F 124 8.39 7.15 3.19
CA PHE F 124 7.79 8.48 3.20
C PHE F 124 8.55 9.39 2.25
N ARG F 125 7.82 10.28 1.59
CA ARG F 125 8.43 11.25 0.69
C ARG F 125 7.44 12.38 0.43
N LYS F 126 7.97 13.58 0.21
CA LYS F 126 7.12 14.74 0.00
C LYS F 126 6.39 14.67 -1.34
N SER F 127 6.97 14.00 -2.33
CA SER F 127 6.36 13.90 -3.64
C SER F 127 6.80 12.62 -4.31
N ASN F 128 6.09 12.24 -5.38
CA ASN F 128 6.42 11.04 -6.12
C ASN F 128 7.68 11.23 -6.96
N LEU F 129 8.38 10.13 -7.19
CA LEU F 129 9.56 10.16 -8.03
C LEU F 129 9.19 10.37 -9.49
N LYS F 130 10.09 10.97 -10.24
CA LYS F 130 9.99 11.01 -11.68
C LYS F 130 10.53 9.71 -12.25
N PRO F 131 10.17 9.36 -13.49
CA PRO F 131 10.60 8.08 -14.05
C PRO F 131 12.12 7.95 -14.07
N PHE F 132 12.60 6.82 -13.55
CA PHE F 132 14.03 6.49 -13.47
C PHE F 132 14.80 7.46 -12.57
N GLU F 133 14.11 8.10 -11.63
CA GLU F 133 14.78 8.91 -10.62
C GLU F 133 15.12 8.05 -9.41
N ARG F 134 16.25 8.34 -8.79
CA ARG F 134 16.69 7.66 -7.59
C ARG F 134 16.79 8.66 -6.44
N ASP F 135 16.43 8.23 -5.24
CA ASP F 135 16.47 9.08 -4.06
C ASP F 135 17.13 8.31 -2.91
N ILE F 136 18.33 8.72 -2.53
CA ILE F 136 19.03 8.14 -1.40
C ILE F 136 19.11 9.13 -0.23
N SER F 137 18.22 10.10 -0.17
CA SER F 137 18.18 11.02 0.96
C SER F 137 17.78 10.30 2.24
N THR F 138 18.36 10.74 3.36
CA THR F 138 18.05 10.17 4.67
C THR F 138 17.50 11.22 5.63
N GLU F 139 16.96 12.32 5.12
CA GLU F 139 16.47 13.37 6.02
C GLU F 139 15.18 12.95 6.69
N ILE F 140 14.97 13.47 7.89
CA ILE F 140 13.80 13.11 8.68
C ILE F 140 12.55 13.63 7.97
N TYR F 141 11.54 12.77 7.84
CA TYR F 141 10.31 13.12 7.17
C TYR F 141 9.37 13.80 8.15
N GLN F 142 8.91 15.00 7.79
CA GLN F 142 8.04 15.80 8.64
C GLN F 142 6.59 15.46 8.29
N ALA F 143 5.95 14.65 9.13
CA ALA F 143 4.59 14.22 8.91
C ALA F 143 3.55 15.18 9.47
N GLY F 144 3.98 16.17 10.24
CA GLY F 144 3.05 17.16 10.78
C GLY F 144 3.49 18.58 10.50
N SER F 145 2.97 19.53 11.27
CA SER F 145 3.34 20.93 11.11
C SER F 145 4.57 21.32 11.89
N THR F 146 4.93 20.57 12.92
CA THR F 146 6.10 20.89 13.72
C THR F 146 7.38 20.53 12.96
N PRO F 147 8.35 21.44 12.87
CA PRO F 147 9.62 21.08 12.24
C PRO F 147 10.35 20.03 13.04
N CYS F 148 11.18 19.25 12.35
CA CYS F 148 11.88 18.12 12.97
C CYS F 148 13.32 18.43 13.34
N ASN F 149 13.99 19.33 12.62
CA ASN F 149 15.38 19.69 12.90
C ASN F 149 16.29 18.46 12.93
N GLY F 150 15.96 17.45 12.13
CA GLY F 150 16.82 16.30 11.96
C GLY F 150 16.80 15.27 13.07
N VAL F 151 15.80 15.31 13.96
CA VAL F 151 15.68 14.32 15.02
C VAL F 151 14.38 13.55 14.84
N GLU F 152 14.45 12.23 15.00
CA GLU F 152 13.25 11.41 14.99
C GLU F 152 12.38 11.74 16.19
N GLY F 153 11.07 11.68 16.00
CA GLY F 153 10.15 11.94 17.09
C GLY F 153 8.72 11.81 16.63
N PHE F 154 7.83 12.50 17.35
CA PHE F 154 6.43 12.51 16.96
C PHE F 154 6.25 13.26 15.65
N ASN F 155 5.59 12.61 14.68
CA ASN F 155 5.39 13.14 13.33
C ASN F 155 6.71 13.43 12.62
N CYS F 156 7.79 12.78 13.06
CA CYS F 156 9.11 12.97 12.47
C CYS F 156 9.74 11.60 12.30
N TYR F 157 9.69 11.07 11.09
CA TYR F 157 10.04 9.69 10.82
C TYR F 157 11.30 9.61 9.97
N PHE F 158 12.14 8.62 10.28
CA PHE F 158 13.20 8.27 9.35
C PHE F 158 12.56 7.72 8.07
N PRO F 159 13.05 8.12 6.89
CA PRO F 159 12.33 7.79 5.66
C PRO F 159 12.51 6.34 5.19
N LEU F 160 13.56 5.65 5.61
CA LEU F 160 13.83 4.30 5.15
C LEU F 160 13.46 3.28 6.21
N GLN F 161 12.86 2.18 5.79
CA GLN F 161 12.56 1.06 6.67
C GLN F 161 13.04 -0.23 6.03
N SER F 162 13.25 -1.25 6.84
CA SER F 162 13.86 -2.48 6.38
C SER F 162 12.80 -3.53 6.06
N TYR F 163 13.02 -4.27 4.99
CA TYR F 163 12.33 -5.53 4.81
C TYR F 163 12.87 -6.51 5.85
N GLY F 164 11.96 -7.28 6.45
CA GLY F 164 12.38 -8.35 7.35
C GLY F 164 12.24 -9.69 6.66
N PHE F 165 13.31 -10.16 6.02
CA PHE F 165 13.24 -11.36 5.18
C PHE F 165 13.67 -12.57 6.01
N HIS F 166 12.68 -13.31 6.52
CA HIS F 166 12.86 -14.60 7.17
C HIS F 166 12.38 -15.71 6.24
N PRO F 167 13.04 -16.88 6.22
CA PRO F 167 12.64 -17.93 5.28
C PRO F 167 11.22 -18.41 5.49
N THR F 168 10.64 -18.18 6.67
CA THR F 168 9.29 -18.61 7.01
C THR F 168 8.22 -17.64 6.53
N ASN F 169 8.59 -16.51 5.93
CA ASN F 169 7.60 -15.56 5.44
C ASN F 169 6.72 -16.19 4.37
N GLY F 170 5.46 -15.77 4.35
CA GLY F 170 4.63 -16.06 3.20
C GLY F 170 5.21 -15.47 1.93
N VAL F 171 4.87 -16.08 0.79
CA VAL F 171 5.54 -15.74 -0.47
C VAL F 171 5.40 -14.27 -0.80
N GLY F 172 4.27 -13.66 -0.44
CA GLY F 172 4.09 -12.23 -0.70
C GLY F 172 5.02 -11.35 0.09
N TYR F 173 5.60 -11.86 1.18
CA TYR F 173 6.58 -11.13 1.98
C TYR F 173 7.97 -11.73 1.82
N GLN F 174 8.19 -12.52 0.79
CA GLN F 174 9.49 -13.11 0.53
C GLN F 174 10.28 -12.22 -0.42
N PRO F 175 11.62 -12.31 -0.41
CA PRO F 175 12.41 -11.48 -1.30
C PRO F 175 12.30 -11.95 -2.75
N TYR F 176 12.23 -10.97 -3.64
CA TYR F 176 12.19 -11.19 -5.08
C TYR F 176 13.20 -10.27 -5.74
N ARG F 177 14.05 -10.86 -6.56
CA ARG F 177 15.02 -10.10 -7.33
C ARG F 177 14.40 -9.67 -8.66
N VAL F 178 14.63 -8.41 -9.02
CA VAL F 178 14.00 -7.76 -10.15
C VAL F 178 15.06 -7.10 -11.01
N VAL F 179 15.05 -7.42 -12.30
CA VAL F 179 15.86 -6.75 -13.31
C VAL F 179 14.91 -6.12 -14.33
N VAL F 180 15.11 -4.84 -14.60
CA VAL F 180 14.35 -4.09 -15.59
C VAL F 180 15.29 -3.76 -16.74
N LEU F 181 14.96 -4.28 -17.93
CA LEU F 181 15.69 -3.96 -19.15
C LEU F 181 14.94 -2.87 -19.90
N SER F 182 15.66 -1.81 -20.26
CA SER F 182 15.11 -0.62 -20.89
C SER F 182 15.82 -0.42 -22.22
N PHE F 183 15.05 -0.16 -23.27
CA PHE F 183 15.59 -0.10 -24.63
C PHE F 183 15.45 1.31 -25.19
N GLU F 184 16.57 1.88 -25.63
CA GLU F 184 16.63 3.27 -26.04
C GLU F 184 17.11 3.38 -27.49
N LEU F 185 16.47 4.27 -28.24
CA LEU F 185 16.90 4.60 -29.61
C LEU F 185 17.05 6.11 -29.67
N LEU F 186 18.29 6.58 -29.65
CA LEU F 186 18.59 8.01 -29.77
C LEU F 186 18.99 8.32 -31.21
N ASN F 187 19.22 9.60 -31.48
CA ASN F 187 19.72 10.04 -32.78
C ASN F 187 21.24 9.83 -32.81
N ALA F 188 21.62 8.55 -32.91
CA ALA F 188 22.99 8.10 -32.78
C ALA F 188 23.11 6.67 -33.27
N PRO F 189 24.32 6.13 -33.47
CA PRO F 189 24.43 4.73 -33.89
C PRO F 189 23.83 3.77 -32.87
N ALA F 190 23.35 2.63 -33.36
CA ALA F 190 22.76 1.59 -32.54
C ALA F 190 23.79 0.48 -32.36
N THR F 191 24.33 0.37 -31.14
CA THR F 191 25.52 -0.44 -30.89
C THR F 191 25.24 -1.73 -30.12
N VAL F 192 24.11 -1.86 -29.45
CA VAL F 192 23.76 -3.09 -28.74
C VAL F 192 22.73 -3.83 -29.58
N CYS F 193 23.11 -4.98 -30.12
CA CYS F 193 22.31 -5.71 -31.08
C CYS F 193 22.14 -7.16 -30.65
N GLY F 194 21.14 -7.82 -31.24
CA GLY F 194 21.07 -9.25 -31.19
C GLY F 194 22.01 -9.87 -32.21
N PRO F 195 22.04 -11.21 -32.22
CA PRO F 195 22.91 -11.88 -33.21
C PRO F 195 22.58 -11.51 -34.64
N LYS F 196 21.29 -11.32 -34.95
CA LYS F 196 20.85 -10.99 -36.32
C LYS F 196 20.31 -9.56 -36.36
N GLY F 197 21.19 -8.65 -35.94
CA GLY F 197 20.90 -7.25 -35.83
C GLY F 197 21.36 -6.44 -37.03
N GLU G 1 -40.98 5.89 16.81
CA GLU G 1 -40.77 6.09 15.38
C GLU G 1 -39.94 7.35 15.11
N VAL G 2 -39.11 7.29 14.07
CA VAL G 2 -38.26 8.42 13.72
C VAL G 2 -39.12 9.60 13.30
N GLN G 3 -38.79 10.79 13.82
CA GLN G 3 -39.49 12.00 13.46
C GLN G 3 -38.51 13.17 13.44
N LEU G 4 -38.69 14.05 12.45
CA LEU G 4 -37.87 15.25 12.27
C LEU G 4 -38.80 16.45 12.17
N LEU G 5 -38.77 17.32 13.17
CA LEU G 5 -39.66 18.48 13.25
C LEU G 5 -38.86 19.75 13.03
N GLU G 6 -39.15 20.46 11.95
CA GLU G 6 -38.39 21.63 11.57
C GLU G 6 -39.04 22.92 12.08
N SER G 7 -38.22 23.94 12.27
CA SER G 7 -38.71 25.26 12.62
C SER G 7 -37.62 26.28 12.31
N GLY G 8 -38.00 27.55 12.32
CA GLY G 8 -37.07 28.64 12.15
C GLY G 8 -37.18 29.40 10.85
N GLY G 9 -37.95 28.89 9.89
CA GLY G 9 -38.09 29.58 8.63
C GLY G 9 -38.97 30.81 8.74
N GLY G 10 -38.87 31.66 7.74
CA GLY G 10 -39.67 32.86 7.69
C GLY G 10 -39.08 33.88 6.72
N LEU G 11 -39.67 35.07 6.76
CA LEU G 11 -39.22 36.17 5.91
C LEU G 11 -37.98 36.83 6.49
N VAL G 12 -37.01 37.11 5.61
CA VAL G 12 -35.74 37.71 6.02
C VAL G 12 -35.29 38.68 4.93
N GLN G 13 -34.68 39.78 5.36
CA GLN G 13 -34.17 40.78 4.43
C GLN G 13 -33.03 40.21 3.58
N PRO G 14 -32.87 40.71 2.36
CA PRO G 14 -31.67 40.35 1.59
C PRO G 14 -30.41 40.71 2.37
N GLY G 15 -29.47 39.77 2.44
CA GLY G 15 -28.29 39.95 3.24
C GLY G 15 -28.46 39.59 4.71
N GLY G 16 -29.68 39.32 5.16
CA GLY G 16 -29.91 38.90 6.53
C GLY G 16 -29.52 37.45 6.77
N SER G 17 -29.81 36.99 7.98
CA SER G 17 -29.44 35.66 8.42
C SER G 17 -30.64 34.99 9.08
N LEU G 18 -30.56 33.66 9.19
CA LEU G 18 -31.64 32.87 9.75
C LEU G 18 -31.10 31.50 10.11
N ARG G 19 -31.56 30.94 11.22
CA ARG G 19 -31.12 29.63 11.68
C ARG G 19 -32.30 28.67 11.68
N LEU G 20 -32.19 27.60 10.91
CA LEU G 20 -33.20 26.55 10.89
C LEU G 20 -32.81 25.44 11.85
N SER G 21 -33.80 24.91 12.55
CA SER G 21 -33.60 23.79 13.47
C SER G 21 -34.49 22.62 13.07
N CYS G 22 -34.02 21.42 13.43
CA CYS G 22 -34.63 20.14 13.05
C CYS G 22 -34.51 19.25 14.29
N ALA G 23 -35.54 19.26 15.12
CA ALA G 23 -35.56 18.45 16.32
C ALA G 23 -35.91 17.01 15.96
N ALA G 24 -35.02 16.09 16.30
CA ALA G 24 -35.18 14.68 15.99
C ALA G 24 -35.71 13.92 17.21
N SER G 25 -36.40 12.82 16.93
CA SER G 25 -36.77 11.86 17.97
C SER G 25 -36.88 10.49 17.34
N GLY G 26 -36.67 9.46 18.16
CA GLY G 26 -36.63 8.09 17.67
C GLY G 26 -35.25 7.60 17.29
N PHE G 27 -34.23 8.45 17.40
CA PHE G 27 -32.85 8.10 17.18
C PHE G 27 -32.00 9.24 17.72
N ARG G 28 -30.71 8.95 17.92
CA ARG G 28 -29.79 9.96 18.44
C ARG G 28 -29.20 10.75 17.27
N ILE G 29 -29.27 12.08 17.36
CA ILE G 29 -29.05 12.98 16.24
C ILE G 29 -27.69 12.74 15.57
N SER G 30 -26.72 12.24 16.33
CA SER G 30 -25.36 12.07 15.83
C SER G 30 -25.03 10.63 15.45
N ASP G 31 -25.97 9.70 15.61
CA ASP G 31 -25.72 8.31 15.24
C ASP G 31 -25.78 8.08 13.74
N GLU G 32 -26.54 8.88 13.01
CA GLU G 32 -26.74 8.70 11.58
C GLU G 32 -26.44 10.00 10.85
N ASP G 33 -26.21 9.88 9.55
CA ASP G 33 -25.85 11.08 8.80
C ASP G 33 -27.06 11.99 8.65
N MET G 34 -26.80 13.30 8.61
CA MET G 34 -27.89 14.26 8.52
C MET G 34 -27.57 15.29 7.45
N GLY G 35 -28.62 15.80 6.80
CA GLY G 35 -28.41 16.77 5.74
C GLY G 35 -29.58 17.71 5.59
N TRP G 36 -29.33 18.79 4.84
CA TRP G 36 -30.34 19.74 4.45
C TRP G 36 -30.40 19.77 2.92
N VAL G 37 -31.62 19.68 2.40
CA VAL G 37 -31.95 19.73 0.98
C VAL G 37 -33.06 20.74 0.80
N ARG G 38 -32.96 21.59 -0.22
CA ARG G 38 -33.95 22.64 -0.40
C ARG G 38 -34.60 22.54 -1.77
N GLN G 39 -35.76 23.20 -1.89
CA GLN G 39 -36.55 23.19 -3.12
C GLN G 39 -37.13 24.59 -3.30
N ALA G 40 -36.60 25.33 -4.29
CA ALA G 40 -37.21 26.59 -4.68
C ALA G 40 -38.61 26.34 -5.24
N PRO G 41 -39.51 27.32 -5.13
CA PRO G 41 -40.91 27.09 -5.56
C PRO G 41 -41.04 26.58 -6.97
N GLY G 42 -41.67 25.41 -7.12
CA GLY G 42 -41.90 24.80 -8.42
C GLY G 42 -40.68 24.20 -9.08
N LYS G 43 -39.57 24.02 -8.36
CA LYS G 43 -38.32 23.57 -8.92
C LYS G 43 -37.95 22.20 -8.36
N GLY G 44 -36.72 21.77 -8.64
CA GLY G 44 -36.25 20.47 -8.21
C GLY G 44 -35.64 20.51 -6.82
N LEU G 45 -35.06 19.38 -6.44
CA LEU G 45 -34.40 19.23 -5.15
C LEU G 45 -32.93 19.58 -5.29
N GLU G 46 -32.41 20.40 -4.37
CA GLU G 46 -31.01 20.78 -4.36
C GLU G 46 -30.44 20.46 -2.99
N TRP G 47 -29.45 19.57 -2.95
CA TRP G 47 -28.77 19.29 -1.70
C TRP G 47 -27.95 20.50 -1.28
N VAL G 48 -28.01 20.82 0.01
CA VAL G 48 -27.39 22.02 0.56
C VAL G 48 -26.23 21.68 1.49
N SER G 49 -26.47 20.85 2.51
CA SER G 49 -25.38 20.57 3.44
C SER G 49 -25.55 19.20 4.06
N TYR G 50 -24.49 18.75 4.74
CA TYR G 50 -24.41 17.37 5.21
C TYR G 50 -23.42 17.28 6.36
N ILE G 51 -23.65 16.34 7.26
CA ILE G 51 -22.76 16.07 8.38
C ILE G 51 -22.84 14.58 8.72
N ASP G 52 -21.68 13.99 8.95
N ASP G 52 -21.69 13.94 8.87
CA ASP G 52 -21.43 12.56 9.10
CA ASP G 52 -21.68 12.49 8.98
C ASP G 52 -21.87 12.05 10.46
C ASP G 52 -21.64 12.02 10.43
N ASN G 53 -21.80 10.72 10.60
CA ASN G 53 -21.89 10.07 11.90
C ASN G 53 -20.55 9.50 12.33
N ALA G 54 -19.47 9.87 11.64
CA ALA G 54 -18.13 9.40 11.98
C ALA G 54 -17.37 10.50 12.73
N GLY G 55 -16.54 11.26 12.01
CA GLY G 55 -15.80 12.33 12.63
C GLY G 55 -16.47 13.69 12.51
N ALA G 56 -17.80 13.67 12.31
CA ALA G 56 -18.59 14.89 12.15
C ALA G 56 -18.10 15.73 10.97
N SER G 57 -17.67 15.05 9.90
CA SER G 57 -17.28 15.75 8.68
C SER G 57 -18.49 16.42 8.04
N THR G 58 -18.30 17.62 7.54
CA THR G 58 -19.37 18.44 6.98
C THR G 58 -19.13 18.69 5.51
N TYR G 59 -20.22 18.93 4.78
CA TYR G 59 -20.18 19.17 3.35
C TYR G 59 -21.21 20.24 2.99
N TYR G 60 -20.90 21.00 1.94
CA TYR G 60 -21.73 22.11 1.49
C TYR G 60 -21.68 22.19 -0.02
N ALA G 61 -22.83 22.49 -0.63
CA ALA G 61 -22.85 22.80 -2.05
C ALA G 61 -22.14 24.12 -2.30
N ASP G 62 -21.62 24.27 -3.53
CA ASP G 62 -20.92 25.50 -3.89
C ASP G 62 -21.83 26.71 -3.80
N SER G 63 -23.14 26.53 -4.03
CA SER G 63 -24.08 27.64 -4.02
C SER G 63 -24.29 28.23 -2.64
N VAL G 64 -23.86 27.54 -1.58
CA VAL G 64 -24.02 28.02 -0.21
C VAL G 64 -22.71 28.03 0.57
N LYS G 65 -21.60 27.62 -0.05
CA LYS G 65 -20.32 27.56 0.64
C LYS G 65 -19.91 28.94 1.14
N GLY G 66 -19.41 28.99 2.37
CA GLY G 66 -18.99 30.22 3.00
C GLY G 66 -20.11 31.00 3.69
N ARG G 67 -21.36 30.65 3.45
CA ARG G 67 -22.50 31.33 4.06
C ARG G 67 -23.30 30.46 5.02
N PHE G 68 -23.33 29.15 4.82
CA PHE G 68 -24.12 28.25 5.64
C PHE G 68 -23.21 27.43 6.54
N THR G 69 -23.71 27.07 7.72
CA THR G 69 -23.00 26.19 8.62
C THR G 69 -23.98 25.18 9.20
N ILE G 70 -23.66 23.90 9.07
CA ILE G 70 -24.49 22.84 9.63
C ILE G 70 -23.86 22.41 10.95
N SER G 71 -24.70 22.12 11.95
CA SER G 71 -24.20 21.68 13.24
C SER G 71 -25.28 20.87 13.95
N ARG G 72 -24.90 20.22 15.04
CA ARG G 72 -25.87 19.53 15.90
C ARG G 72 -25.67 19.93 17.36
N ASP G 73 -26.76 19.87 18.11
CA ASP G 73 -26.74 19.91 19.56
C ASP G 73 -27.22 18.56 20.04
N ASN G 74 -26.30 17.79 20.64
CA ASN G 74 -26.64 16.45 21.12
C ASN G 74 -27.58 16.50 22.31
N SER G 75 -27.35 17.44 23.23
CA SER G 75 -28.18 17.52 24.43
C SER G 75 -29.63 17.85 24.08
N LYS G 76 -29.85 18.55 22.97
CA LYS G 76 -31.19 18.84 22.48
C LYS G 76 -31.61 17.91 21.35
N ASN G 77 -30.71 17.03 20.88
CA ASN G 77 -30.99 16.10 19.80
C ASN G 77 -31.53 16.84 18.58
N THR G 78 -30.86 17.95 18.23
CA THR G 78 -31.35 18.86 17.21
C THR G 78 -30.26 19.13 16.17
N LEU G 79 -30.67 19.24 14.92
CA LEU G 79 -29.81 19.67 13.82
C LEU G 79 -30.08 21.14 13.50
N TYR G 80 -29.04 21.84 13.08
CA TYR G 80 -29.14 23.28 12.80
C TYR G 80 -28.46 23.61 11.49
N LEU G 81 -29.07 24.54 10.76
CA LEU G 81 -28.47 25.16 9.58
C LEU G 81 -28.50 26.67 9.78
N GLN G 82 -27.32 27.26 10.02
CA GLN G 82 -27.18 28.71 10.14
C GLN G 82 -26.88 29.29 8.76
N MET G 83 -27.73 30.21 8.32
CA MET G 83 -27.66 30.79 6.97
C MET G 83 -27.37 32.28 7.08
N ASN G 84 -26.24 32.70 6.52
CA ASN G 84 -25.83 34.10 6.50
C ASN G 84 -25.81 34.63 5.07
N SER G 85 -25.88 35.95 4.96
CA SER G 85 -25.81 36.66 3.68
C SER G 85 -26.76 36.04 2.66
N LEU G 86 -28.04 36.00 3.03
CA LEU G 86 -29.04 35.35 2.21
C LEU G 86 -29.40 36.21 0.99
N ARG G 87 -29.64 35.55 -0.13
CA ARG G 87 -30.04 36.20 -1.37
C ARG G 87 -31.43 35.71 -1.76
N ALA G 88 -32.01 36.39 -2.76
CA ALA G 88 -33.33 36.01 -3.24
C ALA G 88 -33.35 34.57 -3.73
N GLU G 89 -32.27 34.13 -4.39
CA GLU G 89 -32.18 32.77 -4.91
C GLU G 89 -32.19 31.72 -3.81
N ASP G 90 -31.99 32.11 -2.55
CA ASP G 90 -32.06 31.18 -1.43
C ASP G 90 -33.49 30.91 -0.98
N THR G 91 -34.47 31.65 -1.50
CA THR G 91 -35.86 31.42 -1.16
C THR G 91 -36.29 30.01 -1.57
N ALA G 92 -36.69 29.21 -0.59
CA ALA G 92 -37.00 27.81 -0.86
C ALA G 92 -37.59 27.17 0.38
N VAL G 93 -38.23 26.03 0.17
CA VAL G 93 -38.58 25.14 1.27
C VAL G 93 -37.34 24.34 1.63
N TYR G 94 -36.93 24.41 2.89
CA TYR G 94 -35.77 23.69 3.36
C TYR G 94 -36.23 22.47 4.16
N TYR G 95 -35.63 21.32 3.84
CA TYR G 95 -35.91 20.04 4.47
C TYR G 95 -34.65 19.54 5.16
N CYS G 96 -34.81 19.01 6.37
CA CYS G 96 -33.78 18.18 6.95
C CYS G 96 -34.10 16.72 6.68
N ALA G 97 -33.06 15.91 6.56
CA ALA G 97 -33.26 14.50 6.25
C ALA G 97 -32.14 13.68 6.87
N LYS G 98 -32.46 12.44 7.19
CA LYS G 98 -31.54 11.48 7.79
C LYS G 98 -31.12 10.46 6.74
N SER G 99 -29.85 10.07 6.77
CA SER G 99 -29.33 8.99 5.95
C SER G 99 -28.78 7.90 6.87
N HIS G 100 -29.31 6.69 6.70
CA HIS G 100 -28.92 5.51 7.45
C HIS G 100 -27.65 4.87 6.91
N TYR G 101 -27.14 5.35 5.78
CA TYR G 101 -25.94 4.80 5.17
C TYR G 101 -24.95 5.91 4.91
N ALA G 102 -23.66 5.55 4.87
CA ALA G 102 -22.62 6.54 4.59
C ALA G 102 -22.68 7.02 3.15
N ASN G 103 -23.18 6.17 2.24
CA ASN G 103 -23.58 6.63 0.93
C ASN G 103 -24.94 7.31 1.07
N PRO G 104 -25.05 8.60 0.80
CA PRO G 104 -26.27 9.34 1.16
C PRO G 104 -27.55 8.79 0.56
N SER G 105 -28.42 8.31 1.43
N SER G 105 -28.42 8.30 1.43
CA SER G 105 -29.74 7.82 1.05
CA SER G 105 -29.75 7.82 1.04
C SER G 105 -30.73 8.31 2.10
C SER G 105 -30.73 8.31 2.10
N PHE G 106 -31.55 9.29 1.75
CA PHE G 106 -32.42 9.96 2.71
C PHE G 106 -33.70 9.15 2.91
N ASP G 107 -33.79 8.44 4.03
CA ASP G 107 -34.95 7.60 4.32
C ASP G 107 -35.99 8.29 5.19
N TYR G 108 -35.63 9.37 5.89
CA TYR G 108 -36.58 10.14 6.67
C TYR G 108 -36.38 11.62 6.42
N TRP G 109 -37.48 12.33 6.21
CA TRP G 109 -37.47 13.75 5.86
C TRP G 109 -38.32 14.53 6.84
N GLY G 110 -37.89 15.75 7.16
CA GLY G 110 -38.75 16.67 7.87
C GLY G 110 -39.85 17.22 6.98
N GLN G 111 -40.85 17.83 7.61
CA GLN G 111 -41.98 18.35 6.86
C GLN G 111 -41.60 19.52 5.96
N GLY G 112 -40.52 20.22 6.28
CA GLY G 112 -40.06 21.36 5.51
C GLY G 112 -40.48 22.67 6.12
N THR G 113 -39.68 23.71 5.89
CA THR G 113 -40.00 25.05 6.37
C THR G 113 -39.59 26.07 5.32
N LEU G 114 -40.44 27.06 5.08
CA LEU G 114 -40.26 28.01 3.98
C LEU G 114 -39.37 29.17 4.41
N VAL G 115 -38.33 29.43 3.63
CA VAL G 115 -37.45 30.57 3.83
C VAL G 115 -37.63 31.54 2.66
N THR G 116 -38.10 32.75 2.96
CA THR G 116 -38.36 33.78 1.97
C THR G 116 -37.40 34.95 2.21
N VAL G 117 -36.62 35.28 1.18
CA VAL G 117 -35.67 36.39 1.23
C VAL G 117 -36.18 37.48 0.29
N SER G 118 -36.70 38.57 0.86
CA SER G 118 -37.18 39.68 0.05
C SER G 118 -37.29 40.93 0.92
N SER G 119 -37.21 42.08 0.25
CA SER G 119 -37.36 43.37 0.93
C SER G 119 -38.80 43.71 1.26
N ALA G 120 -39.77 42.96 0.73
CA ALA G 120 -41.17 43.31 0.90
C ALA G 120 -41.61 43.14 2.35
N SER G 121 -42.65 43.87 2.72
CA SER G 121 -43.13 43.89 4.10
C SER G 121 -44.23 42.85 4.29
N THR G 122 -44.35 42.38 5.52
CA THR G 122 -45.39 41.42 5.86
C THR G 122 -46.76 42.12 5.88
N LYS G 123 -47.73 41.51 5.21
CA LYS G 123 -49.10 42.02 5.22
C LYS G 123 -50.08 40.86 5.35
N GLY G 124 -51.11 41.07 6.15
CA GLY G 124 -52.15 40.08 6.33
C GLY G 124 -53.16 40.12 5.20
N PRO G 125 -53.83 39.00 4.96
CA PRO G 125 -54.76 38.91 3.84
C PRO G 125 -56.13 39.50 4.17
N SER G 126 -56.78 40.01 3.14
CA SER G 126 -58.19 40.38 3.21
C SER G 126 -59.01 39.23 2.67
N VAL G 127 -59.98 38.76 3.46
CA VAL G 127 -60.79 37.59 3.11
C VAL G 127 -62.17 38.08 2.72
N PHE G 128 -62.58 37.75 1.49
CA PHE G 128 -63.89 38.11 0.98
C PHE G 128 -64.68 36.85 0.63
N PRO G 129 -66.01 36.91 0.65
CA PRO G 129 -66.80 35.73 0.30
C PRO G 129 -66.95 35.57 -1.21
N LEU G 130 -66.94 34.32 -1.64
CA LEU G 130 -67.32 33.94 -3.00
C LEU G 130 -68.71 33.32 -2.89
N ALA G 131 -69.73 34.17 -2.93
CA ALA G 131 -71.08 33.75 -2.60
C ALA G 131 -71.67 32.85 -3.69
N PRO G 132 -72.49 31.88 -3.30
CA PRO G 132 -73.15 31.03 -4.30
C PRO G 132 -74.38 31.71 -4.89
N SER G 133 -74.58 31.50 -6.19
CA SER G 133 -75.72 32.08 -6.87
C SER G 133 -76.89 31.08 -6.89
N SER G 134 -78.01 31.51 -7.44
CA SER G 134 -79.20 30.68 -7.50
C SER G 134 -79.67 30.49 -8.94
N THR G 141 -76.06 20.53 -7.43
CA THR G 141 -74.67 20.82 -7.07
C THR G 141 -74.35 22.30 -7.28
N ALA G 142 -73.89 22.95 -6.22
CA ALA G 142 -73.52 24.36 -6.25
C ALA G 142 -72.09 24.52 -5.72
N ALA G 143 -71.54 25.72 -5.91
CA ALA G 143 -70.16 26.00 -5.54
C ALA G 143 -70.09 27.34 -4.80
N LEU G 144 -69.21 27.42 -3.81
CA LEU G 144 -68.99 28.66 -3.07
C LEU G 144 -67.57 28.66 -2.53
N GLY G 145 -67.05 29.85 -2.24
CA GLY G 145 -65.66 29.90 -1.84
C GLY G 145 -65.30 31.10 -1.00
N CYS G 146 -63.99 31.32 -0.90
CA CYS G 146 -63.40 32.44 -0.16
C CYS G 146 -62.21 32.97 -0.94
N LEU G 147 -62.17 34.28 -1.12
CA LEU G 147 -61.07 34.96 -1.81
C LEU G 147 -60.12 35.54 -0.75
N VAL G 148 -58.96 34.91 -0.61
CA VAL G 148 -57.91 35.34 0.32
C VAL G 148 -56.92 36.17 -0.49
N LYS G 149 -57.07 37.49 -0.45
CA LYS G 149 -56.40 38.39 -1.37
C LYS G 149 -55.42 39.31 -0.65
N ASP G 150 -54.29 39.58 -1.32
CA ASP G 150 -53.33 40.64 -0.95
C ASP G 150 -52.67 40.33 0.40
N TYR G 151 -51.78 39.36 0.35
CA TYR G 151 -51.00 39.02 1.52
C TYR G 151 -49.57 38.70 1.10
N PHE G 152 -48.68 38.73 2.10
CA PHE G 152 -47.26 38.43 1.93
C PHE G 152 -46.61 38.23 3.29
N PRO G 153 -45.73 37.24 3.44
CA PRO G 153 -45.38 36.25 2.41
C PRO G 153 -46.28 35.03 2.45
N GLU G 154 -45.90 33.98 1.72
CA GLU G 154 -46.52 32.68 1.87
C GLU G 154 -46.06 32.07 3.20
N PRO G 155 -46.84 31.12 3.75
CA PRO G 155 -48.09 30.55 3.23
C PRO G 155 -49.34 31.03 3.97
N VAL G 156 -50.49 30.62 3.47
CA VAL G 156 -51.75 30.69 4.20
C VAL G 156 -52.33 29.28 4.24
N THR G 157 -53.20 29.06 5.23
CA THR G 157 -53.95 27.82 5.33
C THR G 157 -55.43 28.15 5.35
N VAL G 158 -56.21 27.35 4.63
CA VAL G 158 -57.65 27.53 4.58
C VAL G 158 -58.31 26.19 4.89
N SER G 159 -59.17 26.17 5.90
CA SER G 159 -60.03 25.03 6.18
C SER G 159 -61.48 25.46 6.01
N TRP G 160 -62.38 24.49 6.05
CA TRP G 160 -63.81 24.78 5.89
C TRP G 160 -64.57 24.14 7.04
N ASN G 161 -65.37 24.95 7.74
CA ASN G 161 -66.14 24.53 8.90
C ASN G 161 -65.24 23.87 9.94
N SER G 162 -64.10 24.52 10.21
CA SER G 162 -63.18 24.13 11.28
C SER G 162 -62.65 22.71 11.11
N GLY G 163 -62.55 22.25 9.86
CA GLY G 163 -61.99 20.95 9.57
C GLY G 163 -62.99 19.86 9.25
N ALA G 164 -64.28 20.09 9.51
CA ALA G 164 -65.28 19.06 9.22
C ALA G 164 -65.52 18.92 7.72
N LEU G 165 -65.63 20.04 7.01
CA LEU G 165 -65.93 20.05 5.58
C LEU G 165 -64.63 19.94 4.81
N THR G 166 -64.34 18.73 4.29
CA THR G 166 -63.17 18.50 3.46
C THR G 166 -63.51 17.83 2.13
N SER G 167 -64.79 17.66 1.82
CA SER G 167 -65.23 16.96 0.63
C SER G 167 -65.53 17.95 -0.48
N GLY G 168 -64.96 17.70 -1.67
CA GLY G 168 -65.16 18.59 -2.79
C GLY G 168 -64.55 19.96 -2.61
N VAL G 169 -63.42 20.05 -1.89
CA VAL G 169 -62.78 21.31 -1.56
C VAL G 169 -61.50 21.43 -2.40
N HIS G 170 -61.36 22.56 -3.08
CA HIS G 170 -60.16 22.87 -3.86
C HIS G 170 -59.61 24.22 -3.38
N THR G 171 -58.49 24.19 -2.67
CA THR G 171 -57.76 25.40 -2.30
C THR G 171 -56.67 25.61 -3.33
N PHE G 172 -56.78 26.68 -4.12
CA PHE G 172 -55.91 26.86 -5.26
C PHE G 172 -54.55 27.39 -4.84
N PRO G 173 -53.50 27.06 -5.59
CA PRO G 173 -52.19 27.67 -5.33
C PRO G 173 -52.25 29.18 -5.51
N ALA G 174 -51.46 29.87 -4.69
CA ALA G 174 -51.47 31.33 -4.73
C ALA G 174 -50.72 31.84 -5.95
N VAL G 175 -51.18 32.96 -6.50
CA VAL G 175 -50.51 33.63 -7.60
C VAL G 175 -49.95 34.95 -7.08
N LEU G 176 -48.73 35.26 -7.52
CA LEU G 176 -48.11 36.55 -7.20
C LEU G 176 -48.69 37.61 -8.14
N GLN G 177 -49.33 38.63 -7.57
CA GLN G 177 -49.94 39.66 -8.37
C GLN G 177 -48.89 40.69 -8.82
N SER G 178 -49.31 41.59 -9.70
CA SER G 178 -48.43 42.66 -10.15
C SER G 178 -47.96 43.53 -9.00
N SER G 179 -48.82 43.73 -8.00
CA SER G 179 -48.47 44.51 -6.81
C SER G 179 -47.45 43.81 -5.93
N GLY G 180 -47.09 42.57 -6.23
CA GLY G 180 -46.16 41.82 -5.41
C GLY G 180 -46.78 41.12 -4.23
N LEU G 181 -48.09 41.21 -4.06
CA LEU G 181 -48.81 40.51 -3.00
C LEU G 181 -49.46 39.25 -3.57
N TYR G 182 -49.52 38.21 -2.73
CA TYR G 182 -50.12 36.95 -3.15
C TYR G 182 -51.63 37.02 -3.04
N SER G 183 -52.30 36.24 -3.88
CA SER G 183 -53.74 36.10 -3.85
C SER G 183 -54.09 34.63 -4.07
N LEU G 184 -55.22 34.21 -3.50
CA LEU G 184 -55.58 32.81 -3.44
C LEU G 184 -57.09 32.71 -3.29
N SER G 185 -57.64 31.55 -3.64
CA SER G 185 -59.06 31.30 -3.49
C SER G 185 -59.28 29.85 -3.10
N SER G 186 -60.31 29.62 -2.29
CA SER G 186 -60.65 28.28 -1.81
C SER G 186 -62.12 28.02 -2.10
N VAL G 187 -62.41 27.03 -2.95
CA VAL G 187 -63.77 26.73 -3.35
C VAL G 187 -64.18 25.38 -2.76
N VAL G 188 -65.50 25.20 -2.65
CA VAL G 188 -66.10 23.97 -2.15
C VAL G 188 -67.39 23.73 -2.94
N THR G 189 -67.59 22.48 -3.32
CA THR G 189 -68.78 22.04 -4.05
C THR G 189 -69.68 21.29 -3.07
N VAL G 190 -70.94 21.75 -2.96
CA VAL G 190 -71.88 21.17 -2.02
C VAL G 190 -73.22 20.97 -2.69
N PRO G 191 -74.02 20.04 -2.18
CA PRO G 191 -75.37 19.83 -2.72
C PRO G 191 -76.18 21.13 -2.70
N SER G 192 -76.93 21.35 -3.78
CA SER G 192 -77.66 22.60 -3.94
C SER G 192 -78.73 22.77 -2.86
N SER G 193 -79.44 21.68 -2.55
CA SER G 193 -80.49 21.74 -1.54
C SER G 193 -79.95 22.02 -0.15
N SER G 194 -78.68 21.69 0.12
CA SER G 194 -78.08 21.88 1.43
C SER G 194 -77.70 23.33 1.71
N LEU G 195 -78.01 24.26 0.81
CA LEU G 195 -77.59 25.65 0.99
C LEU G 195 -78.36 26.31 2.13
N GLY G 196 -79.69 26.19 2.12
CA GLY G 196 -80.51 26.84 3.12
C GLY G 196 -80.31 26.29 4.53
N THR G 197 -80.07 24.99 4.65
CA THR G 197 -79.96 24.38 5.97
C THR G 197 -78.58 24.59 6.58
N GLN G 198 -77.53 24.55 5.77
CA GLN G 198 -76.17 24.52 6.27
C GLN G 198 -75.59 25.92 6.44
N THR G 199 -74.62 26.04 7.33
CA THR G 199 -73.80 27.23 7.48
C THR G 199 -72.38 26.91 7.04
N TYR G 200 -71.77 27.82 6.28
CA TYR G 200 -70.46 27.60 5.69
C TYR G 200 -69.49 28.68 6.18
N ILE G 201 -68.39 28.25 6.78
CA ILE G 201 -67.37 29.14 7.32
C ILE G 201 -66.02 28.71 6.77
N CYS G 202 -65.25 29.67 6.26
CA CYS G 202 -63.89 29.42 5.80
C CYS G 202 -62.90 29.97 6.81
N ASN G 203 -61.96 29.13 7.23
CA ASN G 203 -60.98 29.50 8.25
C ASN G 203 -59.66 29.80 7.55
N VAL G 204 -59.27 31.06 7.56
CA VAL G 204 -58.04 31.54 6.93
C VAL G 204 -57.03 31.84 8.03
N ASN G 205 -55.86 31.24 7.94
CA ASN G 205 -54.79 31.43 8.90
C ASN G 205 -53.54 31.89 8.14
N HIS G 206 -53.03 33.05 8.52
CA HIS G 206 -51.78 33.59 7.98
C HIS G 206 -50.85 33.80 9.16
N LYS G 207 -49.94 32.83 9.39
CA LYS G 207 -49.02 32.93 10.52
C LYS G 207 -48.00 34.06 10.37
N PRO G 208 -47.35 34.26 9.22
CA PRO G 208 -46.34 35.34 9.13
C PRO G 208 -46.83 36.69 9.61
N SER G 209 -48.10 37.01 9.43
CA SER G 209 -48.68 38.25 9.95
C SER G 209 -49.54 38.02 11.18
N ASN G 210 -49.67 36.77 11.63
CA ASN G 210 -50.43 36.43 12.84
C ASN G 210 -51.88 36.88 12.74
N THR G 211 -52.52 36.54 11.62
CA THR G 211 -53.90 36.91 11.37
C THR G 211 -54.75 35.65 11.18
N LYS G 212 -55.84 35.56 11.92
CA LYS G 212 -56.80 34.47 11.79
C LYS G 212 -58.16 35.08 11.51
N VAL G 213 -58.79 34.67 10.40
CA VAL G 213 -60.08 35.21 9.98
C VAL G 213 -61.01 34.04 9.68
N ASP G 214 -62.11 33.95 10.43
CA ASP G 214 -63.19 33.04 10.14
C ASP G 214 -64.28 33.80 9.40
N LYS G 215 -64.59 33.38 8.18
CA LYS G 215 -65.48 34.11 7.29
C LYS G 215 -66.76 33.31 7.05
N LYS G 216 -67.90 33.96 7.29
CA LYS G 216 -69.19 33.40 6.95
C LYS G 216 -69.55 33.78 5.52
N VAL G 217 -69.85 32.78 4.70
CA VAL G 217 -70.20 32.99 3.30
C VAL G 217 -71.67 32.61 3.16
N GLU G 218 -72.53 33.62 3.09
CA GLU G 218 -73.97 33.43 3.00
C GLU G 218 -74.50 33.98 1.69
N PRO G 219 -75.48 33.32 1.06
CA PRO G 219 -76.11 33.78 -0.17
C PRO G 219 -76.87 35.10 0.03
N ASP H 1 -19.33 17.88 -10.88
CA ASP H 1 -20.47 17.19 -10.31
C ASP H 1 -20.85 15.99 -11.16
N ILE H 2 -21.59 15.05 -10.56
CA ILE H 2 -22.13 13.91 -11.28
C ILE H 2 -23.53 14.27 -11.71
N GLN H 3 -23.70 14.53 -13.01
CA GLN H 3 -25.00 14.97 -13.54
C GLN H 3 -25.94 13.79 -13.69
N MET H 4 -27.18 13.97 -13.24
CA MET H 4 -28.21 12.96 -13.32
C MET H 4 -29.29 13.44 -14.29
N THR H 5 -29.59 12.64 -15.30
CA THR H 5 -30.58 12.97 -16.31
C THR H 5 -31.67 11.92 -16.30
N GLN H 6 -32.90 12.34 -16.01
CA GLN H 6 -34.03 11.44 -16.02
C GLN H 6 -34.74 11.48 -17.38
N SER H 7 -35.51 10.41 -17.65
CA SER H 7 -36.16 10.27 -18.94
C SER H 7 -37.41 9.42 -18.74
N PRO H 8 -38.59 9.92 -19.12
CA PRO H 8 -38.81 11.24 -19.70
C PRO H 8 -38.92 12.30 -18.62
N SER H 9 -39.21 13.54 -19.01
CA SER H 9 -39.42 14.58 -18.01
C SER H 9 -40.84 14.55 -17.46
N SER H 10 -41.80 14.11 -18.28
CA SER H 10 -43.17 13.94 -17.84
C SER H 10 -43.76 12.77 -18.61
N LEU H 11 -44.89 12.26 -18.12
CA LEU H 11 -45.55 11.15 -18.78
C LEU H 11 -46.98 11.04 -18.26
N SER H 12 -47.87 10.59 -19.14
CA SER H 12 -49.24 10.26 -18.79
C SER H 12 -49.44 8.76 -18.97
N ALA H 13 -50.15 8.15 -18.03
CA ALA H 13 -50.39 6.71 -18.09
C ALA H 13 -51.68 6.40 -17.34
N SER H 14 -52.44 5.45 -17.87
CA SER H 14 -53.72 5.08 -17.28
C SER H 14 -53.52 4.22 -16.05
N VAL H 15 -54.59 4.10 -15.26
CA VAL H 15 -54.56 3.25 -14.08
C VAL H 15 -54.29 1.81 -14.49
N GLY H 16 -53.42 1.13 -13.75
CA GLY H 16 -53.09 -0.25 -14.02
C GLY H 16 -51.95 -0.45 -14.99
N ASP H 17 -51.49 0.59 -15.68
CA ASP H 17 -50.41 0.45 -16.64
C ASP H 17 -49.08 0.28 -15.93
N ARG H 18 -48.07 -0.12 -16.70
CA ARG H 18 -46.71 -0.26 -16.22
C ARG H 18 -45.92 0.98 -16.65
N VAL H 19 -45.37 1.70 -15.69
CA VAL H 19 -44.65 2.95 -15.92
C VAL H 19 -43.17 2.71 -15.70
N THR H 20 -42.35 3.14 -16.66
CA THR H 20 -40.91 2.97 -16.62
C THR H 20 -40.23 4.32 -16.74
N ILE H 21 -39.44 4.68 -15.73
CA ILE H 21 -38.68 5.92 -15.69
C ILE H 21 -37.21 5.56 -15.63
N THR H 22 -36.39 6.19 -16.46
CA THR H 22 -34.97 5.91 -16.48
C THR H 22 -34.17 7.09 -15.92
N CYS H 23 -32.97 6.77 -15.44
CA CYS H 23 -32.05 7.74 -14.88
C CYS H 23 -30.65 7.38 -15.34
N ARG H 24 -29.94 8.34 -15.93
CA ARG H 24 -28.58 8.17 -16.39
C ARG H 24 -27.64 9.06 -15.61
N ALA H 25 -26.47 8.52 -15.27
CA ALA H 25 -25.45 9.26 -14.54
C ALA H 25 -24.26 9.50 -15.45
N SER H 26 -23.71 10.72 -15.39
CA SER H 26 -22.54 11.07 -16.17
C SER H 26 -21.30 10.29 -15.79
N GLN H 27 -21.34 9.55 -14.68
N GLN H 27 -21.35 9.52 -14.70
CA GLN H 27 -20.23 8.73 -14.23
CA GLN H 27 -20.22 8.74 -14.23
C GLN H 27 -20.77 7.43 -13.66
C GLN H 27 -20.73 7.47 -13.56
N ASP H 28 -19.90 6.44 -13.57
CA ASP H 28 -20.28 5.18 -12.96
C ASP H 28 -20.46 5.37 -11.46
N ILE H 29 -21.68 5.12 -10.98
CA ILE H 29 -22.00 5.23 -9.56
C ILE H 29 -22.31 3.86 -8.97
N ALA H 30 -21.93 2.79 -9.65
CA ALA H 30 -22.07 1.40 -9.18
C ALA H 30 -23.54 1.15 -8.84
N ASP H 31 -23.87 0.72 -7.62
N ASP H 31 -23.87 0.72 -7.63
CA ASP H 31 -25.24 0.51 -7.21
CA ASP H 31 -25.25 0.51 -7.22
C ASP H 31 -25.74 1.60 -6.27
C ASP H 31 -25.76 1.61 -6.31
N TYR H 32 -25.03 2.72 -6.19
CA TYR H 32 -25.39 3.80 -5.27
C TYR H 32 -26.34 4.78 -5.95
N LEU H 33 -27.57 4.32 -6.15
CA LEU H 33 -28.63 5.09 -6.80
C LEU H 33 -29.89 4.98 -5.97
N ASN H 34 -30.59 6.09 -5.78
CA ASN H 34 -31.80 6.13 -4.96
C ASN H 34 -32.94 6.78 -5.73
N TRP H 35 -34.15 6.31 -5.44
CA TRP H 35 -35.39 6.81 -6.05
C TRP H 35 -36.30 7.33 -4.95
N TYR H 36 -36.77 8.57 -5.13
CA TYR H 36 -37.71 9.24 -4.24
C TYR H 36 -38.99 9.57 -5.00
N GLN H 37 -40.09 9.60 -4.26
CA GLN H 37 -41.39 10.09 -4.74
C GLN H 37 -41.77 11.32 -3.94
N GLN H 38 -42.24 12.36 -4.63
CA GLN H 38 -42.69 13.58 -3.98
C GLN H 38 -44.06 13.95 -4.52
N LYS H 39 -45.03 14.04 -3.64
CA LYS H 39 -46.40 14.42 -3.89
C LYS H 39 -46.63 15.87 -3.50
N PRO H 40 -47.63 16.52 -4.10
CA PRO H 40 -47.81 17.96 -3.90
C PRO H 40 -47.83 18.35 -2.42
N GLY H 41 -46.97 19.30 -2.07
CA GLY H 41 -46.97 19.88 -0.74
C GLY H 41 -46.41 19.00 0.35
N LYS H 42 -45.65 17.97 0.00
CA LYS H 42 -45.11 17.05 0.98
C LYS H 42 -43.63 16.82 0.70
N ALA H 43 -42.92 16.37 1.74
CA ALA H 43 -41.52 16.06 1.58
C ALA H 43 -41.35 14.84 0.68
N PRO H 44 -40.20 14.72 0.02
CA PRO H 44 -39.94 13.50 -0.76
C PRO H 44 -39.91 12.27 0.14
N LYS H 45 -40.27 11.13 -0.43
CA LYS H 45 -40.27 9.86 0.27
C LYS H 45 -39.37 8.88 -0.45
N LEU H 46 -38.50 8.20 0.30
CA LEU H 46 -37.56 7.25 -0.29
C LEU H 46 -38.30 5.99 -0.71
N LEU H 47 -38.23 5.66 -1.99
CA LEU H 47 -38.81 4.43 -2.52
C LEU H 47 -37.76 3.33 -2.67
N ILE H 48 -36.65 3.64 -3.33
CA ILE H 48 -35.65 2.62 -3.65
C ILE H 48 -34.29 3.11 -3.19
N TYR H 49 -33.58 2.30 -2.43
CA TYR H 49 -32.18 2.59 -2.09
C TYR H 49 -31.30 1.51 -2.67
N TYR H 50 -30.08 1.91 -3.03
CA TYR H 50 -29.07 1.00 -3.58
C TYR H 50 -29.60 0.28 -4.83
N ALA H 51 -30.13 1.07 -5.76
CA ALA H 51 -30.52 0.63 -7.10
C ALA H 51 -31.73 -0.30 -7.11
N SER H 52 -31.82 -1.24 -6.17
CA SER H 52 -32.84 -2.27 -6.27
C SER H 52 -33.52 -2.66 -4.96
N ASN H 53 -33.22 -2.00 -3.84
CA ASN H 53 -33.78 -2.39 -2.55
C ASN H 53 -34.98 -1.52 -2.21
N LEU H 54 -36.07 -2.17 -1.79
CA LEU H 54 -37.32 -1.49 -1.50
C LEU H 54 -37.35 -1.07 -0.04
N GLN H 55 -37.71 0.20 0.20
CA GLN H 55 -37.79 0.70 1.56
C GLN H 55 -39.01 0.12 2.28
N SER H 56 -38.89 0.01 3.60
CA SER H 56 -40.00 -0.46 4.42
C SER H 56 -41.18 0.49 4.28
N GLY H 57 -42.38 -0.08 4.22
CA GLY H 57 -43.58 0.69 4.07
C GLY H 57 -43.94 1.07 2.64
N VAL H 58 -43.09 0.73 1.68
CA VAL H 58 -43.34 1.01 0.27
C VAL H 58 -43.84 -0.26 -0.41
N PRO H 59 -44.90 -0.20 -1.19
CA PRO H 59 -45.44 -1.43 -1.81
C PRO H 59 -44.53 -1.95 -2.91
N SER H 60 -44.62 -3.27 -3.14
CA SER H 60 -43.78 -3.92 -4.15
C SER H 60 -44.16 -3.54 -5.57
N ARG H 61 -45.23 -2.75 -5.75
CA ARG H 61 -45.55 -2.21 -7.07
C ARG H 61 -44.35 -1.43 -7.62
N PHE H 62 -43.63 -0.73 -6.76
CA PHE H 62 -42.41 -0.03 -7.13
C PHE H 62 -41.22 -0.98 -7.05
N SER H 63 -40.39 -0.94 -8.08
CA SER H 63 -39.16 -1.72 -8.07
C SER H 63 -38.10 -0.94 -8.84
N GLY H 64 -36.85 -1.32 -8.62
CA GLY H 64 -35.75 -0.62 -9.25
C GLY H 64 -34.72 -1.60 -9.77
N SER H 65 -34.00 -1.18 -10.81
CA SER H 65 -32.98 -2.01 -11.41
C SER H 65 -31.94 -1.12 -12.06
N GLY H 66 -30.78 -1.70 -12.38
CA GLY H 66 -29.72 -1.01 -13.07
C GLY H 66 -28.45 -0.94 -12.25
N SER H 67 -27.40 -0.48 -12.92
CA SER H 67 -26.08 -0.42 -12.28
C SER H 67 -25.10 0.28 -13.21
N GLY H 68 -24.10 0.94 -12.62
CA GLY H 68 -23.13 1.69 -13.38
C GLY H 68 -23.62 3.07 -13.73
N THR H 69 -24.06 3.26 -14.98
CA THR H 69 -24.53 4.57 -15.43
C THR H 69 -26.00 4.59 -15.79
N ASP H 70 -26.70 3.46 -15.78
CA ASP H 70 -28.06 3.39 -16.27
C ASP H 70 -28.96 2.68 -15.27
N PHE H 71 -30.11 3.30 -14.99
CA PHE H 71 -30.99 2.86 -13.91
C PHE H 71 -32.44 3.05 -14.33
N THR H 72 -33.32 2.26 -13.73
CA THR H 72 -34.73 2.23 -14.09
C THR H 72 -35.57 2.04 -12.84
N LEU H 73 -36.59 2.88 -12.68
CA LEU H 73 -37.65 2.72 -11.71
C LEU H 73 -38.90 2.26 -12.44
N THR H 74 -39.61 1.30 -11.86
CA THR H 74 -40.77 0.70 -12.48
C THR H 74 -41.93 0.71 -11.50
N ILE H 75 -43.08 1.22 -11.93
CA ILE H 75 -44.34 1.09 -11.23
C ILE H 75 -45.17 0.07 -11.98
N SER H 76 -45.46 -1.06 -11.33
CA SER H 76 -46.04 -2.20 -12.05
C SER H 76 -47.50 -1.97 -12.39
N SER H 77 -48.26 -1.39 -11.48
CA SER H 77 -49.69 -1.13 -11.66
C SER H 77 -49.98 0.28 -11.19
N LEU H 78 -50.04 1.23 -12.13
CA LEU H 78 -50.19 2.63 -11.77
C LEU H 78 -51.54 2.89 -11.11
N GLN H 79 -51.51 3.51 -9.94
CA GLN H 79 -52.69 3.86 -9.19
C GLN H 79 -52.90 5.37 -9.18
N PRO H 80 -54.13 5.84 -8.92
CA PRO H 80 -54.36 7.29 -8.91
C PRO H 80 -53.50 8.04 -7.90
N GLU H 81 -53.17 7.42 -6.76
CA GLU H 81 -52.37 8.08 -5.75
C GLU H 81 -50.90 8.23 -6.15
N ASP H 82 -50.46 7.53 -7.19
CA ASP H 82 -49.07 7.60 -7.62
C ASP H 82 -48.74 8.86 -8.41
N PHE H 83 -49.74 9.71 -8.69
CA PHE H 83 -49.47 11.01 -9.29
C PHE H 83 -48.46 11.77 -8.46
N ALA H 84 -47.31 12.08 -9.07
CA ALA H 84 -46.22 12.65 -8.28
C ALA H 84 -45.03 13.00 -9.16
N THR H 85 -43.99 13.58 -8.56
CA THR H 85 -42.73 13.78 -9.25
C THR H 85 -41.71 12.83 -8.65
N TYR H 86 -41.00 12.09 -9.51
CA TYR H 86 -40.09 11.05 -9.08
C TYR H 86 -38.67 11.47 -9.39
N TYR H 87 -37.79 11.38 -8.40
CA TYR H 87 -36.40 11.84 -8.52
C TYR H 87 -35.45 10.68 -8.32
N CYS H 88 -34.38 10.65 -9.10
CA CYS H 88 -33.24 9.81 -8.76
C CYS H 88 -32.15 10.67 -8.11
N GLN H 89 -31.24 10.00 -7.41
CA GLN H 89 -30.20 10.69 -6.67
C GLN H 89 -29.03 9.73 -6.47
N GLN H 90 -27.87 10.11 -6.96
CA GLN H 90 -26.67 9.29 -6.77
C GLN H 90 -26.16 9.47 -5.34
N GLY H 91 -25.68 8.36 -4.77
CA GLY H 91 -25.12 8.40 -3.43
C GLY H 91 -23.68 7.94 -3.41
N LEU H 92 -23.01 8.03 -4.57
CA LEU H 92 -21.60 7.65 -4.63
C LEU H 92 -20.74 8.61 -3.82
N GLY H 93 -21.06 9.90 -3.83
CA GLY H 93 -20.26 10.85 -3.08
C GLY H 93 -20.79 12.26 -3.24
N MET H 94 -20.07 13.19 -2.64
CA MET H 94 -20.30 14.62 -2.53
C MET H 94 -19.71 15.36 -3.73
N PRO H 95 -20.43 16.33 -4.31
CA PRO H 95 -21.78 16.76 -3.87
C PRO H 95 -22.91 15.82 -4.28
N ILE H 96 -23.89 15.66 -3.39
CA ILE H 96 -25.10 14.91 -3.71
C ILE H 96 -25.82 15.62 -4.86
N THR H 97 -26.22 14.85 -5.87
CA THR H 97 -26.93 15.41 -7.01
C THR H 97 -28.19 14.60 -7.30
N PHE H 98 -29.26 15.30 -7.60
CA PHE H 98 -30.52 14.71 -8.00
C PHE H 98 -30.72 14.85 -9.50
N GLY H 99 -31.54 13.97 -10.06
CA GLY H 99 -32.10 14.20 -11.37
C GLY H 99 -33.12 15.30 -11.34
N GLN H 100 -33.51 15.77 -12.52
CA GLN H 100 -34.42 16.90 -12.61
C GLN H 100 -35.87 16.53 -12.30
N GLY H 101 -36.15 15.26 -12.06
CA GLY H 101 -37.51 14.85 -11.75
C GLY H 101 -38.29 14.41 -12.98
N THR H 102 -39.23 13.51 -12.76
CA THR H 102 -40.16 13.04 -13.78
C THR H 102 -41.57 13.19 -13.25
N LYS H 103 -42.38 14.02 -13.90
CA LYS H 103 -43.75 14.26 -13.46
C LYS H 103 -44.66 13.19 -14.03
N VAL H 104 -45.31 12.43 -13.14
CA VAL H 104 -46.21 11.34 -13.51
C VAL H 104 -47.63 11.79 -13.23
N GLU H 105 -48.40 11.93 -14.30
CA GLU H 105 -49.83 12.23 -14.30
C GLU H 105 -50.61 10.99 -14.69
N ILE H 106 -51.79 10.83 -14.09
CA ILE H 106 -52.65 9.69 -14.36
C ILE H 106 -53.60 10.04 -15.50
N LYS H 107 -53.61 9.22 -16.54
CA LYS H 107 -54.54 9.42 -17.65
C LYS H 107 -55.92 8.91 -17.26
N ARG H 108 -56.93 9.72 -17.52
CA ARG H 108 -58.30 9.48 -17.12
C ARG H 108 -59.20 9.62 -18.34
N THR H 109 -60.47 9.27 -18.19
CA THR H 109 -61.46 9.60 -19.21
C THR H 109 -61.52 11.11 -19.35
N VAL H 110 -62.00 11.55 -20.51
CA VAL H 110 -62.19 12.98 -20.75
C VAL H 110 -63.36 13.47 -19.90
N ALA H 111 -63.07 14.36 -18.96
CA ALA H 111 -64.09 14.97 -18.11
C ALA H 111 -64.18 16.46 -18.44
N ALA H 112 -65.40 16.93 -18.73
CA ALA H 112 -65.61 18.33 -19.08
C ALA H 112 -65.77 19.17 -17.82
N PRO H 113 -65.27 20.40 -17.84
CA PRO H 113 -65.33 21.23 -16.63
C PRO H 113 -66.74 21.68 -16.31
N SER H 114 -66.98 21.86 -15.02
CA SER H 114 -68.19 22.52 -14.52
C SER H 114 -67.83 23.97 -14.22
N VAL H 115 -68.46 24.90 -14.92
CA VAL H 115 -68.04 26.31 -14.90
C VAL H 115 -68.98 27.10 -14.02
N PHE H 116 -68.41 27.88 -13.10
CA PHE H 116 -69.14 28.80 -12.24
C PHE H 116 -68.49 30.17 -12.33
N ILE H 117 -69.27 31.21 -12.10
CA ILE H 117 -68.75 32.57 -12.07
C ILE H 117 -69.16 33.24 -10.77
N PHE H 118 -68.25 34.03 -10.21
CA PHE H 118 -68.48 34.70 -8.92
C PHE H 118 -68.29 36.20 -9.08
N PRO H 119 -69.32 37.01 -8.87
CA PRO H 119 -69.16 38.46 -8.96
C PRO H 119 -68.43 39.01 -7.76
N PRO H 120 -67.89 40.23 -7.84
CA PRO H 120 -67.20 40.81 -6.70
C PRO H 120 -68.12 40.94 -5.50
N SER H 121 -67.59 40.62 -4.31
CA SER H 121 -68.30 40.88 -3.08
C SER H 121 -68.39 42.39 -2.85
N ASP H 122 -69.32 42.79 -1.97
CA ASP H 122 -69.52 44.20 -1.70
C ASP H 122 -68.38 44.80 -0.88
N GLU H 123 -67.79 44.00 0.01
CA GLU H 123 -66.68 44.50 0.83
C GLU H 123 -65.50 44.92 -0.03
N GLN H 124 -65.15 44.08 -1.00
CA GLN H 124 -64.01 44.38 -1.86
C GLN H 124 -64.24 45.66 -2.67
N LEU H 125 -65.45 45.84 -3.19
CA LEU H 125 -65.78 47.07 -3.90
C LEU H 125 -65.71 48.29 -2.99
N LYS H 126 -66.08 48.13 -1.71
CA LYS H 126 -65.83 49.18 -0.74
C LYS H 126 -64.34 49.48 -0.63
N SER H 127 -63.51 48.43 -0.64
CA SER H 127 -62.06 48.64 -0.67
C SER H 127 -61.60 49.29 -1.97
N GLY H 128 -62.41 49.25 -3.02
CA GLY H 128 -62.07 49.96 -4.25
C GLY H 128 -61.45 49.11 -5.32
N THR H 129 -61.57 47.79 -5.22
CA THR H 129 -61.03 46.86 -6.20
C THR H 129 -62.08 45.80 -6.48
N ALA H 130 -62.19 45.39 -7.73
CA ALA H 130 -63.13 44.36 -8.16
C ALA H 130 -62.38 43.14 -8.65
N SER H 131 -62.75 41.97 -8.12
CA SER H 131 -62.21 40.69 -8.56
C SER H 131 -63.36 39.77 -8.93
N VAL H 132 -63.42 39.39 -10.20
CA VAL H 132 -64.36 38.40 -10.68
C VAL H 132 -63.62 37.08 -10.78
N VAL H 133 -64.26 36.00 -10.35
CA VAL H 133 -63.61 34.69 -10.23
C VAL H 133 -64.41 33.67 -11.03
N CYS H 134 -63.76 33.05 -12.02
CA CYS H 134 -64.35 31.97 -12.80
C CYS H 134 -63.74 30.65 -12.33
N LEU H 135 -64.59 29.65 -12.12
CA LEU H 135 -64.18 28.37 -11.57
C LEU H 135 -64.47 27.25 -12.58
N LEU H 136 -63.44 26.45 -12.86
CA LEU H 136 -63.56 25.30 -13.74
C LEU H 136 -63.26 24.06 -12.90
N ASN H 137 -64.30 23.27 -12.61
CA ASN H 137 -64.22 22.24 -11.57
C ASN H 137 -64.17 20.85 -12.18
N ASN H 138 -63.19 20.05 -11.73
CA ASN H 138 -63.15 18.60 -11.95
C ASN H 138 -63.22 18.23 -13.43
N PHE H 139 -62.17 18.62 -14.16
CA PHE H 139 -62.09 18.32 -15.57
C PHE H 139 -60.80 17.57 -15.89
N TYR H 140 -60.80 16.89 -17.04
CA TYR H 140 -59.63 16.23 -17.57
C TYR H 140 -59.78 16.22 -19.09
N PRO H 141 -58.69 16.47 -19.84
CA PRO H 141 -57.32 16.74 -19.39
C PRO H 141 -57.10 18.18 -18.93
N ARG H 142 -55.83 18.51 -18.64
CA ARG H 142 -55.53 19.76 -17.96
C ARG H 142 -55.67 20.97 -18.87
N GLU H 143 -55.43 20.79 -20.18
N GLU H 143 -55.42 20.81 -20.18
CA GLU H 143 -55.47 21.91 -21.13
CA GLU H 143 -55.44 21.94 -21.09
C GLU H 143 -56.87 22.52 -21.22
C GLU H 143 -56.85 22.51 -21.20
N ALA H 144 -57.01 23.76 -20.78
CA ALA H 144 -58.26 24.49 -20.90
C ALA H 144 -57.94 25.92 -21.31
N LYS H 145 -58.96 26.63 -21.80
CA LYS H 145 -58.82 28.02 -22.21
C LYS H 145 -59.92 28.83 -21.54
N VAL H 146 -59.51 29.84 -20.77
CA VAL H 146 -60.44 30.75 -20.10
C VAL H 146 -60.32 32.11 -20.78
N GLN H 147 -61.46 32.67 -21.20
CA GLN H 147 -61.50 33.90 -21.97
C GLN H 147 -62.49 34.85 -21.32
N TRP H 148 -61.97 35.93 -20.73
CA TRP H 148 -62.81 36.94 -20.10
C TRP H 148 -63.28 37.96 -21.12
N LYS H 149 -64.56 38.31 -21.05
CA LYS H 149 -65.16 39.27 -21.97
C LYS H 149 -66.11 40.18 -21.18
N VAL H 150 -65.86 41.48 -21.26
CA VAL H 150 -66.66 42.50 -20.57
C VAL H 150 -67.38 43.33 -21.63
N ASP H 151 -68.70 43.25 -21.64
CA ASP H 151 -69.51 43.81 -22.73
C ASP H 151 -69.06 43.25 -24.07
N ASN H 152 -68.79 41.93 -24.08
CA ASN H 152 -68.29 41.23 -25.27
C ASN H 152 -66.99 41.85 -25.80
N ALA H 153 -66.17 42.40 -24.91
CA ALA H 153 -64.87 42.93 -25.26
C ALA H 153 -63.79 42.00 -24.72
N LEU H 154 -63.01 41.41 -25.63
CA LEU H 154 -61.96 40.47 -25.27
C LEU H 154 -60.95 41.09 -24.31
N GLN H 155 -60.90 40.59 -23.08
CA GLN H 155 -59.95 41.10 -22.11
C GLN H 155 -58.58 40.46 -22.30
N SER H 156 -57.54 41.16 -21.86
CA SER H 156 -56.18 40.67 -21.97
C SER H 156 -55.30 41.40 -20.97
N GLY H 157 -54.35 40.67 -20.38
CA GLY H 157 -53.37 41.24 -19.47
C GLY H 157 -53.88 41.55 -18.08
N ASN H 158 -55.17 41.39 -17.81
CA ASN H 158 -55.75 41.74 -16.53
C ASN H 158 -56.36 40.53 -15.83
N SER H 159 -55.77 39.35 -16.00
CA SER H 159 -56.29 38.14 -15.39
C SER H 159 -55.17 37.17 -15.08
N GLN H 160 -55.32 36.46 -13.97
CA GLN H 160 -54.40 35.40 -13.56
C GLN H 160 -55.21 34.14 -13.28
N GLU H 161 -54.56 32.99 -13.42
CA GLU H 161 -55.20 31.71 -13.15
C GLU H 161 -54.21 30.77 -12.49
N SER H 162 -54.76 29.84 -11.69
CA SER H 162 -53.97 28.79 -11.09
C SER H 162 -54.78 27.50 -11.11
N VAL H 163 -54.08 26.38 -11.15
CA VAL H 163 -54.68 25.06 -11.31
C VAL H 163 -54.28 24.20 -10.12
N THR H 164 -55.25 23.49 -9.55
CA THR H 164 -54.93 22.50 -8.53
C THR H 164 -54.15 21.35 -9.15
N GLU H 165 -53.35 20.69 -8.33
CA GLU H 165 -52.67 19.48 -8.77
C GLU H 165 -53.70 18.38 -8.99
N GLN H 166 -53.30 17.36 -9.76
CA GLN H 166 -54.22 16.29 -10.10
C GLN H 166 -54.74 15.60 -8.83
N ASP H 167 -56.04 15.33 -8.82
CA ASP H 167 -56.66 14.73 -7.65
C ASP H 167 -56.20 13.30 -7.47
N SER H 168 -55.87 12.94 -6.23
CA SER H 168 -55.34 11.61 -5.95
C SER H 168 -56.41 10.52 -6.00
N LYS H 169 -57.69 10.89 -6.18
CA LYS H 169 -58.77 9.92 -6.21
C LYS H 169 -59.46 9.86 -7.57
N ASP H 170 -59.99 10.97 -8.08
CA ASP H 170 -60.68 10.95 -9.37
C ASP H 170 -59.81 11.47 -10.52
N SER H 171 -58.58 11.88 -10.24
CA SER H 171 -57.59 12.26 -11.25
C SER H 171 -57.99 13.48 -12.08
N THR H 172 -58.87 14.34 -11.57
CA THR H 172 -59.28 15.53 -12.30
C THR H 172 -58.51 16.75 -11.83
N TYR H 173 -58.67 17.85 -12.57
CA TYR H 173 -58.06 19.13 -12.26
C TYR H 173 -59.14 20.16 -11.97
N SER H 174 -58.72 21.28 -11.37
CA SER H 174 -59.60 22.42 -11.16
C SER H 174 -58.81 23.70 -11.38
N LEU H 175 -59.47 24.70 -11.96
CA LEU H 175 -58.81 25.94 -12.37
C LEU H 175 -59.65 27.13 -11.91
N SER H 176 -58.97 28.14 -11.34
CA SER H 176 -59.61 29.39 -10.96
C SER H 176 -58.94 30.52 -11.74
N SER H 177 -59.75 31.33 -12.42
CA SER H 177 -59.28 32.49 -13.17
C SER H 177 -59.88 33.74 -12.54
N THR H 178 -59.02 34.69 -12.18
CA THR H 178 -59.44 35.91 -11.52
C THR H 178 -59.20 37.10 -12.44
N LEU H 179 -60.26 37.83 -12.76
CA LEU H 179 -60.17 39.07 -13.52
C LEU H 179 -60.22 40.24 -12.55
N THR H 180 -59.16 41.04 -12.52
CA THR H 180 -59.03 42.15 -11.58
C THR H 180 -59.24 43.46 -12.31
N LEU H 181 -60.22 44.24 -11.85
CA LEU H 181 -60.51 45.55 -12.41
C LEU H 181 -60.59 46.58 -11.29
N SER H 182 -60.42 47.85 -11.66
CA SER H 182 -60.68 48.92 -10.73
C SER H 182 -62.18 49.03 -10.46
N LYS H 183 -62.51 49.59 -9.29
CA LYS H 183 -63.93 49.74 -8.95
C LYS H 183 -64.65 50.61 -9.97
N ALA H 184 -63.98 51.64 -10.49
CA ALA H 184 -64.59 52.50 -11.50
C ALA H 184 -64.86 51.72 -12.78
N ASP H 185 -63.83 51.08 -13.33
CA ASP H 185 -64.02 50.24 -14.51
C ASP H 185 -65.10 49.20 -14.28
N TYR H 186 -65.23 48.70 -13.06
CA TYR H 186 -66.27 47.72 -12.77
C TYR H 186 -67.66 48.35 -12.86
N GLU H 187 -67.83 49.55 -12.31
CA GLU H 187 -69.12 50.22 -12.35
C GLU H 187 -69.45 50.79 -13.73
N LYS H 188 -68.47 50.87 -14.63
CA LYS H 188 -68.75 51.38 -15.98
C LYS H 188 -69.52 50.37 -16.82
N HIS H 189 -68.98 49.17 -16.98
CA HIS H 189 -69.55 48.18 -17.88
C HIS H 189 -70.59 47.32 -17.16
N LYS H 190 -71.30 46.51 -17.95
CA LYS H 190 -72.47 45.78 -17.45
C LYS H 190 -72.32 44.26 -17.53
N VAL H 191 -71.96 43.73 -18.69
CA VAL H 191 -71.94 42.28 -18.92
C VAL H 191 -70.53 41.75 -18.63
N TYR H 192 -70.46 40.77 -17.72
CA TYR H 192 -69.21 40.10 -17.37
C TYR H 192 -69.39 38.62 -17.64
N ALA H 193 -68.52 38.05 -18.47
CA ALA H 193 -68.68 36.68 -18.93
C ALA H 193 -67.34 35.95 -18.94
N CYS H 194 -67.40 34.64 -18.75
CA CYS H 194 -66.25 33.75 -18.75
C CYS H 194 -66.47 32.65 -19.78
N GLU H 195 -65.63 32.61 -20.81
CA GLU H 195 -65.78 31.65 -21.90
C GLU H 195 -64.73 30.57 -21.75
N VAL H 196 -65.17 29.31 -21.65
CA VAL H 196 -64.32 28.17 -21.35
C VAL H 196 -64.28 27.24 -22.55
N THR H 197 -63.07 26.81 -22.94
CA THR H 197 -62.87 25.92 -24.07
C THR H 197 -62.16 24.66 -23.59
N HIS H 198 -62.67 23.49 -23.98
CA HIS H 198 -62.12 22.23 -23.48
C HIS H 198 -62.50 21.09 -24.42
N GLN H 199 -61.70 20.03 -24.39
N GLN H 199 -61.65 20.04 -24.43
CA GLN H 199 -61.93 18.88 -25.27
CA GLN H 199 -61.93 18.87 -25.26
C GLN H 199 -63.22 18.16 -24.94
C GLN H 199 -63.28 18.27 -24.97
N GLY H 200 -63.67 18.25 -23.69
CA GLY H 200 -64.90 17.59 -23.28
C GLY H 200 -66.17 18.28 -23.71
N LEU H 201 -66.08 19.49 -24.24
CA LEU H 201 -67.23 20.27 -24.63
C LEU H 201 -67.34 20.33 -26.15
N SER H 202 -68.57 20.28 -26.65
CA SER H 202 -68.79 20.42 -28.09
C SER H 202 -68.44 21.83 -28.56
N SER H 203 -68.78 22.84 -27.76
CA SER H 203 -68.51 24.22 -28.08
C SER H 203 -68.13 24.93 -26.79
N PRO H 204 -67.48 26.09 -26.87
CA PRO H 204 -67.15 26.83 -25.65
C PRO H 204 -68.40 27.20 -24.87
N VAL H 205 -68.31 27.01 -23.55
CA VAL H 205 -69.40 27.32 -22.62
C VAL H 205 -69.09 28.65 -21.94
N THR H 206 -70.12 29.48 -21.79
CA THR H 206 -69.96 30.83 -21.24
C THR H 206 -70.87 30.99 -20.02
N LYS H 207 -70.29 31.48 -18.93
CA LYS H 207 -71.03 31.81 -17.72
C LYS H 207 -70.90 33.30 -17.45
N SER H 208 -72.03 33.98 -17.29
CA SER H 208 -72.05 35.44 -17.23
C SER H 208 -72.94 35.91 -16.09
N PHE H 209 -72.71 37.16 -15.68
CA PHE H 209 -73.60 37.86 -14.77
C PHE H 209 -73.73 39.31 -15.21
N ASN H 210 -74.89 39.88 -14.95
CA ASN H 210 -75.09 41.32 -15.11
C ASN H 210 -74.86 42.01 -13.78
N ARG H 211 -74.14 43.14 -13.83
CA ARG H 211 -73.69 43.78 -12.59
C ARG H 211 -74.89 44.22 -11.76
N GLY H 212 -75.04 43.62 -10.59
CA GLY H 212 -76.11 43.97 -9.68
C GLY H 212 -77.40 43.19 -9.94
N GLU H 213 -77.44 41.94 -9.49
CA GLU H 213 -78.63 41.10 -9.67
C GLU H 213 -78.93 40.32 -8.40
N CYS H 214 -79.09 39.01 -8.53
CA CYS H 214 -79.38 38.15 -7.38
C CYS H 214 -78.93 36.72 -7.63
N GLU I 1 43.01 0.76 -14.61
CA GLU I 1 42.74 1.42 -15.88
C GLU I 1 41.86 2.65 -15.69
N VAL I 2 41.16 2.69 -14.57
CA VAL I 2 40.34 3.86 -14.22
C VAL I 2 41.23 4.93 -13.61
N GLN I 3 41.16 6.14 -14.15
CA GLN I 3 41.98 7.24 -13.70
C GLN I 3 41.14 8.51 -13.59
N LEU I 4 41.39 9.28 -12.53
CA LEU I 4 40.72 10.55 -12.28
C LEU I 4 41.80 11.62 -12.12
N LEU I 5 41.88 12.54 -13.08
CA LEU I 5 42.89 13.58 -13.09
C LEU I 5 42.22 14.92 -12.81
N GLU I 6 42.63 15.59 -11.74
CA GLU I 6 42.00 16.82 -11.30
C GLU I 6 42.83 18.04 -11.69
N SER I 7 42.16 19.16 -11.86
CA SER I 7 42.81 20.44 -12.11
C SER I 7 41.85 21.55 -11.70
N GLY I 8 42.34 22.79 -11.75
CA GLY I 8 41.52 23.96 -11.50
C GLY I 8 41.71 24.58 -10.12
N GLY I 9 42.48 23.95 -9.24
CA GLY I 9 42.70 24.53 -7.94
C GLY I 9 43.65 25.72 -7.99
N GLY I 10 43.76 26.40 -6.86
CA GLY I 10 44.69 27.51 -6.77
C GLY I 10 44.27 28.50 -5.71
N LEU I 11 44.84 29.70 -5.81
CA LEU I 11 44.58 30.77 -4.86
C LEU I 11 43.44 31.65 -5.38
N VAL I 12 42.46 31.91 -4.52
CA VAL I 12 41.32 32.75 -4.84
C VAL I 12 41.02 33.59 -3.60
N GLN I 13 40.42 34.74 -3.83
CA GLN I 13 40.14 35.66 -2.74
C GLN I 13 38.72 35.48 -2.22
N PRO I 14 38.47 35.85 -0.96
CA PRO I 14 37.12 35.70 -0.41
C PRO I 14 36.07 36.35 -1.29
N GLY I 15 34.92 35.69 -1.41
CA GLY I 15 33.92 36.06 -2.37
C GLY I 15 34.23 35.65 -3.79
N GLY I 16 35.41 35.09 -4.03
CA GLY I 16 35.81 34.68 -5.35
C GLY I 16 35.17 33.37 -5.77
N SER I 17 35.62 32.86 -6.91
N SER I 17 35.62 32.87 -6.91
CA SER I 17 35.03 31.67 -7.51
CA SER I 17 35.04 31.66 -7.48
C SER I 17 36.11 30.84 -8.19
C SER I 17 36.11 30.91 -8.25
N LEU I 18 35.81 29.56 -8.39
N LEU I 18 35.86 29.62 -8.42
CA LEU I 18 36.73 28.66 -9.07
CA LEU I 18 36.72 28.77 -9.24
C LEU I 18 35.94 27.46 -9.60
C LEU I 18 35.96 27.52 -9.63
N ARG I 19 36.38 26.92 -10.74
CA ARG I 19 35.79 25.70 -11.26
C ARG I 19 36.85 24.62 -11.25
N LEU I 20 36.58 23.53 -10.55
CA LEU I 20 37.46 22.38 -10.54
C LEU I 20 37.02 21.37 -11.59
N SER I 21 38.01 20.71 -12.19
CA SER I 21 37.79 19.70 -13.22
C SER I 21 38.34 18.36 -12.76
N CYS I 22 37.66 17.30 -13.16
CA CYS I 22 38.04 15.91 -12.88
C CYS I 22 37.82 15.14 -14.17
N ALA I 23 38.87 15.04 -14.98
CA ALA I 23 38.82 14.29 -16.22
C ALA I 23 38.99 12.80 -15.92
N ALA I 24 38.08 11.99 -16.46
CA ALA I 24 38.05 10.57 -16.18
C ALA I 24 38.51 9.77 -17.40
N SER I 25 39.10 8.61 -17.13
CA SER I 25 39.43 7.64 -18.15
C SER I 25 39.21 6.24 -17.59
N GLY I 26 38.82 5.32 -18.47
CA GLY I 26 38.51 3.96 -18.07
C GLY I 26 37.04 3.69 -17.82
N PHE I 27 36.21 4.73 -17.81
CA PHE I 27 34.76 4.58 -17.69
C PHE I 27 34.11 5.83 -18.24
N ARG I 28 32.80 5.74 -18.47
CA ARG I 28 32.02 6.88 -18.94
C ARG I 28 31.52 7.66 -17.73
N ILE I 29 31.76 8.97 -17.73
CA ILE I 29 31.64 9.78 -16.51
C ILE I 29 30.23 9.70 -15.92
N SER I 30 29.21 9.45 -16.75
CA SER I 30 27.83 9.46 -16.30
C SER I 30 27.26 8.07 -16.08
N ASP I 31 28.08 7.02 -16.17
CA ASP I 31 27.62 5.66 -15.94
C ASP I 31 27.67 5.25 -14.48
N GLU I 32 28.51 5.90 -13.67
CA GLU I 32 28.65 5.57 -12.26
C GLU I 32 28.56 6.86 -11.45
N ASP I 33 28.29 6.71 -10.16
CA ASP I 33 28.07 7.89 -9.33
C ASP I 33 29.38 8.64 -9.12
N MET I 34 29.30 9.96 -9.00
CA MET I 34 30.49 10.77 -8.83
C MET I 34 30.29 11.77 -7.71
N GLY I 35 31.36 12.08 -6.99
CA GLY I 35 31.28 12.97 -5.85
C GLY I 35 32.54 13.79 -5.66
N TRP I 36 32.38 14.85 -4.86
CA TRP I 36 33.48 15.70 -4.42
C TRP I 36 33.54 15.66 -2.90
N VAL I 37 34.73 15.37 -2.38
CA VAL I 37 35.01 15.29 -0.95
C VAL I 37 36.25 16.13 -0.68
N ARG I 38 36.21 16.98 0.34
CA ARG I 38 37.33 17.86 0.61
C ARG I 38 37.92 17.59 2.00
N GLN I 39 39.16 18.04 2.17
CA GLN I 39 39.90 17.84 3.42
C GLN I 39 40.62 19.14 3.74
N ALA I 40 40.16 19.81 4.79
CA ALA I 40 40.83 21.01 5.26
C ALA I 40 42.18 20.65 5.87
N PRO I 41 43.12 21.57 5.89
CA PRO I 41 44.47 21.26 6.40
C PRO I 41 44.41 20.72 7.83
N GLY I 42 44.93 19.51 8.00
CA GLY I 42 45.00 18.88 9.30
C GLY I 42 43.71 18.29 9.82
N LYS I 43 42.62 18.38 9.06
CA LYS I 43 41.32 17.90 9.51
C LYS I 43 40.95 16.61 8.76
N GLY I 44 39.70 16.18 8.93
CA GLY I 44 39.21 14.95 8.35
C GLY I 44 38.60 15.14 6.98
N LEU I 45 37.84 14.13 6.56
CA LEU I 45 37.20 14.14 5.25
C LEU I 45 35.78 14.69 5.37
N GLU I 46 35.43 15.59 4.47
CA GLU I 46 34.10 16.21 4.45
C GLU I 46 33.51 16.06 3.05
N TRP I 47 32.44 15.27 2.93
CA TRP I 47 31.76 15.14 1.64
C TRP I 47 31.10 16.46 1.25
N VAL I 48 31.17 16.77 -0.04
CA VAL I 48 30.73 18.08 -0.53
C VAL I 48 29.60 17.95 -1.54
N SER I 49 29.82 17.18 -2.61
CA SER I 49 28.82 17.15 -3.68
C SER I 49 28.72 15.76 -4.29
N TYR I 50 27.62 15.53 -5.02
CA TYR I 50 27.34 14.21 -5.55
C TYR I 50 26.37 14.30 -6.72
N ILE I 51 26.54 13.39 -7.68
CA ILE I 51 25.65 13.28 -8.83
C ILE I 51 25.59 11.82 -9.25
N ASP I 52 24.38 11.31 -9.46
CA ASP I 52 24.17 9.87 -9.62
C ASP I 52 24.05 9.49 -11.10
N ASN I 53 24.03 8.18 -11.35
CA ASN I 53 23.98 7.64 -12.69
C ASN I 53 22.55 7.33 -13.15
N ALA I 54 21.54 7.94 -12.50
CA ALA I 54 20.16 7.67 -12.82
C ALA I 54 19.56 8.92 -13.43
N GLY I 55 18.79 9.72 -12.70
CA GLY I 55 18.21 10.93 -13.26
C GLY I 55 19.13 12.13 -13.10
N ALA I 56 20.43 11.86 -12.99
CA ALA I 56 21.43 12.91 -12.76
C ALA I 56 21.07 13.74 -11.53
N SER I 57 20.56 13.08 -10.49
CA SER I 57 20.22 13.77 -9.26
C SER I 57 21.50 14.22 -8.55
N THR I 58 21.46 15.45 -8.02
CA THR I 58 22.59 16.06 -7.36
C THR I 58 22.31 16.22 -5.87
N TYR I 59 23.37 16.16 -5.07
CA TYR I 59 23.28 16.38 -3.64
C TYR I 59 24.44 17.28 -3.20
N TYR I 60 24.18 18.10 -2.18
CA TYR I 60 25.17 19.03 -1.66
C TYR I 60 25.12 19.04 -0.15
N ALA I 61 26.29 19.09 0.49
CA ALA I 61 26.35 19.33 1.91
C ALA I 61 25.79 20.71 2.22
N ASP I 62 25.12 20.84 3.38
CA ASP I 62 24.66 22.14 3.83
C ASP I 62 25.80 23.14 3.88
N SER I 63 27.03 22.64 4.09
CA SER I 63 28.21 23.47 4.18
C SER I 63 28.41 24.31 2.91
N VAL I 64 27.92 23.84 1.78
CA VAL I 64 28.20 24.46 0.49
C VAL I 64 26.93 24.70 -0.31
N LYS I 65 25.78 24.45 0.30
CA LYS I 65 24.51 24.56 -0.41
C LYS I 65 24.27 25.98 -0.87
N GLY I 66 23.82 26.13 -2.12
CA GLY I 66 23.61 27.42 -2.73
C GLY I 66 24.85 28.04 -3.34
N ARG I 67 26.04 27.51 -3.05
CA ARG I 67 27.29 28.08 -3.53
C ARG I 67 28.03 27.20 -4.52
N PHE I 68 27.85 25.88 -4.45
CA PHE I 68 28.54 24.93 -5.33
C PHE I 68 27.55 24.30 -6.31
N THR I 69 28.08 23.89 -7.46
CA THR I 69 27.30 23.18 -8.47
C THR I 69 28.17 22.09 -9.08
N ILE I 70 27.75 20.85 -8.94
CA ILE I 70 28.42 19.73 -9.58
C ILE I 70 27.78 19.52 -10.95
N SER I 71 28.59 19.15 -11.95
CA SER I 71 28.06 18.98 -13.30
C SER I 71 28.95 18.02 -14.07
N ARG I 72 28.46 17.60 -15.23
CA ARG I 72 29.19 16.71 -16.13
C ARG I 72 29.23 17.29 -17.54
N ASP I 73 30.32 16.99 -18.24
CA ASP I 73 30.39 17.13 -19.69
C ASP I 73 30.74 15.76 -20.25
N ASN I 74 29.75 15.12 -20.87
CA ASN I 74 29.95 13.75 -21.38
C ASN I 74 30.89 13.75 -22.58
N SER I 75 30.84 14.79 -23.42
CA SER I 75 31.72 14.84 -24.58
C SER I 75 33.18 14.89 -24.15
N LYS I 76 33.47 15.57 -23.04
CA LYS I 76 34.82 15.65 -22.51
C LYS I 76 35.07 14.59 -21.44
N ASN I 77 34.06 13.79 -21.09
CA ASN I 77 34.16 12.79 -20.03
C ASN I 77 34.75 13.41 -18.76
N THR I 78 34.17 14.54 -18.35
CA THR I 78 34.73 15.34 -17.28
C THR I 78 33.65 15.70 -16.27
N LEU I 79 34.03 15.68 -14.98
CA LEU I 79 33.21 16.16 -13.88
C LEU I 79 33.69 17.54 -13.44
N TYR I 80 32.75 18.37 -13.01
CA TYR I 80 33.06 19.76 -12.65
C TYR I 80 32.44 20.12 -11.32
N LEU I 81 33.13 21.00 -10.59
CA LEU I 81 32.59 21.60 -9.38
C LEU I 81 32.79 23.12 -9.46
N GLN I 82 31.69 23.84 -9.63
CA GLN I 82 31.71 25.30 -9.62
C GLN I 82 31.51 25.79 -8.19
N MET I 83 32.45 26.60 -7.71
CA MET I 83 32.47 27.09 -6.34
C MET I 83 32.37 28.61 -6.37
N ASN I 84 31.26 29.13 -5.85
CA ASN I 84 31.01 30.57 -5.78
C ASN I 84 30.97 31.01 -4.33
N SER I 85 31.18 32.32 -4.13
CA SER I 85 31.10 32.94 -2.80
C SER I 85 31.97 32.21 -1.80
N LEU I 86 33.25 32.07 -2.13
CA LEU I 86 34.17 31.28 -1.31
C LEU I 86 34.60 32.05 -0.08
N ARG I 87 34.81 31.32 1.01
CA ARG I 87 35.32 31.85 2.27
C ARG I 87 36.57 31.07 2.66
N ALA I 88 37.28 31.60 3.66
CA ALA I 88 38.52 30.98 4.11
C ALA I 88 38.29 29.56 4.62
N GLU I 89 37.08 29.27 5.12
CA GLU I 89 36.77 27.92 5.58
C GLU I 89 36.76 26.91 4.45
N ASP I 90 36.58 27.36 3.21
CA ASP I 90 36.59 26.47 2.06
C ASP I 90 37.99 26.02 1.65
N THR I 91 39.02 26.54 2.31
CA THR I 91 40.39 26.16 2.00
C THR I 91 40.60 24.68 2.29
N ALA I 92 40.89 23.91 1.24
CA ALA I 92 40.97 22.46 1.44
C ALA I 92 41.57 21.83 0.19
N VAL I 93 41.99 20.57 0.34
CA VAL I 93 42.28 19.72 -0.81
C VAL I 93 40.97 19.09 -1.25
N TYR I 94 40.61 19.30 -2.51
CA TYR I 94 39.36 18.77 -3.05
C TYR I 94 39.66 17.56 -3.93
N TYR I 95 38.98 16.45 -3.62
CA TYR I 95 39.08 15.20 -4.34
C TYR I 95 37.78 14.91 -5.07
N CYS I 96 37.89 14.43 -6.31
CA CYS I 96 36.77 13.76 -6.94
C CYS I 96 36.87 12.25 -6.71
N ALA I 97 35.73 11.58 -6.77
CA ALA I 97 35.72 10.16 -6.46
C ALA I 97 34.54 9.48 -7.12
N LYS I 98 34.80 8.30 -7.67
CA LYS I 98 33.77 7.48 -8.30
C LYS I 98 33.20 6.50 -7.30
N SER I 99 31.90 6.25 -7.40
CA SER I 99 31.20 5.22 -6.63
C SER I 99 30.54 4.26 -7.60
N HIS I 100 30.89 2.97 -7.47
CA HIS I 100 30.34 1.90 -8.29
C HIS I 100 28.95 1.48 -7.85
N TYR I 101 28.49 1.92 -6.69
CA TYR I 101 27.20 1.53 -6.16
C TYR I 101 26.35 2.76 -5.85
N ALA I 102 25.03 2.58 -5.88
CA ALA I 102 24.13 3.67 -5.56
C ALA I 102 24.19 4.04 -4.09
N ASN I 103 24.54 3.08 -3.23
CA ASN I 103 24.93 3.38 -1.85
C ASN I 103 26.36 3.88 -1.90
N PRO I 104 26.59 5.17 -1.60
CA PRO I 104 27.90 5.78 -1.87
C PRO I 104 29.09 5.02 -1.29
N SER I 105 29.96 4.56 -2.18
N SER I 105 29.97 4.56 -2.18
CA SER I 105 31.18 3.85 -1.78
CA SER I 105 31.18 3.84 -1.79
C SER I 105 32.26 4.21 -2.80
C SER I 105 32.26 4.21 -2.81
N PHE I 106 33.17 5.10 -2.41
CA PHE I 106 34.15 5.65 -3.34
C PHE I 106 35.31 4.68 -3.51
N ASP I 107 35.38 4.02 -4.68
CA ASP I 107 36.41 3.04 -4.95
C ASP I 107 37.60 3.60 -5.72
N TYR I 108 37.43 4.73 -6.42
CA TYR I 108 38.53 5.38 -7.11
C TYR I 108 38.52 6.87 -6.80
N TRP I 109 39.67 7.41 -6.44
CA TRP I 109 39.80 8.80 -6.05
C TRP I 109 40.78 9.52 -6.98
N GLY I 110 40.56 10.80 -7.19
CA GLY I 110 41.54 11.64 -7.83
C GLY I 110 42.67 12.00 -6.89
N GLN I 111 43.73 12.58 -7.45
CA GLN I 111 44.90 12.91 -6.66
C GLN I 111 44.71 14.14 -5.78
N GLY I 112 43.61 14.85 -5.92
CA GLY I 112 43.35 16.05 -5.13
C GLY I 112 43.90 17.30 -5.78
N THR I 113 43.24 18.42 -5.51
CA THR I 113 43.75 19.72 -5.93
C THR I 113 43.45 20.75 -4.84
N LEU I 114 44.43 21.60 -4.56
CA LEU I 114 44.37 22.49 -3.41
C LEU I 114 43.69 23.81 -3.76
N VAL I 115 42.67 24.15 -2.99
CA VAL I 115 41.98 25.45 -3.10
C VAL I 115 42.31 26.25 -1.84
N THR I 116 42.95 27.40 -2.04
CA THR I 116 43.32 28.29 -0.95
C THR I 116 42.54 29.59 -1.10
N VAL I 117 41.71 29.91 -0.11
CA VAL I 117 40.92 31.12 -0.10
C VAL I 117 41.51 32.06 0.96
N SER I 118 42.10 33.16 0.49
CA SER I 118 42.68 34.15 1.38
C SER I 118 42.79 35.48 0.66
N SER I 119 42.60 36.57 1.40
CA SER I 119 42.77 37.90 0.85
C SER I 119 44.20 38.41 0.98
N ALA I 120 45.07 37.67 1.66
CA ALA I 120 46.45 38.09 1.82
C ALA I 120 47.19 38.08 0.48
N SER I 121 48.16 38.97 0.36
CA SER I 121 48.99 39.08 -0.83
C SER I 121 50.38 38.52 -0.55
N THR I 122 51.09 38.22 -1.63
CA THR I 122 52.36 37.51 -1.54
C THR I 122 53.40 38.32 -0.77
N LYS I 123 54.08 37.66 0.17
CA LYS I 123 55.07 38.31 1.01
C LYS I 123 56.17 37.32 1.35
N GLY I 124 57.41 37.79 1.34
CA GLY I 124 58.55 36.98 1.68
C GLY I 124 58.79 36.93 3.17
N PRO I 125 59.42 35.87 3.64
CA PRO I 125 59.58 35.67 5.09
C PRO I 125 60.71 36.49 5.68
N SER I 126 60.52 36.88 6.94
CA SER I 126 61.56 37.54 7.74
C SER I 126 62.20 36.47 8.62
N VAL I 127 63.46 36.13 8.35
CA VAL I 127 64.14 35.04 9.03
C VAL I 127 64.91 35.58 10.21
N PHE I 128 64.59 35.10 11.41
CA PHE I 128 65.30 35.50 12.61
C PHE I 128 66.03 34.31 13.22
N PRO I 129 67.11 34.53 13.97
CA PRO I 129 67.86 33.38 14.51
C PRO I 129 67.41 32.97 15.90
N LEU I 130 67.20 31.66 16.08
CA LEU I 130 66.99 31.07 17.41
C LEU I 130 68.36 30.63 17.91
N ALA I 131 69.05 31.54 18.61
CA ALA I 131 70.44 31.37 18.98
C ALA I 131 70.58 30.37 20.13
N PRO I 132 71.61 29.53 20.11
CA PRO I 132 71.81 28.56 21.21
C PRO I 132 72.41 29.24 22.42
N SER I 133 71.78 29.03 23.58
CA SER I 133 72.28 29.64 24.81
C SER I 133 73.56 28.95 25.27
N SER I 134 74.40 29.71 25.96
CA SER I 134 75.66 29.20 26.50
C SER I 134 75.53 28.70 27.94
N LYS I 135 74.32 28.56 28.44
CA LYS I 135 74.09 28.06 29.79
C LYS I 135 73.64 26.61 29.76
N THR I 141 74.82 18.14 24.41
CA THR I 141 74.37 18.66 23.13
C THR I 141 73.42 19.84 23.34
N ALA I 142 73.41 20.77 22.39
CA ALA I 142 72.54 21.94 22.46
C ALA I 142 71.92 22.19 21.10
N ALA I 143 70.78 22.88 21.09
CA ALA I 143 69.99 23.07 19.89
C ALA I 143 70.00 24.54 19.44
N LEU I 144 69.92 24.74 18.12
CA LEU I 144 69.83 26.07 17.54
C LEU I 144 68.79 26.01 16.42
N GLY I 145 68.36 27.18 15.95
CA GLY I 145 67.33 27.13 14.92
C GLY I 145 67.17 28.45 14.19
N CYS I 146 66.16 28.46 13.31
CA CYS I 146 65.77 29.61 12.52
C CYS I 146 64.25 29.77 12.59
N LEU I 147 63.81 31.02 12.64
CA LEU I 147 62.40 31.38 12.72
C LEU I 147 62.01 32.06 11.41
N VAL I 148 61.36 31.28 10.54
CA VAL I 148 60.83 31.77 9.27
C VAL I 148 59.43 32.29 9.53
N LYS I 149 59.26 33.62 9.49
CA LYS I 149 58.05 34.25 10.01
C LYS I 149 57.40 35.15 8.96
N ASP I 150 56.06 35.11 8.94
CA ASP I 150 55.22 36.04 8.19
C ASP I 150 55.51 36.02 6.70
N TYR I 151 55.03 34.99 6.02
CA TYR I 151 55.11 34.88 4.57
C TYR I 151 53.76 34.42 4.03
N PHE I 152 53.61 34.52 2.70
CA PHE I 152 52.42 34.07 2.01
C PHE I 152 52.70 33.97 0.51
N PRO I 153 52.26 32.91 -0.16
CA PRO I 153 51.60 31.74 0.44
C PRO I 153 52.59 30.62 0.74
N GLU I 154 52.07 29.43 1.00
CA GLU I 154 52.92 28.27 1.16
C GLU I 154 53.48 27.85 -0.19
N PRO I 155 54.65 27.18 -0.21
CA PRO I 155 55.47 26.80 0.94
C PRO I 155 56.77 27.58 1.07
N VAL I 156 57.51 27.29 2.13
CA VAL I 156 58.91 27.67 2.27
C VAL I 156 59.73 26.39 2.34
N THR I 157 60.93 26.41 1.77
CA THR I 157 61.84 25.28 1.82
C THR I 157 63.06 25.70 2.64
N VAL I 158 63.34 24.96 3.70
CA VAL I 158 64.43 25.29 4.62
C VAL I 158 65.42 24.13 4.64
N SER I 159 66.69 24.46 4.45
CA SER I 159 67.79 23.51 4.65
C SER I 159 68.84 24.17 5.53
N TRP I 160 69.93 23.45 5.79
CA TRP I 160 71.01 23.96 6.62
C TRP I 160 72.34 23.69 5.94
N ASN I 161 73.15 24.75 5.77
CA ASN I 161 74.49 24.65 5.18
C ASN I 161 74.44 24.04 3.79
N SER I 162 73.61 24.62 2.92
CA SER I 162 73.52 24.24 1.51
C SER I 162 73.20 22.76 1.35
N GLY I 163 72.38 22.23 2.25
CA GLY I 163 71.99 20.84 2.18
C GLY I 163 73.03 19.85 2.67
N ALA I 164 74.06 20.33 3.37
CA ALA I 164 75.07 19.42 3.91
C ALA I 164 74.62 18.83 5.24
N LEU I 165 74.21 19.68 6.17
CA LEU I 165 73.77 19.24 7.50
C LEU I 165 72.32 18.81 7.43
N THR I 166 72.10 17.49 7.40
CA THR I 166 70.75 16.93 7.47
C THR I 166 70.50 16.15 8.74
N SER I 167 71.54 15.69 9.42
CA SER I 167 71.38 14.83 10.60
C SER I 167 70.87 15.65 11.79
N GLY I 168 69.69 15.32 12.27
CA GLY I 168 69.16 15.91 13.48
C GLY I 168 68.34 17.17 13.29
N VAL I 169 67.90 17.47 12.07
CA VAL I 169 67.15 18.69 11.78
C VAL I 169 65.66 18.37 11.78
N HIS I 170 64.88 19.26 12.38
CA HIS I 170 63.42 19.16 12.40
C HIS I 170 62.84 20.48 11.90
N THR I 171 62.28 20.47 10.70
CA THR I 171 61.53 21.60 10.18
C THR I 171 60.05 21.34 10.45
N PHE I 172 59.44 22.20 11.24
CA PHE I 172 58.08 21.97 11.70
C PHE I 172 57.06 22.38 10.66
N PRO I 173 55.85 21.81 10.71
CA PRO I 173 54.77 22.29 9.86
C PRO I 173 54.49 23.76 10.12
N ALA I 174 54.10 24.47 9.07
CA ALA I 174 53.80 25.89 9.18
C ALA I 174 52.44 26.09 9.85
N VAL I 175 52.34 27.17 10.62
CA VAL I 175 51.10 27.56 11.26
C VAL I 175 50.58 28.82 10.58
N LEU I 176 49.26 28.93 10.49
CA LEU I 176 48.60 30.09 9.90
C LEU I 176 48.20 31.04 11.04
N GLN I 177 48.95 32.13 11.17
CA GLN I 177 48.66 33.10 12.21
C GLN I 177 47.37 33.85 11.90
N SER I 178 46.82 34.50 12.92
CA SER I 178 45.59 35.28 12.75
C SER I 178 45.77 36.42 11.77
N SER I 179 47.01 36.81 11.47
CA SER I 179 47.28 37.85 10.49
C SER I 179 47.07 37.38 9.05
N GLY I 180 46.73 36.11 8.85
CA GLY I 180 46.64 35.56 7.51
C GLY I 180 47.97 35.14 6.91
N LEU I 181 49.07 35.33 7.63
CA LEU I 181 50.40 34.93 7.17
C LEU I 181 50.86 33.68 7.91
N TYR I 182 51.75 32.93 7.28
CA TYR I 182 52.24 31.69 7.85
C TYR I 182 53.50 31.94 8.68
N SER I 183 53.78 30.99 9.58
CA SER I 183 54.96 31.04 10.42
C SER I 183 55.46 29.63 10.65
N LEU I 184 56.77 29.51 10.87
CA LEU I 184 57.43 28.20 10.87
C LEU I 184 58.78 28.36 11.54
N SER I 185 59.26 27.27 12.15
CA SER I 185 60.57 27.23 12.78
C SER I 185 61.29 25.95 12.39
N SER I 186 62.60 26.04 12.20
CA SER I 186 63.42 24.89 11.84
C SER I 186 64.56 24.78 12.84
N VAL I 187 64.67 23.64 13.52
CA VAL I 187 65.65 23.48 14.58
C VAL I 187 66.62 22.36 14.21
N VAL I 188 67.75 22.34 14.91
CA VAL I 188 68.78 21.32 14.73
C VAL I 188 69.56 21.18 16.04
N THR I 189 69.75 19.94 16.47
CA THR I 189 70.55 19.65 17.65
C THR I 189 71.98 19.32 17.22
N VAL I 190 72.95 19.95 17.89
CA VAL I 190 74.36 19.81 17.55
C VAL I 190 75.17 19.60 18.82
N PRO I 191 76.35 19.01 18.71
CA PRO I 191 77.23 18.90 19.88
C PRO I 191 77.68 20.28 20.34
N SER I 192 77.60 20.52 21.66
CA SER I 192 78.07 21.78 22.20
C SER I 192 79.53 22.04 21.86
N SER I 193 80.32 20.98 21.71
CA SER I 193 81.70 21.09 21.29
C SER I 193 81.80 21.42 19.80
N SER I 194 81.16 22.52 19.39
CA SER I 194 81.08 22.88 17.98
C SER I 194 80.46 24.26 17.81
N LEU I 195 79.92 24.82 18.90
CA LEU I 195 79.21 26.09 18.82
C LEU I 195 80.13 27.23 18.39
N GLY I 196 81.18 27.48 19.17
CA GLY I 196 82.14 28.51 18.81
C GLY I 196 83.18 27.98 17.84
N THR I 197 82.73 27.36 16.75
CA THR I 197 83.62 26.68 15.82
C THR I 197 82.94 26.45 14.48
N GLN I 198 81.98 25.54 14.43
CA GLN I 198 81.34 25.19 13.17
C GLN I 198 80.32 26.26 12.78
N THR I 199 80.22 26.50 11.47
CA THR I 199 79.34 27.52 10.94
C THR I 199 77.98 26.91 10.62
N TYR I 200 76.92 27.51 11.18
CA TYR I 200 75.55 27.04 10.99
C TYR I 200 74.76 28.14 10.31
N ILE I 201 74.41 27.92 9.04
CA ILE I 201 73.64 28.86 8.24
C ILE I 201 72.37 28.17 7.78
N CYS I 202 71.22 28.80 7.99
CA CYS I 202 69.95 28.25 7.54
C CYS I 202 69.56 28.90 6.22
N ASN I 203 69.16 28.06 5.26
CA ASN I 203 68.80 28.50 3.91
C ASN I 203 67.29 28.41 3.77
N VAL I 204 66.66 29.58 3.60
CA VAL I 204 65.21 29.69 3.46
C VAL I 204 64.90 30.18 2.05
N ASN I 205 64.17 29.37 1.30
CA ASN I 205 63.78 29.70 -0.07
C ASN I 205 62.27 29.79 -0.13
N HIS I 206 61.76 30.89 -0.70
CA HIS I 206 60.34 31.14 -0.87
C HIS I 206 60.10 31.49 -2.33
N LYS I 207 59.91 30.46 -3.15
CA LYS I 207 59.70 30.67 -4.58
C LYS I 207 58.48 31.53 -4.91
N PRO I 208 57.35 31.44 -4.22
CA PRO I 208 56.21 32.31 -4.57
C PRO I 208 56.52 33.80 -4.54
N SER I 209 57.56 34.23 -3.82
CA SER I 209 57.90 35.64 -3.74
C SER I 209 59.33 35.94 -4.17
N ASN I 210 60.09 34.93 -4.61
CA ASN I 210 61.50 35.07 -4.96
C ASN I 210 62.29 35.70 -3.81
N THR I 211 62.40 34.91 -2.74
CA THR I 211 63.09 35.33 -1.52
C THR I 211 64.03 34.21 -1.08
N LYS I 212 65.33 34.48 -1.13
CA LYS I 212 66.34 33.59 -0.61
C LYS I 212 67.05 34.27 0.55
N VAL I 213 67.03 33.65 1.72
CA VAL I 213 67.66 34.20 2.91
C VAL I 213 68.56 33.13 3.52
N ASP I 214 69.85 33.41 3.60
CA ASP I 214 70.83 32.53 4.22
C ASP I 214 71.29 33.20 5.51
N LYS I 215 70.66 32.84 6.63
CA LYS I 215 70.86 33.53 7.90
C LYS I 215 71.82 32.76 8.80
N LYS I 216 72.66 33.49 9.53
CA LYS I 216 73.68 32.91 10.38
C LYS I 216 73.22 32.86 11.83
N VAL I 217 73.54 31.77 12.52
CA VAL I 217 73.19 31.58 13.92
C VAL I 217 74.48 31.46 14.72
N GLU I 218 74.72 32.43 15.60
CA GLU I 218 75.91 32.48 16.43
C GLU I 218 75.52 32.62 17.89
N PRO I 219 76.34 32.11 18.82
CA PRO I 219 76.08 32.25 20.26
C PRO I 219 76.18 33.71 20.72
N ASP J 1 21.81 14.65 10.32
CA ASP J 1 22.89 13.83 9.77
C ASP J 1 23.06 12.54 10.57
N ILE J 2 23.64 11.54 9.92
CA ILE J 2 24.01 10.30 10.59
C ILE J 2 25.43 10.47 11.13
N GLN J 3 25.56 10.60 12.44
CA GLN J 3 26.86 10.81 13.06
C GLN J 3 27.66 9.52 13.12
N MET J 4 28.91 9.58 12.67
CA MET J 4 29.83 8.45 12.72
C MET J 4 30.94 8.77 13.72
N THR J 5 31.18 7.85 14.65
CA THR J 5 32.12 8.05 15.75
C THR J 5 33.13 6.92 15.76
N GLN J 6 34.39 7.25 15.52
CA GLN J 6 35.47 6.27 15.55
C GLN J 6 36.20 6.29 16.88
N SER J 7 36.71 5.12 17.28
CA SER J 7 37.53 5.00 18.47
C SER J 7 38.43 3.80 18.30
N PRO J 8 39.70 3.87 18.75
CA PRO J 8 40.28 5.04 19.43
C PRO J 8 40.63 6.16 18.47
N SER J 9 40.90 7.36 19.00
CA SER J 9 41.35 8.46 18.15
C SER J 9 42.72 8.18 17.57
N SER J 10 43.66 7.80 18.43
CA SER J 10 44.99 7.38 18.01
C SER J 10 45.29 6.03 18.63
N LEU J 11 46.31 5.35 18.10
CA LEU J 11 46.55 3.97 18.45
C LEU J 11 48.01 3.62 18.18
N SER J 12 48.71 3.14 19.19
CA SER J 12 50.09 2.70 19.06
C SER J 12 50.13 1.19 18.89
N ALA J 13 50.87 0.73 17.88
CA ALA J 13 50.99 -0.68 17.61
C ALA J 13 52.34 -0.94 16.96
N SER J 14 52.71 -2.21 16.90
CA SER J 14 53.97 -2.62 16.29
C SER J 14 53.68 -3.68 15.24
N VAL J 15 54.69 -3.92 14.38
CA VAL J 15 54.52 -4.82 13.25
C VAL J 15 54.16 -6.22 13.76
N GLY J 16 53.08 -6.78 13.23
CA GLY J 16 52.62 -8.09 13.60
C GLY J 16 51.45 -8.12 14.56
N ASP J 17 51.10 -6.99 15.17
CA ASP J 17 50.00 -6.95 16.10
C ASP J 17 48.66 -7.06 15.38
N ARG J 18 47.62 -7.41 16.14
CA ARG J 18 46.25 -7.45 15.63
C ARG J 18 45.57 -6.16 16.04
N VAL J 19 45.24 -5.32 15.06
CA VAL J 19 44.71 -3.98 15.30
C VAL J 19 43.20 -3.99 15.04
N THR J 20 42.44 -3.41 15.96
CA THR J 20 40.98 -3.38 15.88
C THR J 20 40.50 -1.95 16.09
N ILE J 21 39.86 -1.39 15.06
CA ILE J 21 39.31 -0.03 15.10
C ILE J 21 37.79 -0.14 15.10
N THR J 22 37.14 0.72 15.87
CA THR J 22 35.70 0.69 16.06
C THR J 22 35.04 1.92 15.45
N CYS J 23 33.93 1.69 14.74
CA CYS J 23 33.12 2.74 14.16
C CYS J 23 31.67 2.55 14.60
N ARG J 24 31.08 3.59 15.16
CA ARG J 24 29.69 3.58 15.61
C ARG J 24 28.88 4.57 14.80
N ALA J 25 27.60 4.26 14.61
CA ALA J 25 26.70 5.11 13.85
C ALA J 25 25.50 5.50 14.69
N SER J 26 25.07 6.75 14.56
CA SER J 26 23.93 7.27 15.33
C SER J 26 22.60 6.71 14.85
N GLN J 27 22.61 5.90 13.80
CA GLN J 27 21.41 5.37 13.18
C GLN J 27 21.74 4.00 12.61
N ASP J 28 20.76 3.10 12.62
CA ASP J 28 20.95 1.79 12.00
C ASP J 28 21.21 1.96 10.52
N ILE J 29 22.41 1.61 10.07
CA ILE J 29 22.80 1.74 8.67
C ILE J 29 22.98 0.37 8.03
N ALA J 30 22.45 -0.68 8.66
CA ALA J 30 22.42 -2.05 8.13
C ALA J 30 23.85 -2.48 7.83
N ASP J 31 24.23 -2.73 6.58
CA ASP J 31 25.59 -3.10 6.23
C ASP J 31 26.24 -2.11 5.28
N TYR J 32 25.71 -0.89 5.18
CA TYR J 32 26.24 0.11 4.27
C TYR J 32 27.28 0.95 5.01
N LEU J 33 28.46 0.36 5.19
CA LEU J 33 29.55 0.97 5.94
C LEU J 33 30.85 0.67 5.21
N ASN J 34 31.69 1.68 5.05
CA ASN J 34 32.92 1.56 4.28
C ASN J 34 34.12 2.01 5.11
N TRP J 35 35.28 1.45 4.79
CA TRP J 35 36.54 1.73 5.46
C TRP J 35 37.58 2.15 4.43
N TYR J 36 38.25 3.28 4.71
CA TYR J 36 39.29 3.84 3.87
C TYR J 36 40.59 4.00 4.65
N GLN J 37 41.71 3.84 3.95
CA GLN J 37 43.03 4.17 4.46
C GLN J 37 43.54 5.43 3.79
N GLN J 38 44.22 6.27 4.54
CA GLN J 38 44.86 7.46 3.98
C GLN J 38 46.17 7.72 4.72
N LYS J 39 47.25 7.82 3.96
CA LYS J 39 48.59 8.22 4.37
C LYS J 39 48.82 9.68 4.00
N PRO J 40 49.63 10.39 4.79
CA PRO J 40 49.73 11.85 4.62
C PRO J 40 50.09 12.26 3.20
N GLY J 41 49.35 13.22 2.68
CA GLY J 41 49.65 13.77 1.37
C GLY J 41 49.13 12.97 0.20
N LYS J 42 48.22 12.02 0.44
CA LYS J 42 47.71 11.18 -0.63
C LYS J 42 46.20 11.05 -0.50
N ALA J 43 45.56 10.66 -1.60
CA ALA J 43 44.12 10.45 -1.59
C ALA J 43 43.76 9.20 -0.80
N PRO J 44 42.57 9.18 -0.20
CA PRO J 44 42.11 7.97 0.49
C PRO J 44 42.01 6.79 -0.47
N LYS J 45 41.93 5.60 0.11
CA LYS J 45 41.88 4.35 -0.65
C LYS J 45 40.84 3.44 -0.02
N LEU J 46 39.92 2.95 -0.84
CA LEU J 46 38.86 2.09 -0.32
C LEU J 46 39.46 0.77 0.14
N LEU J 47 39.27 0.45 1.41
CA LEU J 47 39.67 -0.84 1.97
C LEU J 47 38.51 -1.82 2.00
N ILE J 48 37.37 -1.41 2.54
CA ILE J 48 36.26 -2.33 2.74
C ILE J 48 34.95 -1.62 2.37
N TYR J 49 34.09 -2.30 1.62
CA TYR J 49 32.78 -1.78 1.30
C TYR J 49 31.72 -2.76 1.78
N TYR J 50 30.57 -2.21 2.15
CA TYR J 50 29.43 -3.00 2.62
C TYR J 50 29.82 -3.84 3.84
N ALA J 51 30.55 -3.21 4.76
CA ALA J 51 30.90 -3.72 6.09
C ALA J 51 31.94 -4.83 6.08
N SER J 52 31.88 -5.74 5.10
CA SER J 52 32.75 -6.91 5.15
C SER J 52 33.38 -7.32 3.83
N ASN J 53 33.10 -6.62 2.72
CA ASN J 53 33.64 -7.01 1.43
C ASN J 53 34.99 -6.33 1.20
N LEU J 54 36.00 -7.14 0.89
CA LEU J 54 37.34 -6.64 0.65
C LEU J 54 37.47 -6.12 -0.78
N GLN J 55 37.98 -4.90 -0.92
CA GLN J 55 38.13 -4.32 -2.24
C GLN J 55 39.22 -5.03 -3.03
N SER J 56 39.05 -5.06 -4.35
CA SER J 56 40.02 -5.70 -5.23
C SER J 56 41.38 -5.04 -5.11
N GLY J 57 42.40 -5.84 -4.79
CA GLY J 57 43.76 -5.36 -4.67
C GLY J 57 44.20 -5.01 -3.26
N VAL J 58 43.37 -5.25 -2.26
CA VAL J 58 43.70 -4.92 -0.87
C VAL J 58 44.16 -6.19 -0.17
N PRO J 59 45.23 -6.15 0.63
CA PRO J 59 45.68 -7.37 1.33
C PRO J 59 44.59 -7.97 2.20
N SER J 60 44.65 -9.29 2.35
CA SER J 60 43.64 -10.04 3.09
C SER J 60 43.78 -9.88 4.60
N ARG J 61 44.87 -9.29 5.09
CA ARG J 61 44.96 -8.98 6.50
C ARG J 61 43.91 -7.96 6.93
N PHE J 62 43.38 -7.18 5.98
CA PHE J 62 42.28 -6.27 6.27
C PHE J 62 40.96 -7.01 6.18
N SER J 63 40.16 -6.94 7.25
CA SER J 63 38.82 -7.50 7.25
C SER J 63 37.92 -6.59 8.05
N GLY J 64 36.62 -6.73 7.85
CA GLY J 64 35.65 -5.89 8.52
C GLY J 64 34.42 -6.67 8.90
N SER J 65 33.81 -6.28 10.02
CA SER J 65 32.61 -6.94 10.49
C SER J 65 31.71 -5.92 11.16
N GLY J 66 30.51 -6.35 11.52
CA GLY J 66 29.55 -5.51 12.21
C GLY J 66 28.31 -5.27 11.37
N SER J 67 27.34 -4.63 12.02
CA SER J 67 26.06 -4.30 11.39
C SER J 67 25.35 -3.28 12.27
N GLY J 68 24.22 -2.79 11.76
CA GLY J 68 23.38 -1.87 12.50
C GLY J 68 24.08 -0.58 12.87
N THR J 69 24.53 -0.50 14.11
CA THR J 69 25.22 0.69 14.60
C THR J 69 26.65 0.41 15.04
N ASP J 70 27.11 -0.83 14.97
CA ASP J 70 28.43 -1.19 15.49
C ASP J 70 29.24 -1.88 14.41
N PHE J 71 30.43 -1.35 14.14
CA PHE J 71 31.27 -1.85 13.07
C PHE J 71 32.72 -1.88 13.52
N THR J 72 33.49 -2.77 12.91
CA THR J 72 34.86 -3.05 13.32
C THR J 72 35.73 -3.32 12.11
N LEU J 73 36.90 -2.70 12.09
CA LEU J 73 37.95 -2.98 11.12
C LEU J 73 39.09 -3.69 11.83
N THR J 74 39.59 -4.78 11.23
CA THR J 74 40.62 -5.60 11.83
C THR J 74 41.76 -5.77 10.85
N ILE J 75 42.99 -5.51 11.32
CA ILE J 75 44.21 -5.83 10.60
C ILE J 75 44.89 -6.97 11.37
N SER J 76 44.96 -8.14 10.76
CA SER J 76 45.37 -9.34 11.48
C SER J 76 46.85 -9.29 11.86
N SER J 77 47.72 -8.99 10.89
CA SER J 77 49.15 -8.86 11.14
C SER J 77 49.57 -7.51 10.57
N LEU J 78 49.74 -6.52 11.45
CA LEU J 78 50.06 -5.17 11.00
C LEU J 78 51.43 -5.14 10.34
N GLN J 79 51.46 -4.62 9.12
CA GLN J 79 52.66 -4.49 8.33
C GLN J 79 53.19 -3.06 8.37
N PRO J 80 54.47 -2.85 8.06
CA PRO J 80 55.01 -1.48 8.14
C PRO J 80 54.30 -0.47 7.24
N GLU J 81 53.74 -0.91 6.13
CA GLU J 81 53.00 -0.02 5.25
C GLU J 81 51.58 0.26 5.72
N ASP J 82 51.22 -0.19 6.92
CA ASP J 82 49.86 -0.02 7.43
C ASP J 82 49.73 1.12 8.44
N PHE J 83 50.84 1.71 8.88
CA PHE J 83 50.77 2.86 9.77
C PHE J 83 50.21 4.05 9.00
N ALA J 84 49.03 4.53 9.42
CA ALA J 84 48.27 5.45 8.60
C ALA J 84 46.99 5.87 9.31
N THR J 85 46.17 6.71 8.69
CA THR J 85 44.89 7.09 9.28
C THR J 85 43.77 6.32 8.59
N TYR J 86 42.79 5.90 9.37
CA TYR J 86 41.69 5.08 8.86
C TYR J 86 40.37 5.75 9.13
N TYR J 87 39.49 5.74 8.14
CA TYR J 87 38.19 6.41 8.21
C TYR J 87 37.08 5.41 7.93
N CYS J 88 35.96 5.56 8.62
CA CYS J 88 34.74 4.88 8.25
C CYS J 88 33.76 5.88 7.66
N GLN J 89 32.81 5.36 6.88
CA GLN J 89 31.86 6.22 6.17
C GLN J 89 30.60 5.43 5.89
N GLN J 90 29.46 5.91 6.39
CA GLN J 90 28.20 5.24 6.12
C GLN J 90 27.76 5.50 4.68
N GLY J 91 27.19 4.48 4.06
CA GLY J 91 26.71 4.60 2.69
C GLY J 91 25.21 4.41 2.59
N LEU J 92 24.52 4.48 3.73
CA LEU J 92 23.07 4.36 3.73
C LEU J 92 22.42 5.42 2.85
N GLY J 93 22.85 6.67 2.99
CA GLY J 93 22.28 7.71 2.16
C GLY J 93 22.90 9.07 2.46
N MET J 94 22.21 10.11 1.95
CA MET J 94 22.67 11.50 1.92
C MET J 94 22.15 12.26 3.14
N PRO J 95 22.98 13.10 3.77
CA PRO J 95 24.37 13.37 3.36
C PRO J 95 25.37 12.31 3.77
N ILE J 96 26.39 12.10 2.93
CA ILE J 96 27.48 11.21 3.27
C ILE J 96 28.24 11.76 4.47
N THR J 97 28.46 10.92 5.48
CA THR J 97 29.18 11.32 6.68
C THR J 97 30.31 10.35 6.96
N PHE J 98 31.44 10.88 7.42
CA PHE J 98 32.62 10.12 7.79
C PHE J 98 32.80 10.13 9.30
N GLY J 99 33.62 9.19 9.78
CA GLY J 99 34.15 9.28 11.12
C GLY J 99 35.28 10.30 11.19
N GLN J 100 35.71 10.59 12.41
CA GLN J 100 36.79 11.57 12.58
C GLN J 100 38.16 10.97 12.28
N GLY J 101 38.25 9.65 12.09
CA GLY J 101 39.51 9.02 11.74
C GLY J 101 40.21 8.43 12.96
N THR J 102 41.09 7.47 12.67
CA THR J 102 41.87 6.78 13.70
C THR J 102 43.28 6.61 13.19
N LYS J 103 44.25 7.23 13.85
CA LYS J 103 45.64 7.17 13.44
C LYS J 103 46.31 5.96 14.07
N VAL J 104 46.92 5.13 13.23
CA VAL J 104 47.71 3.98 13.65
C VAL J 104 49.18 4.35 13.49
N GLU J 105 49.83 4.54 14.63
CA GLU J 105 51.21 4.98 14.76
C GLU J 105 52.11 3.83 15.19
N ILE J 106 53.42 4.08 15.17
CA ILE J 106 54.42 3.08 15.52
C ILE J 106 54.70 3.18 17.01
N LYS J 107 54.69 2.03 17.68
CA LYS J 107 54.97 1.97 19.11
C LYS J 107 56.47 1.82 19.35
N ARG J 108 56.97 2.60 20.31
CA ARG J 108 58.37 2.53 20.71
C ARG J 108 58.43 2.69 22.23
N THR J 109 59.63 2.78 22.77
CA THR J 109 59.83 2.98 24.20
C THR J 109 59.76 4.46 24.55
N VAL J 110 59.39 4.72 25.81
CA VAL J 110 59.25 6.10 26.29
C VAL J 110 60.57 6.84 26.11
N ALA J 111 60.46 8.10 25.68
CA ALA J 111 61.64 8.95 25.50
C ALA J 111 61.28 10.34 25.99
N ALA J 112 61.98 10.79 27.04
CA ALA J 112 61.75 12.13 27.56
C ALA J 112 62.18 13.17 26.53
N PRO J 113 61.53 14.33 26.50
CA PRO J 113 61.90 15.36 25.52
C PRO J 113 63.14 16.13 25.95
N SER J 114 63.93 16.51 24.95
CA SER J 114 65.00 17.48 25.14
C SER J 114 64.39 18.87 25.02
N VAL J 115 64.32 19.59 26.13
CA VAL J 115 63.59 20.85 26.21
C VAL J 115 64.56 22.01 26.09
N PHE J 116 64.31 22.90 25.14
CA PHE J 116 65.10 24.10 24.94
C PHE J 116 64.17 25.32 24.89
N ILE J 117 64.72 26.49 25.21
CA ILE J 117 64.00 27.74 25.11
C ILE J 117 64.87 28.74 24.36
N PHE J 118 64.26 29.50 23.46
CA PHE J 118 64.97 30.49 22.64
C PHE J 118 64.33 31.86 22.82
N PRO J 119 65.09 32.88 23.20
CA PRO J 119 64.52 34.21 23.38
C PRO J 119 64.36 34.92 22.05
N PRO J 120 63.58 36.01 22.00
CA PRO J 120 63.46 36.78 20.77
C PRO J 120 64.81 37.36 20.35
N SER J 121 65.01 37.44 19.04
CA SER J 121 66.23 38.07 18.51
C SER J 121 66.09 39.58 18.56
N ASP J 122 67.24 40.26 18.46
CA ASP J 122 67.24 41.72 18.50
C ASP J 122 66.56 42.30 17.27
N GLU J 123 66.90 41.79 16.09
CA GLU J 123 66.33 42.32 14.85
C GLU J 123 64.82 42.12 14.80
N GLN J 124 64.30 41.06 15.42
CA GLN J 124 62.85 40.90 15.49
C GLN J 124 62.24 41.87 16.48
N LEU J 125 62.94 42.15 17.58
CA LEU J 125 62.45 43.14 18.54
C LEU J 125 62.33 44.52 17.89
N LYS J 126 63.32 44.89 17.08
CA LYS J 126 63.26 46.17 16.39
C LYS J 126 62.02 46.29 15.50
N SER J 127 61.50 45.15 15.03
CA SER J 127 60.33 45.16 14.16
C SER J 127 59.02 45.34 14.92
N GLY J 128 59.03 45.20 16.24
CA GLY J 128 57.85 45.46 17.05
C GLY J 128 57.10 44.24 17.55
N THR J 129 57.58 43.03 17.25
CA THR J 129 56.97 41.81 17.74
C THR J 129 58.04 40.89 18.31
N ALA J 130 57.68 40.16 19.35
CA ALA J 130 58.59 39.27 20.05
C ALA J 130 58.05 37.85 19.99
N SER J 131 58.88 36.90 19.56
CA SER J 131 58.52 35.49 19.48
C SER J 131 59.46 34.70 20.40
N VAL J 132 58.90 34.15 21.46
CA VAL J 132 59.61 33.23 22.35
C VAL J 132 59.28 31.82 21.92
N VAL J 133 60.31 31.00 21.72
CA VAL J 133 60.16 29.65 21.18
C VAL J 133 60.61 28.65 22.24
N CYS J 134 59.88 27.54 22.34
CA CYS J 134 60.23 26.43 23.20
C CYS J 134 60.20 25.14 22.38
N LEU J 135 61.29 24.38 22.42
CA LEU J 135 61.46 23.19 21.61
C LEU J 135 61.46 21.95 22.50
N LEU J 136 60.69 20.94 22.08
CA LEU J 136 60.70 19.61 22.70
C LEU J 136 61.20 18.63 21.64
N ASN J 137 62.40 18.11 21.82
CA ASN J 137 63.10 17.38 20.77
C ASN J 137 63.04 15.88 21.02
N ASN J 138 62.64 15.13 19.99
CA ASN J 138 62.64 13.67 19.95
C ASN J 138 62.10 13.05 21.23
N PHE J 139 60.78 13.06 21.40
CA PHE J 139 60.15 12.48 22.58
C PHE J 139 59.09 11.47 22.14
N TYR J 140 58.63 10.67 23.12
CA TYR J 140 57.58 9.69 22.91
C TYR J 140 57.04 9.26 24.26
N PRO J 141 55.71 9.12 24.43
CA PRO J 141 54.66 9.29 23.41
C PRO J 141 54.39 10.74 23.04
N ARG J 142 53.44 10.96 22.13
CA ARG J 142 53.19 12.29 21.59
C ARG J 142 52.57 13.23 22.63
N GLU J 143 51.89 12.69 23.64
CA GLU J 143 51.20 13.51 24.62
C GLU J 143 52.22 14.27 25.47
N ALA J 144 52.14 15.60 25.45
CA ALA J 144 53.00 16.45 26.24
C ALA J 144 52.27 17.76 26.54
N LYS J 145 52.58 18.35 27.69
CA LYS J 145 51.98 19.61 28.11
C LYS J 145 53.07 20.67 28.19
N VAL J 146 52.90 21.75 27.44
CA VAL J 146 53.80 22.90 27.47
C VAL J 146 53.02 24.09 28.01
N GLN J 147 53.58 24.74 29.04
CA GLN J 147 52.94 25.87 29.68
C GLN J 147 53.92 27.04 29.74
N TRP J 148 53.45 28.21 29.32
CA TRP J 148 54.28 29.42 29.28
C TRP J 148 54.03 30.26 30.53
N LYS J 149 55.07 30.45 31.32
CA LYS J 149 55.00 31.28 32.51
C LYS J 149 55.86 32.53 32.32
N VAL J 150 55.31 33.67 32.74
CA VAL J 150 55.98 34.96 32.68
C VAL J 150 55.83 35.62 34.05
N ASP J 151 56.94 35.72 34.78
CA ASP J 151 56.93 36.24 36.16
C ASP J 151 55.93 35.46 37.01
N ASN J 152 55.91 34.14 36.83
CA ASN J 152 54.92 33.25 37.45
C ASN J 152 53.50 33.74 37.13
N ALA J 153 53.16 33.62 35.84
CA ALA J 153 51.83 33.96 35.36
C ALA J 153 51.61 33.20 34.06
N LEU J 154 50.68 32.25 34.08
CA LEU J 154 50.49 31.38 32.92
C LEU J 154 49.86 32.15 31.77
N GLN J 155 50.34 31.86 30.56
CA GLN J 155 49.83 32.49 29.35
C GLN J 155 48.75 31.61 28.72
N SER J 156 47.72 32.25 28.17
CA SER J 156 46.63 31.53 27.53
C SER J 156 46.05 32.40 26.42
N GLY J 157 45.88 31.81 25.25
CA GLY J 157 45.37 32.52 24.10
C GLY J 157 46.41 33.25 23.27
N ASN J 158 47.69 32.96 23.47
CA ASN J 158 48.75 33.69 22.78
C ASN J 158 49.91 32.79 22.36
N SER J 159 49.69 31.48 22.25
CA SER J 159 50.74 30.56 21.85
C SER J 159 50.18 29.52 20.90
N GLN J 160 50.97 29.17 19.88
CA GLN J 160 50.66 28.12 18.93
C GLN J 160 51.81 27.12 18.90
N GLU J 161 51.48 25.84 18.90
CA GLU J 161 52.50 24.81 18.81
C GLU J 161 52.32 23.98 17.55
N SER J 162 53.41 23.35 17.13
CA SER J 162 53.48 22.57 15.90
C SER J 162 54.25 21.29 16.18
N VAL J 163 53.78 20.19 15.62
CA VAL J 163 54.32 18.87 15.88
C VAL J 163 54.77 18.24 14.57
N THR J 164 55.88 17.52 14.61
CA THR J 164 56.34 16.74 13.47
C THR J 164 55.72 15.35 13.49
N GLU J 165 55.76 14.69 12.34
CA GLU J 165 55.37 13.28 12.28
C GLU J 165 56.43 12.43 12.96
N GLN J 166 56.10 11.16 13.18
CA GLN J 166 57.07 10.23 13.75
C GLN J 166 58.30 10.13 12.86
N ASP J 167 59.47 10.24 13.47
CA ASP J 167 60.71 10.26 12.71
C ASP J 167 60.92 8.91 12.02
N SER J 168 61.50 8.95 10.82
CA SER J 168 61.68 7.74 10.03
C SER J 168 62.65 6.76 10.68
N LYS J 169 63.52 7.22 11.57
CA LYS J 169 64.52 6.37 12.22
C LYS J 169 64.19 6.06 13.67
N ASP J 170 63.96 7.08 14.48
CA ASP J 170 63.73 6.90 15.91
C ASP J 170 62.27 6.75 16.29
N SER J 171 61.35 7.00 15.35
CA SER J 171 59.91 6.91 15.58
C SER J 171 59.46 7.86 16.69
N THR J 172 60.20 8.95 16.90
CA THR J 172 59.89 9.92 17.93
C THR J 172 59.15 11.11 17.34
N TYR J 173 58.60 11.94 18.22
CA TYR J 173 57.96 13.20 17.86
C TYR J 173 58.81 14.38 18.31
N SER J 174 58.52 15.54 17.74
CA SER J 174 59.13 16.79 18.17
C SER J 174 58.11 17.90 18.07
N LEU J 175 58.12 18.82 19.04
CA LEU J 175 57.12 19.86 19.15
C LEU J 175 57.80 21.22 19.28
N SER J 176 57.09 22.26 18.83
CA SER J 176 57.60 23.63 18.85
C SER J 176 56.48 24.56 19.29
N SER J 177 56.57 25.06 20.52
CA SER J 177 55.56 25.96 21.07
C SER J 177 56.09 27.40 20.98
N THR J 178 55.41 28.23 20.20
CA THR J 178 55.82 29.61 19.97
C THR J 178 54.86 30.56 20.69
N LEU J 179 55.41 31.42 21.53
CA LEU J 179 54.66 32.43 22.25
C LEU J 179 54.91 33.79 21.61
N THR J 180 53.84 34.41 21.11
CA THR J 180 53.93 35.67 20.38
C THR J 180 53.29 36.80 21.19
N LEU J 181 54.04 37.87 21.40
CA LEU J 181 53.53 39.06 22.07
C LEU J 181 54.32 40.27 21.59
N SER J 182 53.68 41.43 21.65
CA SER J 182 54.29 42.66 21.17
C SER J 182 55.48 43.06 22.04
N LYS J 183 56.33 43.92 21.47
CA LYS J 183 57.54 44.33 22.19
C LYS J 183 57.20 45.18 23.42
N ALA J 184 56.14 45.99 23.34
CA ALA J 184 55.71 46.77 24.49
C ALA J 184 55.32 45.84 25.64
N ASP J 185 54.56 44.78 25.34
CA ASP J 185 54.25 43.78 26.35
C ASP J 185 55.46 42.95 26.73
N TYR J 186 56.46 42.85 25.85
CA TYR J 186 57.62 42.01 26.11
C TYR J 186 58.53 42.62 27.15
N GLU J 187 58.82 43.92 27.03
CA GLU J 187 59.75 44.59 27.94
C GLU J 187 59.13 44.89 29.29
N LYS J 188 57.80 44.83 29.42
CA LYS J 188 57.16 45.10 30.71
C LYS J 188 57.47 44.02 31.73
N HIS J 189 57.73 42.80 31.28
CA HIS J 189 57.94 41.66 32.16
C HIS J 189 59.40 41.18 32.06
N LYS J 190 59.83 40.46 33.08
CA LYS J 190 61.26 40.19 33.29
C LYS J 190 61.70 38.81 32.82
N VAL J 191 61.17 37.74 33.42
CA VAL J 191 61.66 36.39 33.20
C VAL J 191 60.60 35.57 32.49
N TYR J 192 61.04 34.71 31.57
CA TYR J 192 60.16 33.89 30.75
C TYR J 192 60.49 32.41 30.98
N ALA J 193 59.46 31.58 31.01
CA ALA J 193 59.63 30.18 31.38
C ALA J 193 58.79 29.27 30.49
N CYS J 194 59.33 28.10 30.18
CA CYS J 194 58.63 27.05 29.44
C CYS J 194 58.66 25.78 30.29
N GLU J 195 57.49 25.38 30.79
CA GLU J 195 57.37 24.22 31.65
C GLU J 195 56.77 23.05 30.86
N VAL J 196 57.44 21.90 30.91
CA VAL J 196 57.08 20.74 30.11
C VAL J 196 56.74 19.58 31.05
N THR J 197 55.52 19.07 30.92
CA THR J 197 55.08 17.88 31.64
C THR J 197 54.98 16.71 30.66
N HIS J 198 55.67 15.62 30.96
CA HIS J 198 55.71 14.48 30.06
C HIS J 198 55.83 13.19 30.88
N GLN J 199 55.52 12.08 30.23
CA GLN J 199 55.59 10.77 30.89
C GLN J 199 57.02 10.40 31.23
N GLY J 200 57.98 10.74 30.38
CA GLY J 200 59.37 10.39 30.58
C GLY J 200 60.13 11.24 31.58
N LEU J 201 59.48 12.21 32.21
CA LEU J 201 60.10 13.10 33.17
C LEU J 201 59.52 12.88 34.55
N SER J 202 60.39 12.83 35.57
CA SER J 202 59.92 12.61 36.94
C SER J 202 59.01 13.74 37.40
N SER J 203 59.37 14.98 37.09
CA SER J 203 58.61 16.16 37.43
C SER J 203 58.73 17.14 36.28
N PRO J 204 57.80 18.09 36.17
CA PRO J 204 57.87 19.06 35.06
C PRO J 204 59.23 19.75 34.96
N VAL J 205 59.79 19.74 33.76
CA VAL J 205 61.07 20.37 33.48
C VAL J 205 60.81 21.79 33.02
N THR J 206 61.41 22.76 33.70
CA THR J 206 61.23 24.17 33.41
C THR J 206 62.51 24.74 32.82
N LYS J 207 62.41 25.31 31.62
CA LYS J 207 63.51 25.99 30.95
C LYS J 207 63.18 27.47 30.88
N SER J 208 64.08 28.31 31.41
CA SER J 208 63.79 29.72 31.58
C SER J 208 64.95 30.57 31.07
N PHE J 209 64.65 31.85 30.87
CA PHE J 209 65.64 32.87 30.60
C PHE J 209 65.11 34.20 31.12
N ASN J 210 66.02 35.06 31.56
CA ASN J 210 65.68 36.41 31.98
C ASN J 210 66.00 37.39 30.86
N ARG J 211 65.06 38.30 30.57
CA ARG J 211 65.17 39.23 29.47
C ARG J 211 66.43 40.09 29.58
N GLY J 212 67.43 39.80 28.75
CA GLY J 212 68.63 40.61 28.71
C GLY J 212 69.90 39.89 29.11
N GLU J 213 69.89 39.22 30.24
CA GLU J 213 71.08 38.56 30.75
C GLU J 213 71.39 37.26 30.01
C1 NAG K . -24.93 -14.57 12.43
C2 NAG K . -25.24 -14.66 13.92
C3 NAG K . -24.60 -15.91 14.51
C4 NAG K . -25.03 -17.15 13.74
C5 NAG K . -24.78 -16.98 12.24
C6 NAG K . -25.37 -18.09 11.42
C7 NAG K . -23.55 -13.04 14.75
C8 NAG K . -23.34 -11.80 15.55
N2 NAG K . -24.82 -13.46 14.65
O3 NAG K . -24.98 -16.04 15.89
O4 NAG K . -24.29 -18.27 14.21
O5 NAG K . -25.38 -15.76 11.77
O6 NAG K . -26.72 -17.81 11.09
O7 NAG K . -22.62 -13.64 14.21
C1 NAG K . -25.17 -19.27 14.78
C2 NAG K . -24.41 -20.60 14.78
C3 NAG K . -25.26 -21.68 15.42
C4 NAG K . -25.74 -21.26 16.81
C5 NAG K . -26.43 -19.90 16.72
C6 NAG K . -26.81 -19.35 18.09
C7 NAG K . -22.77 -20.84 12.97
C8 NAG K . -21.76 -20.27 13.92
N2 NAG K . -24.01 -20.97 13.44
O3 NAG K . -24.51 -22.89 15.51
O4 NAG K . -26.63 -22.22 17.34
O5 NAG K . -25.56 -18.94 16.12
O6 NAG K . -25.68 -18.79 18.75
O7 NAG K . -22.46 -21.16 11.82
C1 FUC K . -27.54 -18.97 11.28
C2 FUC K . -28.63 -18.63 12.32
C3 FUC K . -29.47 -17.46 11.81
C4 FUC K . -30.07 -17.79 10.43
C5 FUC K . -28.98 -18.32 9.47
C6 FUC K . -29.55 -18.93 8.20
O2 FUC K . -28.10 -18.35 13.61
O3 FUC K . -30.55 -17.20 12.70
O4 FUC K . -31.09 -18.77 10.58
O5 FUC K . -28.15 -19.34 10.08
C1 NAG L . 15.59 -21.02 -27.81
C2 NAG L . 16.86 -21.17 -28.61
C3 NAG L . 16.50 -21.52 -30.05
C4 NAG L . 15.71 -22.82 -30.08
C5 NAG L . 14.51 -22.76 -29.12
C6 NAG L . 13.90 -24.12 -28.89
C7 NAG L . 19.05 -20.08 -28.65
C8 NAG L . 19.79 -18.77 -28.61
N2 NAG L . 17.71 -19.99 -28.57
O3 NAG L . 17.71 -21.62 -30.80
O4 NAG L . 15.24 -23.09 -31.40
O5 NAG L . 14.86 -22.24 -27.83
O6 NAG L . 14.87 -25.17 -28.91
O7 NAG L . 19.62 -21.16 -28.75
C1 NAG L . 16.24 -23.77 -32.20
C2 NAG L . 15.58 -24.69 -33.23
C3 NAG L . 16.65 -25.32 -34.13
C4 NAG L . 17.54 -24.24 -34.74
C5 NAG L . 18.12 -23.35 -33.66
C6 NAG L . 18.91 -22.19 -34.19
C7 NAG L . 13.50 -25.57 -32.29
C8 NAG L . 12.84 -26.74 -31.62
N2 NAG L . 14.79 -25.72 -32.58
O3 NAG L . 16.02 -26.07 -35.15
O4 NAG L . 18.60 -24.85 -35.47
O5 NAG L . 17.05 -22.79 -32.87
O6 NAG L . 18.15 -21.00 -34.22
O7 NAG L . 12.88 -24.55 -32.55
C1 FUC L . 15.52 -25.29 -27.62
C2 FUC L . 15.58 -26.79 -27.23
C3 FUC L . 16.57 -27.56 -28.12
C4 FUC L . 17.94 -26.86 -28.15
C5 FUC L . 17.75 -25.41 -28.55
C6 FUC L . 19.04 -24.60 -28.51
O2 FUC L . 14.31 -27.40 -27.23
O3 FUC L . 16.77 -28.87 -27.59
O4 FUC L . 18.56 -26.93 -26.88
O5 FUC L . 16.82 -24.73 -27.68
C1 NAG M . 23.11 -17.00 -14.88
C2 NAG M . 23.10 -16.83 -16.40
C3 NAG M . 22.40 -18.00 -17.08
C4 NAG M . 22.97 -19.34 -16.59
C5 NAG M . 22.95 -19.38 -15.06
C6 NAG M . 23.61 -20.62 -14.49
C7 NAG M . 22.78 -14.84 -17.82
C8 NAG M . 21.97 -13.59 -18.04
N2 NAG M . 22.43 -15.58 -16.76
O3 NAG M . 22.60 -17.91 -18.49
O4 NAG M . 22.18 -20.40 -17.11
O5 NAG M . 23.67 -18.26 -14.54
O6 NAG M . 25.03 -20.47 -14.51
O7 NAG M . 23.70 -15.16 -18.56
C1 NAG M . 22.98 -21.37 -17.84
C2 NAG M . 22.16 -22.66 -17.92
C3 NAG M . 22.96 -23.73 -18.66
C4 NAG M . 23.38 -23.21 -20.03
C5 NAG M . 24.12 -21.88 -19.89
C6 NAG M . 24.45 -21.25 -21.23
C7 NAG M . 20.63 -22.80 -16.01
C8 NAG M . 20.40 -23.37 -14.65
N2 NAG M . 21.79 -23.13 -16.59
O3 NAG M . 22.17 -24.90 -18.81
O4 NAG M . 24.23 -24.17 -20.67
O5 NAG M . 23.32 -20.93 -19.17
O6 NAG M . 23.28 -21.05 -22.01
O7 NAG M . 19.80 -22.09 -16.57
C1 FUC M . 25.72 -21.66 -14.12
C2 FUC M . 25.89 -22.56 -15.33
C3 FUC M . 26.58 -21.77 -16.44
C4 FUC M . 27.96 -21.28 -15.94
C5 FUC M . 27.80 -20.55 -14.58
C6 FUC M . 29.13 -20.30 -13.87
O2 FUC M . 24.68 -23.17 -15.79
O3 FUC M . 26.80 -22.59 -17.59
O4 FUC M . 28.84 -22.38 -15.81
O5 FUC M . 26.97 -21.31 -13.63
C1 GOL N . 21.04 -10.16 24.40
O1 GOL N . 19.81 -9.52 24.59
C2 GOL N . 20.80 -11.49 23.70
O2 GOL N . 21.89 -12.35 23.98
C3 GOL N . 20.71 -11.27 22.20
O3 GOL N . 20.38 -12.48 21.56
C1 GOL O . -18.97 -15.73 8.48
O1 GOL O . -19.49 -16.39 7.34
C2 GOL O . -19.93 -14.62 8.90
O2 GOL O . -21.25 -14.97 8.57
C3 GOL O . -19.83 -14.41 10.41
O3 GOL O . -20.81 -13.48 10.81
C1 NAG P . -17.68 -21.98 23.81
C2 NAG P . -18.55 -21.93 25.01
C3 NAG P . -17.82 -22.62 26.13
C4 NAG P . -17.76 -24.11 25.86
C5 NAG P . -17.79 -24.46 24.35
C6 NAG P . -19.14 -24.99 23.92
C7 NAG P . -20.11 -20.08 24.94
C8 NAG P . -20.53 -18.77 25.52
N2 NAG P . -18.98 -20.59 25.42
O3 NAG P . -18.42 -22.33 27.39
O4 NAG P . -16.66 -24.73 26.51
O5 NAG P . -17.45 -23.38 23.43
O6 NAG P . -19.91 -25.49 25.00
O7 NAG P . -20.80 -20.68 24.13
C1 GOL Q . -4.61 -13.26 2.87
O1 GOL Q . -5.15 -12.72 1.68
C2 GOL Q . -5.66 -13.22 3.96
O2 GOL Q . -5.38 -14.22 4.92
C3 GOL Q . -5.63 -11.85 4.65
O3 GOL Q . -6.45 -11.87 5.79
CL CL R . -4.58 0.74 -8.44
CL CL S . -0.38 7.24 2.23
CL CL T . -7.75 15.07 7.16
C1 GOL U . 1.18 -0.28 -1.83
O1 GOL U . 2.43 -0.23 -1.20
C2 GOL U . 0.13 0.40 -0.95
O2 GOL U . -0.76 1.14 -1.75
C3 GOL U . -0.66 -0.67 -0.19
O3 GOL U . -1.96 -0.19 0.07
C1 GOL V . -6.73 -11.02 -9.95
O1 GOL V . -5.80 -11.97 -9.50
C2 GOL V . -6.00 -9.88 -10.66
O2 GOL V . -5.45 -9.00 -9.71
C3 GOL V . -6.99 -9.12 -11.55
O3 GOL V . -6.32 -8.07 -12.21
C1 GOL W . 19.14 -15.47 -12.39
O1 GOL W . 19.35 -15.47 -13.79
C2 GOL W . 18.67 -16.85 -11.95
O2 GOL W . 19.18 -17.13 -10.66
C3 GOL W . 17.14 -16.89 -11.90
O3 GOL W . 16.72 -18.03 -11.19
C1 GOL X . 3.29 -13.20 -5.43
O1 GOL X . 4.20 -13.09 -4.36
C2 GOL X . 4.04 -13.53 -6.71
O2 GOL X . 3.14 -13.53 -7.79
C3 GOL X . 5.13 -12.48 -6.94
O3 GOL X . 5.44 -12.40 -8.31
C1 GOL Y . 15.99 14.29 -3.78
O1 GOL Y . 16.27 13.77 -2.51
C2 GOL Y . 16.89 13.62 -4.81
O2 GOL Y . 16.15 12.65 -5.53
C3 GOL Y . 17.42 14.66 -5.79
O3 GOL Y . 18.27 15.56 -5.12
CL CL Z . 16.45 6.33 -19.06
CL CL AA . 0.24 7.26 -11.48
CL CL BA . 2.38 7.53 -3.62
CL CL CA . 4.62 -13.08 6.67
C1 GOL DA . -33.11 10.94 21.58
O1 GOL DA . -31.97 10.77 22.37
C2 GOL DA . -33.97 9.67 21.61
O2 GOL DA . -35.21 9.93 20.99
C3 GOL DA . -33.24 8.56 20.86
O3 GOL DA . -34.07 7.44 20.74
C1 GOL EA . -19.42 26.71 4.70
O1 GOL EA . -18.51 25.93 3.97
C2 GOL EA . -18.70 27.40 5.86
O2 GOL EA . -19.25 28.67 6.10
C3 GOL EA . -18.88 26.54 7.12
O3 GOL EA . -18.40 27.26 8.23
CL CL FA . -15.06 19.11 7.67
C1 GOL GA . -46.45 4.64 -1.53
O1 GOL GA . -45.42 5.59 -1.68
C2 GOL GA . -47.31 4.69 -2.78
O2 GOL GA . -48.50 3.96 -2.57
C3 GOL GA . -47.64 6.15 -3.10
O3 GOL GA . -48.25 6.22 -4.37
CL CL HA . -43.47 4.21 -19.45
C1 GOL IA . 35.31 7.16 -22.02
O1 GOL IA . 34.19 6.97 -22.85
C2 GOL IA . 36.18 5.92 -22.05
O2 GOL IA . 37.41 6.19 -21.39
C3 GOL IA . 35.46 4.78 -21.34
O3 GOL IA . 36.34 3.69 -21.17
CL CL JA . 24.38 15.17 -17.63
C1 GOL KA . 16.51 1.88 9.12
O1 GOL KA . 17.67 2.69 9.22
C2 GOL KA . 16.76 0.54 9.80
O2 GOL KA . 15.54 -0.16 9.91
C3 GOL KA . 17.74 -0.27 8.95
O3 GOL KA . 17.70 -1.63 9.32
C1 GOL LA . 23.24 -4.75 -0.61
O1 GOL LA . 22.42 -3.80 -1.25
C2 GOL LA . 22.66 -5.13 0.75
O2 GOL LA . 21.29 -5.42 0.59
C3 GOL LA . 23.34 -6.41 1.22
O3 GOL LA . 24.74 -6.23 1.18
C1 GOL MA . 46.24 -0.99 1.48
O1 GOL MA . 46.12 -0.21 0.31
C2 GOL MA . 47.72 -1.09 1.84
O2 GOL MA . 48.28 -2.28 1.33
C3 GOL MA . 47.85 -1.07 3.37
O3 GOL MA . 49.20 -0.81 3.72
#